data_8F74
#
_entry.id   8F74
#
_cell.length_a   1.00
_cell.length_b   1.00
_cell.length_c   1.00
_cell.angle_alpha   90.00
_cell.angle_beta   90.00
_cell.angle_gamma   90.00
#
_symmetry.space_group_name_H-M   'P 1'
#
loop_
_entity.id
_entity.type
_entity.pdbx_description
1 polymer 'Volume-regulated anion channel subunit LRRC8A,Soluble cytochrome b562'
2 polymer 'Volume-regulated anion channel subunit LRRC8C'
3 non-polymer 1,2-dioleoyl-sn-glycero-3-phosphoethanolamine
4 water water
#
loop_
_entity_poly.entity_id
_entity_poly.type
_entity_poly.pdbx_seq_one_letter_code
_entity_poly.pdbx_strand_id
1 'polypeptide(L)'
;MIPVTELRYFADTQPAYRILKPWWDVFTDYISIVMLMIAVFGGTLQVDQDKMICLPCKWVTKDSCNDSFRGWAASSADLE
DNWETLNDNLKVIEKADNAAQVKDALTKMRAAALDAQKATPPKLEDKSPDSPEMKDFRHGFDILVGQIDDALKLANEGKV
KEAQAAAEQLKTTRNAYIQKYLDTGPTGIKYDLDRHQYNYVDAVCYENRLHWFAKYFPYLVLLHTLIFLACSNFWFKFPR
TSSKLEHFVSILLKCFDSPWTTRALSETVVEESDPKPAFSKMNGSMDKKSSTVSEDVEATVPMLQRTKSRIEQGIVDRSE
TGVLDKKEGEQAKALFEKVKKFRTHVEEGDIVYRLYMRQTIIKVIKFALIICYTVYYVHNIKFDVDCTVDIESLTGYRTY
RCAHPLATLFKILASFYISLVIFYGLICMYTLWWMLRRSLKKYSFESIREESSYSDIPDVKNDFAFMLHLIDQYDPLYSK
RFAVFLSEVSENKLRQLNLNNEWTLDKLRQRLTKNAQDKLELHLFMLSGIPDTVFDLVELEVLKLELIPDVTIPPSIAQL
TGLKELWLYHTAAKIEAPALAFLRENLRALHIKFTDIKEIPLWIYSLKTLEELHLTGNLSAENNRYIVIDGLRELKRLKV
LRLKSNLSKLPQVVTDVGVHLQKLSINNEGTKLIVLNSLKKMVNLTELELIRCDLERIPHSIFSLHNLQEIDLKDNNLKT
IEEIISFQHLHRLTCLKLWYNHIAYIPIQIGNLTNLERLYLNRNKIEKIPTQLFYCRKLRYLDLSHNNLTFLPADIGLLQ
NLQNLAVTANRIEALPPELFQCRKLRALHLGNNVLQSLPSRVGELTNLTQIELRGNRLECLPVELGECPLLKRSGLVVEE
DLFSTLPPEVKERLWRADKEQASNSLEVLFQ
;
A,B,C,D,E
2 'polypeptide(L)'
;MIPVTEFRQFSEQQPAFRVLKPWWDVFTDYLSVAMLMIGVFGCTLQVMQDKIICLPKRVQPAQNHSSVPNVSQAVISTTP
LPPPKPSPTNPATVEMKGLKTDLDLQQYSFINQMCYERALHWYAKYFPYLVLIHTLVFMLCSNFWFKFPGSSSKIEHFIS
ILGKCFDSPWTTRALSEVSGEDSEEKDNRKNNMNRSGTIQSGPEGNLVRSQSLKSIPEKFVVDKSAAGALDKKEGEQAKA
LFEKVKKFRLHVEEGDILYAMYVRQTVLKVIKFLIIIAYNSALVSKVQFTVDCNVDIQDMTGYKNFSCNHTMAHLFSKLS
FCYLCFVSIYGLTCLYTLYWLFYRSLREYSFEYVRQETGIDDIPDVKNDFAFMLHMIDQYDPLYSKRFAVFLSEVSENKL
KQLNLNNEWTPDKLRQKLQTNAHNRLELPLIMLSGLPDTVFEITELQSLKLEIIKNVMIPATIAQLDNLQELCLHQCSVK
IHSAALSFLKENLKVLSVKFDDMRELPPWMYGLRNLEELYLVGSLSHDISKNVTLESLRDLKSLKILSIKSNVSKIPQAV
VDVSSHLQKMCVHNDGTKLVMLNNLKKMTNLTELELVHCDLERIPHAVFSLLSLQELDLKENNLKSIEEIVSFQHLRKLT
VLKLWYNSIAYIPEHIKKLTSLERLFFSHNKVEVLPSHLFLCNKIRYLDLSYNDIRFIPPEIGVLQSLQYFSITCNKVES
LPDELYFCKKLKTLKIGKNSLSVLSPKIGNLLFLSYLDIKGNHFEVLPPELGDCRALKRAGLVVEDALFETLPSDVREQM
KADSNSENLYFQG
;
F
#
loop_
_chem_comp.id
_chem_comp.type
_chem_comp.name
_chem_comp.formula
PEE non-polymer 1,2-dioleoyl-sn-glycero-3-phosphoethanolamine 'C41 H78 N O8 P'
#
# COMPACT_ATOMS: atom_id res chain seq x y z
N PRO A 15 10.10 14.41 -6.46
CA PRO A 15 10.20 14.09 -7.89
C PRO A 15 10.90 15.18 -8.70
N ALA A 16 10.14 16.19 -9.12
CA ALA A 16 10.70 17.27 -9.93
C ALA A 16 11.57 18.20 -9.10
N TYR A 17 11.39 18.18 -7.78
CA TYR A 17 12.12 19.08 -6.88
C TYR A 17 13.47 18.54 -6.48
N ARG A 18 13.84 17.34 -6.94
CA ARG A 18 15.09 16.70 -6.54
C ARG A 18 16.30 17.50 -6.99
N ILE A 19 16.10 18.41 -7.94
CA ILE A 19 17.23 19.23 -8.46
C ILE A 19 17.55 20.35 -7.46
N LEU A 20 16.63 20.69 -6.56
CA LEU A 20 16.88 21.69 -5.53
C LEU A 20 17.38 21.10 -4.23
N LYS A 21 17.60 19.80 -4.17
CA LYS A 21 18.13 19.17 -2.96
C LYS A 21 19.57 18.75 -3.19
N PRO A 22 20.55 19.46 -2.64
CA PRO A 22 21.94 19.02 -2.75
C PRO A 22 22.24 17.81 -1.87
N TRP A 23 23.51 17.44 -1.75
CA TRP A 23 23.85 16.26 -0.95
C TRP A 23 23.49 16.45 0.50
N TRP A 24 23.59 17.68 1.03
CA TRP A 24 23.25 17.90 2.42
C TRP A 24 21.76 17.70 2.67
N ASP A 25 20.92 18.18 1.74
CA ASP A 25 19.47 18.03 1.91
C ASP A 25 19.05 16.57 1.81
N VAL A 26 19.65 15.82 0.88
CA VAL A 26 19.34 14.39 0.75
C VAL A 26 19.80 13.65 2.00
N PHE A 27 20.99 14.01 2.51
CA PHE A 27 21.50 13.40 3.73
C PHE A 27 20.58 13.65 4.91
N THR A 28 20.13 14.91 5.07
CA THR A 28 19.23 15.22 6.18
C THR A 28 17.88 14.54 6.02
N ASP A 29 17.40 14.39 4.79
CA ASP A 29 16.15 13.69 4.56
C ASP A 29 16.26 12.23 4.98
N TYR A 30 17.34 11.56 4.57
CA TYR A 30 17.49 10.16 4.93
C TYR A 30 17.76 9.97 6.42
N ILE A 31 18.53 10.87 7.02
CA ILE A 31 18.74 10.82 8.47
C ILE A 31 17.42 11.01 9.19
N SER A 32 16.58 11.94 8.71
CA SER A 32 15.27 12.15 9.33
C SER A 32 14.39 10.92 9.18
N ILE A 33 14.50 10.22 8.05
CA ILE A 33 13.77 8.96 7.89
C ILE A 33 14.21 7.93 8.93
N VAL A 34 15.51 7.82 9.16
CA VAL A 34 16.01 6.85 10.13
C VAL A 34 15.59 7.23 11.54
N MET A 35 15.66 8.52 11.87
CA MET A 35 15.21 8.98 13.19
C MET A 35 13.72 8.77 13.39
N LEU A 36 12.92 8.96 12.33
CA LEU A 36 11.50 8.68 12.41
C LEU A 36 11.24 7.19 12.62
N MET A 37 12.05 6.35 11.98
CA MET A 37 11.95 4.91 12.21
C MET A 37 12.27 4.56 13.66
N ILE A 38 13.28 5.22 14.23
CA ILE A 38 13.62 5.02 15.64
C ILE A 38 12.45 5.44 16.53
N ALA A 39 11.85 6.58 16.22
CA ALA A 39 10.71 7.07 17.01
C ALA A 39 9.54 6.11 16.94
N VAL A 40 9.24 5.59 15.75
CA VAL A 40 8.13 4.65 15.59
C VAL A 40 8.42 3.36 16.36
N PHE A 41 9.65 2.85 16.25
CA PHE A 41 10.01 1.61 16.94
C PHE A 41 9.89 1.77 18.45
N GLY A 42 10.40 2.88 18.98
CA GLY A 42 10.25 3.15 20.40
C GLY A 42 8.80 3.34 20.82
N GLY A 43 8.00 3.94 19.95
CA GLY A 43 6.59 4.13 20.26
C GLY A 43 5.84 2.83 20.39
N THR A 44 6.04 1.91 19.43
CA THR A 44 5.40 0.61 19.55
C THR A 44 5.96 -0.19 20.71
N LEU A 45 7.25 -0.06 21.01
CA LEU A 45 7.82 -0.75 22.17
C LEU A 45 7.18 -0.26 23.47
N GLN A 46 7.00 1.05 23.60
CA GLN A 46 6.35 1.59 24.79
C GLN A 46 4.88 1.19 24.86
N VAL A 47 4.20 1.18 23.71
CA VAL A 47 2.79 0.83 23.70
C VAL A 47 2.60 -0.63 24.08
N ASP A 48 3.51 -1.50 23.65
CA ASP A 48 3.35 -2.93 23.86
C ASP A 48 3.90 -3.40 25.20
N GLN A 49 5.20 -3.21 25.46
CA GLN A 49 5.84 -3.89 26.58
C GLN A 49 6.65 -2.97 27.49
N ASP A 50 6.22 -1.72 27.68
CA ASP A 50 6.88 -0.85 28.65
C ASP A 50 6.22 -1.03 30.00
N LYS A 51 6.82 -1.86 30.85
CA LYS A 51 6.32 -2.07 32.19
C LYS A 51 7.44 -1.82 33.20
N MET A 52 7.21 -2.13 34.47
CA MET A 52 8.21 -1.88 35.50
C MET A 52 7.97 -2.88 36.62
N ILE A 53 8.77 -3.96 36.63
CA ILE A 53 8.59 -5.02 37.61
C ILE A 53 9.13 -4.58 38.96
N CYS A 54 8.25 -4.38 39.92
CA CYS A 54 8.60 -3.82 41.22
C CYS A 54 8.48 -4.88 42.31
N LEU A 55 9.52 -5.01 43.12
CA LEU A 55 9.50 -5.89 44.27
C LEU A 55 9.72 -5.11 45.54
N PRO A 56 8.89 -5.29 46.56
CA PRO A 56 9.07 -4.55 47.81
C PRO A 56 10.32 -4.99 48.55
N CYS A 57 10.85 -4.08 49.37
CA CYS A 57 11.97 -4.36 50.25
C CYS A 57 11.42 -4.78 51.60
N LYS A 58 11.69 -6.04 51.99
CA LYS A 58 11.14 -6.58 53.23
C LYS A 58 11.69 -5.83 54.44
N TRP A 59 13.00 -5.69 54.51
CA TRP A 59 13.66 -5.00 55.61
C TRP A 59 14.05 -3.60 55.15
N VAL A 60 13.46 -2.59 55.79
CA VAL A 60 13.71 -1.20 55.46
C VAL A 60 14.36 -0.51 56.66
N THR A 61 15.21 0.47 56.38
CA THR A 61 15.88 1.25 57.40
C THR A 61 15.86 2.71 56.98
N LYS A 62 14.85 3.44 57.47
CA LYS A 62 14.67 4.87 57.19
C LYS A 62 14.57 5.14 55.68
N ASP A 63 13.50 4.58 55.11
CA ASP A 63 13.18 4.73 53.68
C ASP A 63 14.30 4.22 52.79
N SER A 64 14.92 3.11 53.20
CA SER A 64 15.97 2.49 52.40
C SER A 64 16.00 1.00 52.74
N CYS A 65 16.12 0.16 51.71
CA CYS A 65 16.17 -1.29 51.92
C CYS A 65 17.42 -1.67 52.70
N ASN A 66 17.24 -2.51 53.72
CA ASN A 66 18.35 -2.85 54.61
C ASN A 66 19.36 -3.78 53.93
N ASP A 67 18.88 -4.65 53.04
CA ASP A 67 19.73 -5.64 52.36
C ASP A 67 20.45 -6.53 53.39
N SER A 68 19.70 -7.00 54.38
CA SER A 68 20.25 -7.86 55.42
C SER A 68 19.60 -9.24 55.39
N THR A 184 18.49 -26.46 55.38
CA THR A 184 19.44 -25.36 55.31
C THR A 184 19.41 -24.68 53.94
N GLY A 185 18.62 -25.25 53.03
CA GLY A 185 18.46 -24.69 51.71
C GLY A 185 17.74 -23.36 51.73
N PRO A 186 18.06 -22.49 50.76
CA PRO A 186 17.41 -21.19 50.71
C PRO A 186 15.92 -21.32 50.40
N THR A 187 15.14 -20.40 50.95
CA THR A 187 13.70 -20.37 50.76
C THR A 187 13.29 -18.99 50.25
N GLY A 188 12.34 -18.97 49.32
CA GLY A 188 11.92 -17.73 48.71
C GLY A 188 11.23 -16.82 49.71
N ILE A 189 11.38 -15.51 49.50
CA ILE A 189 10.78 -14.52 50.39
C ILE A 189 9.30 -14.41 50.09
N LYS A 190 8.47 -14.55 51.12
CA LYS A 190 7.03 -14.41 50.97
C LYS A 190 6.63 -12.97 51.22
N TYR A 191 6.03 -12.33 50.21
CA TYR A 191 5.63 -10.93 50.30
C TYR A 191 4.17 -10.74 50.64
N ASP A 192 3.34 -11.77 50.48
CA ASP A 192 1.91 -11.72 50.78
C ASP A 192 1.20 -10.61 49.99
N LEU A 193 1.62 -10.43 48.73
CA LEU A 193 1.00 -9.46 47.84
C LEU A 193 0.32 -10.18 46.69
N ASP A 194 -0.90 -9.75 46.38
CA ASP A 194 -1.64 -10.30 45.26
C ASP A 194 -1.01 -9.83 43.95
N ARG A 195 -1.48 -10.42 42.85
CA ARG A 195 -1.04 -9.95 41.53
C ARG A 195 -1.48 -8.52 41.28
N HIS A 196 -2.68 -8.16 41.75
CA HIS A 196 -3.18 -6.82 41.52
C HIS A 196 -2.47 -5.77 42.38
N GLN A 197 -2.08 -6.14 43.60
CA GLN A 197 -1.26 -5.23 44.39
C GLN A 197 0.08 -5.00 43.72
N TYR A 198 0.66 -6.03 43.13
CA TYR A 198 1.89 -5.88 42.36
C TYR A 198 1.67 -4.96 41.16
N ASN A 199 0.55 -5.12 40.46
CA ASN A 199 0.26 -4.24 39.32
C ASN A 199 0.08 -2.79 39.75
N TYR A 200 -0.59 -2.58 40.89
CA TYR A 200 -0.76 -1.24 41.44
C TYR A 200 0.59 -0.62 41.78
N VAL A 201 1.47 -1.39 42.41
CA VAL A 201 2.80 -0.89 42.76
C VAL A 201 3.58 -0.55 41.49
N ASP A 202 3.48 -1.40 40.47
CA ASP A 202 4.12 -1.13 39.18
C ASP A 202 3.64 0.18 38.60
N ALA A 203 2.32 0.38 38.56
CA ALA A 203 1.77 1.59 37.94
C ALA A 203 2.18 2.83 38.72
N VAL A 204 2.12 2.76 40.05
CA VAL A 204 2.43 3.95 40.87
C VAL A 204 3.91 4.30 40.74
N CYS A 205 4.80 3.31 40.82
CA CYS A 205 6.22 3.62 40.72
C CYS A 205 6.61 4.03 39.31
N TYR A 206 5.97 3.44 38.29
CA TYR A 206 6.20 3.84 36.90
C TYR A 206 5.82 5.31 36.68
N GLU A 207 4.68 5.72 37.25
CA GLU A 207 4.27 7.11 37.09
C GLU A 207 5.14 8.06 37.91
N ASN A 208 5.49 7.67 39.14
CA ASN A 208 6.08 8.64 40.06
C ASN A 208 7.60 8.73 39.96
N ARG A 209 8.30 7.60 39.90
CA ARG A 209 9.74 7.62 40.12
C ARG A 209 10.57 7.42 38.86
N LEU A 210 10.07 6.67 37.88
CA LEU A 210 10.85 6.50 36.66
C LEU A 210 10.90 7.80 35.89
N HIS A 211 12.10 8.15 35.42
CA HIS A 211 12.37 9.48 34.90
C HIS A 211 11.55 9.77 33.65
N TRP A 212 11.22 11.05 33.47
CA TRP A 212 10.36 11.44 32.36
C TRP A 212 11.01 11.18 31.01
N PHE A 213 12.35 11.18 30.95
CA PHE A 213 13.04 10.89 29.70
C PHE A 213 12.76 9.46 29.25
N ALA A 214 12.83 8.51 30.18
CA ALA A 214 12.58 7.12 29.82
C ALA A 214 11.12 6.88 29.45
N LYS A 215 10.22 7.77 29.84
CA LYS A 215 8.80 7.66 29.50
C LYS A 215 8.45 8.34 28.19
N TYR A 216 9.10 9.46 27.86
CA TYR A 216 8.74 10.23 26.68
C TYR A 216 9.87 10.35 25.67
N PHE A 217 10.84 9.45 25.72
CA PHE A 217 11.91 9.47 24.72
C PHE A 217 11.42 9.25 23.29
N PRO A 218 10.62 8.20 22.98
CA PRO A 218 10.17 8.06 21.58
C PRO A 218 9.27 9.19 21.12
N TYR A 219 8.43 9.73 22.01
CA TYR A 219 7.57 10.84 21.62
C TYR A 219 8.37 12.11 21.39
N LEU A 220 9.39 12.35 22.22
CA LEU A 220 10.27 13.50 22.00
C LEU A 220 11.03 13.35 20.69
N VAL A 221 11.50 12.14 20.39
CA VAL A 221 12.20 11.91 19.13
C VAL A 221 11.27 12.15 17.95
N LEU A 222 10.03 11.66 18.04
CA LEU A 222 9.07 11.86 16.96
C LEU A 222 8.76 13.35 16.77
N LEU A 223 8.60 14.08 17.87
CA LEU A 223 8.32 15.51 17.79
C LEU A 223 9.50 16.25 17.16
N HIS A 224 10.72 15.89 17.53
CA HIS A 224 11.90 16.53 16.94
C HIS A 224 12.01 16.21 15.45
N THR A 225 11.72 14.97 15.06
CA THR A 225 11.76 14.62 13.63
C THR A 225 10.68 15.35 12.86
N LEU A 226 9.50 15.52 13.44
CA LEU A 226 8.44 16.27 12.77
C LEU A 226 8.85 17.73 12.59
N ILE A 227 9.48 18.33 13.62
CA ILE A 227 9.95 19.69 13.48
C ILE A 227 11.03 19.80 12.40
N PHE A 228 11.96 18.84 12.39
CA PHE A 228 13.03 18.85 11.39
C PHE A 228 12.48 18.70 9.98
N LEU A 229 11.51 17.79 9.80
CA LEU A 229 10.94 17.57 8.48
C LEU A 229 10.10 18.76 8.03
N ALA A 230 9.41 19.41 8.97
CA ALA A 230 8.69 20.63 8.64
C ALA A 230 9.65 21.74 8.23
N CYS A 231 10.77 21.86 8.94
CA CYS A 231 11.75 22.88 8.61
C CYS A 231 12.38 22.63 7.24
N SER A 232 12.69 21.38 6.93
CA SER A 232 13.32 21.07 5.65
C SER A 232 12.34 21.28 4.49
N ASN A 233 11.07 20.97 4.69
CA ASN A 233 10.07 21.04 3.64
C ASN A 233 9.13 22.23 3.78
N PHE A 234 9.50 23.25 4.55
CA PHE A 234 8.63 24.41 4.72
C PHE A 234 8.52 25.20 3.43
N TRP A 235 9.65 25.47 2.78
CA TRP A 235 9.64 26.32 1.59
C TRP A 235 9.01 25.61 0.39
N PHE A 236 8.88 24.29 0.45
CA PHE A 236 8.19 23.58 -0.62
C PHE A 236 6.68 23.74 -0.51
N LYS A 237 6.16 23.95 0.70
CA LYS A 237 4.73 24.05 0.94
C LYS A 237 4.27 25.49 1.14
N PHE A 238 5.18 26.37 1.57
CA PHE A 238 4.86 27.79 1.69
C PHE A 238 4.64 28.35 0.28
N PRO A 239 3.45 28.89 0.00
CA PRO A 239 3.08 29.12 -1.41
C PRO A 239 3.85 30.25 -2.07
N ARG A 240 4.25 31.27 -1.30
CA ARG A 240 4.98 32.39 -1.88
C ARG A 240 6.32 31.94 -2.46
N THR A 241 6.97 30.96 -1.81
CA THR A 241 8.20 30.41 -2.35
C THR A 241 7.93 29.18 -3.21
N SER A 242 6.82 28.48 -2.96
CA SER A 242 6.49 27.31 -3.76
C SER A 242 6.21 27.68 -5.21
N SER A 243 5.56 28.83 -5.43
CA SER A 243 5.31 29.28 -6.79
C SER A 243 6.62 29.53 -7.55
N LYS A 244 7.55 30.24 -6.90
CA LYS A 244 8.85 30.50 -7.53
C LYS A 244 9.60 29.21 -7.79
N LEU A 245 9.60 28.28 -6.84
CA LEU A 245 10.33 27.03 -7.00
C LEU A 245 9.74 26.19 -8.12
N GLU A 246 8.40 26.10 -8.19
CA GLU A 246 7.76 25.32 -9.24
C GLU A 246 8.01 25.92 -10.61
N HIS A 247 7.89 27.25 -10.73
CA HIS A 247 8.15 27.89 -12.02
C HIS A 247 9.61 27.71 -12.45
N PHE A 248 10.53 27.83 -11.50
CA PHE A 248 11.95 27.64 -11.82
C PHE A 248 12.22 26.21 -12.26
N VAL A 249 11.59 25.23 -11.59
CA VAL A 249 11.74 23.83 -11.98
C VAL A 249 11.23 23.61 -13.40
N SER A 250 10.05 24.15 -13.70
CA SER A 250 9.45 23.96 -15.01
C SER A 250 10.33 24.57 -16.10
N ILE A 251 10.74 25.82 -15.92
CA ILE A 251 11.51 26.47 -16.97
C ILE A 251 12.91 25.87 -17.08
N LEU A 252 13.49 25.38 -15.97
CA LEU A 252 14.82 24.78 -16.04
C LEU A 252 14.79 23.46 -16.80
N LEU A 253 13.84 22.58 -16.49
CA LEU A 253 13.75 21.33 -17.23
C LEU A 253 13.40 21.58 -18.69
N LYS A 254 12.49 22.51 -18.94
CA LYS A 254 12.05 22.76 -20.32
C LYS A 254 13.15 23.44 -21.13
N CYS A 255 14.05 24.16 -20.46
CA CYS A 255 15.23 24.68 -21.14
C CYS A 255 16.30 23.61 -21.31
N PHE A 256 16.37 22.67 -20.37
CA PHE A 256 17.37 21.60 -20.45
C PHE A 256 17.09 20.66 -21.61
N ASP A 257 15.82 20.30 -21.83
CA ASP A 257 15.49 19.40 -22.92
C ASP A 257 15.18 20.14 -24.23
N SER A 258 15.29 21.46 -24.25
CA SER A 258 15.05 22.21 -25.48
C SER A 258 16.20 21.97 -26.46
N PRO A 259 15.91 21.93 -27.77
CA PRO A 259 17.01 21.72 -28.73
C PRO A 259 17.76 22.99 -29.12
N TRP A 260 17.20 24.17 -28.84
CA TRP A 260 17.94 25.40 -29.09
C TRP A 260 19.16 25.52 -28.19
N THR A 261 19.06 24.98 -26.97
CA THR A 261 20.23 24.96 -26.09
C THR A 261 21.35 24.14 -26.71
N THR A 262 21.01 22.97 -27.26
CA THR A 262 22.01 22.12 -27.89
C THR A 262 22.62 22.79 -29.11
N ARG A 263 21.79 23.43 -29.94
CA ARG A 263 22.29 24.13 -31.11
C ARG A 263 23.18 25.31 -30.72
N ALA A 264 22.79 26.05 -29.69
CA ALA A 264 23.54 27.22 -29.26
C ALA A 264 24.88 26.82 -28.64
N LEU A 265 24.89 25.73 -27.87
CA LEU A 265 26.14 25.26 -27.28
C LEU A 265 27.03 24.62 -28.34
N SER A 266 26.43 24.14 -29.43
CA SER A 266 27.24 23.63 -30.54
C SER A 266 28.09 24.73 -31.16
N GLU A 267 27.53 25.92 -31.33
CA GLU A 267 28.25 27.04 -31.93
C GLU A 267 29.32 27.58 -30.99
N GLY A 322 21.56 28.03 -40.09
CA GLY A 322 20.91 27.16 -41.06
C GLY A 322 19.40 27.30 -41.07
N VAL A 323 18.71 26.17 -41.03
CA VAL A 323 17.25 26.13 -41.03
C VAL A 323 16.78 25.23 -39.90
N LEU A 324 15.61 25.56 -39.35
CA LEU A 324 15.04 24.81 -38.24
C LEU A 324 13.52 24.77 -38.36
N ASP A 325 12.91 23.94 -37.52
CA ASP A 325 11.48 23.70 -37.59
C ASP A 325 10.71 24.89 -37.03
N LYS A 326 9.48 25.08 -37.54
CA LYS A 326 8.61 26.13 -37.04
C LYS A 326 8.24 25.92 -35.58
N LYS A 327 7.74 24.72 -35.25
CA LYS A 327 7.13 24.48 -33.94
C LYS A 327 8.14 24.67 -32.83
N GLU A 328 9.33 24.11 -32.98
CA GLU A 328 10.41 24.41 -32.05
C GLU A 328 10.77 25.89 -32.12
N GLY A 329 10.47 26.54 -33.26
CA GLY A 329 10.70 27.96 -33.35
C GLY A 329 9.91 28.77 -32.34
N GLU A 330 8.58 28.62 -32.35
CA GLU A 330 7.83 29.41 -31.36
C GLU A 330 7.96 28.82 -29.96
N GLN A 331 8.31 27.53 -29.84
CA GLN A 331 8.62 27.00 -28.52
C GLN A 331 9.83 27.68 -27.91
N ALA A 332 10.89 27.84 -28.71
CA ALA A 332 12.10 28.51 -28.24
C ALA A 332 11.84 29.98 -27.98
N LYS A 333 11.03 30.63 -28.83
CA LYS A 333 10.71 32.03 -28.59
C LYS A 333 9.89 32.23 -27.32
N ALA A 334 8.91 31.37 -27.07
CA ALA A 334 8.13 31.43 -25.84
C ALA A 334 9.01 31.18 -24.63
N LEU A 335 9.92 30.20 -24.75
CA LEU A 335 10.84 29.91 -23.63
C LEU A 335 11.70 31.16 -23.37
N PHE A 336 12.22 31.79 -24.44
CA PHE A 336 13.07 32.95 -24.29
C PHE A 336 12.35 34.12 -23.62
N GLU A 337 11.11 34.41 -24.01
CA GLU A 337 10.41 35.53 -23.37
C GLU A 337 9.94 35.18 -21.96
N LYS A 338 9.60 33.91 -21.71
CA LYS A 338 9.15 33.52 -20.38
C LYS A 338 10.31 33.52 -19.38
N VAL A 339 11.51 33.19 -19.85
CA VAL A 339 12.70 33.33 -18.99
C VAL A 339 12.93 34.79 -18.65
N LYS A 340 12.79 35.69 -19.63
CA LYS A 340 12.96 37.12 -19.38
C LYS A 340 11.94 37.64 -18.38
N LYS A 341 10.69 37.18 -18.49
CA LYS A 341 9.67 37.62 -17.54
C LYS A 341 9.89 37.00 -16.16
N PHE A 342 10.41 35.77 -16.10
CA PHE A 342 10.64 35.11 -14.81
C PHE A 342 11.80 35.76 -14.08
N ARG A 343 12.79 36.26 -14.85
CA ARG A 343 13.89 37.00 -14.23
C ARG A 343 13.39 38.25 -13.53
N THR A 344 12.47 38.97 -14.17
CA THR A 344 11.90 40.20 -13.54
C THR A 344 11.01 39.79 -12.36
N HIS A 345 10.38 38.62 -12.44
CA HIS A 345 9.44 38.16 -11.37
C HIS A 345 10.21 37.73 -10.12
N VAL A 346 11.46 37.28 -10.26
CA VAL A 346 12.19 36.73 -9.08
C VAL A 346 13.30 37.68 -8.62
N GLU A 347 14.05 38.29 -9.53
CA GLU A 347 15.20 39.10 -9.12
C GLU A 347 14.83 40.26 -8.19
N GLU A 348 13.55 40.65 -8.14
CA GLU A 348 13.17 41.80 -7.33
C GLU A 348 13.21 41.47 -5.84
N GLY A 349 13.03 40.20 -5.48
CA GLY A 349 12.96 39.81 -4.09
C GLY A 349 13.90 38.70 -3.69
N ASP A 350 14.14 38.56 -2.39
CA ASP A 350 15.02 37.53 -1.84
C ASP A 350 14.29 36.66 -0.82
N ILE A 351 13.03 36.31 -1.09
CA ILE A 351 12.24 35.57 -0.13
C ILE A 351 12.73 34.14 0.01
N VAL A 352 13.14 33.52 -1.10
CA VAL A 352 13.57 32.12 -1.06
C VAL A 352 14.87 31.98 -0.28
N TYR A 353 15.82 32.88 -0.52
CA TYR A 353 17.08 32.86 0.22
C TYR A 353 16.87 33.09 1.70
N ARG A 354 16.00 34.06 2.05
CA ARG A 354 15.72 34.34 3.44
C ARG A 354 15.05 33.14 4.12
N LEU A 355 14.10 32.51 3.44
CA LEU A 355 13.41 31.36 4.01
C LEU A 355 14.37 30.19 4.22
N TYR A 356 15.26 29.94 3.24
CA TYR A 356 16.22 28.86 3.39
C TYR A 356 17.20 29.12 4.52
N MET A 357 17.66 30.38 4.64
CA MET A 357 18.54 30.75 5.74
C MET A 357 17.86 30.55 7.09
N ARG A 358 16.59 30.97 7.19
CA ARG A 358 15.85 30.82 8.44
C ARG A 358 15.64 29.34 8.77
N GLN A 359 15.35 28.53 7.75
CA GLN A 359 15.18 27.09 7.99
C GLN A 359 16.47 26.46 8.50
N THR A 360 17.60 26.83 7.90
CA THR A 360 18.88 26.28 8.35
C THR A 360 19.20 26.73 9.78
N ILE A 361 18.92 28.00 10.09
CA ILE A 361 19.19 28.52 11.43
C ILE A 361 18.32 27.80 12.47
N ILE A 362 17.03 27.61 12.15
CA ILE A 362 16.14 26.90 13.07
C ILE A 362 16.59 25.47 13.26
N LYS A 363 17.01 24.81 12.17
CA LYS A 363 17.48 23.44 12.27
C LYS A 363 18.73 23.33 13.13
N VAL A 364 19.67 24.27 12.98
CA VAL A 364 20.91 24.17 13.75
C VAL A 364 20.68 24.48 15.22
N ILE A 365 19.79 25.43 15.54
CA ILE A 365 19.52 25.71 16.95
C ILE A 365 18.71 24.58 17.57
N LYS A 366 17.82 23.96 16.78
CA LYS A 366 17.11 22.77 17.25
C LYS A 366 18.07 21.63 17.54
N PHE A 367 19.07 21.45 16.68
CA PHE A 367 20.08 20.43 16.90
C PHE A 367 20.87 20.73 18.17
N ALA A 368 21.22 21.99 18.40
CA ALA A 368 21.95 22.36 19.60
C ALA A 368 21.13 22.04 20.86
N LEU A 369 19.85 22.41 20.85
CA LEU A 369 18.99 22.15 22.00
C LEU A 369 18.83 20.67 22.26
N ILE A 370 18.60 19.89 21.18
CA ILE A 370 18.43 18.44 21.33
C ILE A 370 19.70 17.79 21.84
N ILE A 371 20.84 18.10 21.23
CA ILE A 371 22.10 17.49 21.63
C ILE A 371 22.58 17.99 22.98
N CYS A 372 22.00 19.06 23.51
CA CYS A 372 22.25 19.44 24.89
C CYS A 372 21.39 18.61 25.85
N TYR A 373 20.07 18.71 25.71
CA TYR A 373 19.20 18.14 26.74
C TYR A 373 19.19 16.61 26.69
N THR A 374 19.31 16.03 25.49
CA THR A 374 19.33 14.58 25.39
C THR A 374 20.58 13.99 26.02
N VAL A 375 21.74 14.63 25.82
CA VAL A 375 22.96 14.10 26.42
C VAL A 375 22.99 14.40 27.91
N TYR A 376 22.26 15.43 28.35
CA TYR A 376 22.20 15.68 29.79
C TYR A 376 21.31 14.67 30.49
N TYR A 377 20.18 14.29 29.89
CA TYR A 377 19.22 13.39 30.52
C TYR A 377 19.31 11.97 29.99
N VAL A 378 20.36 11.62 29.26
CA VAL A 378 20.44 10.27 28.71
C VAL A 378 20.95 9.28 29.75
N HIS A 379 21.57 9.75 30.84
CA HIS A 379 22.06 8.84 31.86
C HIS A 379 20.97 8.44 32.84
N ASN A 380 19.80 9.07 32.77
CA ASN A 380 18.72 8.76 33.69
C ASN A 380 17.90 7.55 33.27
N ILE A 381 18.20 6.94 32.12
CA ILE A 381 17.56 5.70 31.72
C ILE A 381 18.31 4.54 32.36
N LYS A 382 17.88 4.15 33.57
CA LYS A 382 18.54 3.12 34.34
C LYS A 382 17.67 1.87 34.38
N PHE A 383 18.31 0.73 34.64
CA PHE A 383 17.58 -0.52 34.80
C PHE A 383 16.90 -0.60 36.16
N ASP A 384 17.69 -0.53 37.23
CA ASP A 384 17.15 -0.64 38.58
C ASP A 384 16.81 0.74 39.12
N VAL A 385 15.57 0.94 39.54
CA VAL A 385 15.08 2.21 40.07
C VAL A 385 14.41 1.92 41.40
N ASP A 386 14.80 2.66 42.45
CA ASP A 386 14.13 2.52 43.72
C ASP A 386 13.02 3.55 43.86
N CYS A 387 11.83 3.10 44.25
CA CYS A 387 10.66 3.97 44.37
C CYS A 387 10.18 3.96 45.81
N THR A 388 10.00 5.16 46.37
CA THR A 388 9.39 5.32 47.69
C THR A 388 8.14 6.17 47.50
N VAL A 389 7.02 5.48 47.23
CA VAL A 389 5.81 6.17 46.79
C VAL A 389 4.76 6.29 47.87
N ASP A 390 4.98 5.69 49.05
CA ASP A 390 4.10 5.85 50.22
C ASP A 390 2.67 5.40 49.93
N ILE A 391 2.52 4.12 49.58
CA ILE A 391 1.21 3.52 49.39
C ILE A 391 1.03 2.41 50.41
N GLU A 392 1.60 2.61 51.60
CA GLU A 392 1.56 1.59 52.64
C GLU A 392 0.13 1.27 53.06
N SER A 393 -0.78 2.24 52.94
CA SER A 393 -2.17 2.01 53.33
C SER A 393 -2.89 1.04 52.40
N LEU A 394 -2.39 0.82 51.19
CA LEU A 394 -3.01 -0.09 50.24
C LEU A 394 -2.23 -1.37 50.02
N THR A 395 -0.90 -1.28 49.95
CA THR A 395 -0.05 -2.43 49.67
C THR A 395 0.52 -3.05 50.94
N GLY A 396 1.05 -2.24 51.84
CA GLY A 396 1.68 -2.70 53.06
C GLY A 396 3.17 -2.40 53.14
N TYR A 397 3.80 -2.06 52.03
CA TYR A 397 5.21 -1.69 51.99
C TYR A 397 5.33 -0.23 51.57
N ARG A 398 6.55 0.29 51.71
CA ARG A 398 6.83 1.68 51.37
C ARG A 398 7.84 1.82 50.25
N THR A 399 8.95 1.09 50.31
CA THR A 399 10.00 1.18 49.31
C THR A 399 10.01 -0.09 48.46
N TYR A 400 10.13 0.09 47.15
CA TYR A 400 10.15 -1.03 46.21
C TYR A 400 11.32 -0.83 45.25
N ARG A 401 12.04 -1.91 44.96
CA ARG A 401 13.15 -1.85 44.02
C ARG A 401 12.68 -2.40 42.67
N CYS A 402 12.28 -1.50 41.78
CA CYS A 402 11.77 -1.87 40.47
C CYS A 402 12.89 -2.05 39.47
N ALA A 403 12.59 -2.81 38.42
CA ALA A 403 13.52 -2.98 37.31
C ALA A 403 12.81 -2.60 36.03
N HIS A 404 13.38 -1.67 35.28
CA HIS A 404 12.79 -1.24 34.03
C HIS A 404 13.36 -2.09 32.90
N PRO A 405 12.57 -2.96 32.28
CA PRO A 405 13.11 -3.90 31.28
C PRO A 405 13.65 -3.20 30.04
N LEU A 406 12.85 -2.33 29.42
CA LEU A 406 13.28 -1.61 28.23
C LEU A 406 14.06 -0.35 28.62
N ALA A 407 15.16 -0.57 29.34
CA ALA A 407 16.05 0.51 29.73
C ALA A 407 17.38 0.46 29.00
N THR A 408 18.02 -0.71 28.95
CA THR A 408 19.24 -0.85 28.16
C THR A 408 18.95 -0.67 26.68
N LEU A 409 17.85 -1.24 26.20
CA LEU A 409 17.47 -1.06 24.79
C LEU A 409 17.12 0.39 24.51
N PHE A 410 16.43 1.05 25.44
CA PHE A 410 16.14 2.47 25.27
C PHE A 410 17.40 3.31 25.34
N LYS A 411 18.38 2.91 26.15
CA LYS A 411 19.65 3.63 26.18
C LYS A 411 20.40 3.46 24.87
N ILE A 412 20.35 2.26 24.28
CA ILE A 412 20.97 2.05 22.98
C ILE A 412 20.28 2.89 21.90
N LEU A 413 18.94 2.92 21.94
CA LEU A 413 18.20 3.73 20.98
C LEU A 413 18.50 5.21 21.14
N ALA A 414 18.64 5.67 22.39
CA ALA A 414 18.97 7.07 22.63
C ALA A 414 20.37 7.40 22.17
N SER A 415 21.32 6.47 22.35
CA SER A 415 22.68 6.70 21.84
C SER A 415 22.69 6.76 20.32
N PHE A 416 21.95 5.88 19.66
CA PHE A 416 21.85 5.92 18.20
C PHE A 416 21.20 7.21 17.73
N TYR A 417 20.16 7.66 18.45
CA TYR A 417 19.52 8.93 18.15
C TYR A 417 20.49 10.09 18.32
N ILE A 418 21.31 10.05 19.36
CA ILE A 418 22.29 11.12 19.60
C ILE A 418 23.31 11.15 18.48
N SER A 419 23.75 9.97 18.03
CA SER A 419 24.69 9.90 16.90
C SER A 419 24.06 10.47 15.63
N LEU A 420 22.80 10.12 15.36
CA LEU A 420 22.13 10.64 14.18
C LEU A 420 21.93 12.15 14.27
N VAL A 421 21.59 12.67 15.45
CA VAL A 421 21.41 14.10 15.62
C VAL A 421 22.75 14.82 15.48
N ILE A 422 23.84 14.20 15.94
CA ILE A 422 25.16 14.79 15.75
C ILE A 422 25.50 14.89 14.27
N PHE A 423 25.23 13.82 13.52
CA PHE A 423 25.46 13.86 12.07
C PHE A 423 24.60 14.94 11.41
N TYR A 424 23.33 15.00 11.79
CA TYR A 424 22.41 15.98 11.22
C TYR A 424 22.88 17.41 11.53
N GLY A 425 23.34 17.64 12.75
CA GLY A 425 23.83 18.95 13.12
C GLY A 425 25.10 19.32 12.40
N LEU A 426 26.01 18.36 12.21
CA LEU A 426 27.22 18.63 11.44
C LEU A 426 26.87 19.00 10.00
N ILE A 427 25.92 18.29 9.41
CA ILE A 427 25.49 18.61 8.04
C ILE A 427 24.84 19.99 7.98
N CYS A 428 24.02 20.32 8.97
CA CYS A 428 23.39 21.64 9.00
C CYS A 428 24.41 22.75 9.22
N MET A 429 25.43 22.52 10.04
CA MET A 429 26.49 23.50 10.22
C MET A 429 27.29 23.67 8.94
N TYR A 430 27.50 22.59 8.19
CA TYR A 430 28.13 22.72 6.88
C TYR A 430 27.27 23.54 5.94
N THR A 431 25.95 23.32 5.97
CA THR A 431 25.05 24.10 5.13
C THR A 431 25.10 25.58 5.49
N LEU A 432 25.14 25.88 6.79
CA LEU A 432 25.23 27.27 7.23
C LEU A 432 26.56 27.89 6.81
N TRP A 433 27.66 27.13 6.89
CA TRP A 433 28.94 27.64 6.45
C TRP A 433 28.95 27.89 4.95
N TRP A 434 28.31 27.00 4.18
CA TRP A 434 28.20 27.19 2.75
C TRP A 434 27.39 28.44 2.42
N MET A 435 26.33 28.69 3.19
CA MET A 435 25.52 29.87 2.96
C MET A 435 26.22 31.16 3.39
N LEU A 436 27.08 31.10 4.40
CA LEU A 436 27.71 32.29 4.94
C LEU A 436 29.05 32.64 4.29
N ARG A 437 29.78 31.66 3.78
CA ARG A 437 31.09 31.93 3.20
C ARG A 437 30.96 32.77 1.92
N ARG A 438 30.09 32.35 1.03
CA ARG A 438 29.90 33.00 -0.26
C ARG A 438 28.52 33.64 -0.31
N SER A 439 28.45 34.85 -0.85
CA SER A 439 27.17 35.53 -1.01
C SER A 439 26.36 34.84 -2.09
N LEU A 440 25.32 34.11 -1.69
CA LEU A 440 24.49 33.38 -2.63
C LEU A 440 23.50 34.26 -3.37
N LYS A 441 23.42 35.54 -3.02
CA LYS A 441 22.58 36.48 -3.73
C LYS A 441 23.31 37.17 -4.88
N LYS A 442 24.35 36.53 -5.43
CA LYS A 442 25.13 37.07 -6.54
C LYS A 442 25.78 35.89 -7.25
N TYR A 443 25.27 35.57 -8.44
CA TYR A 443 25.79 34.47 -9.24
C TYR A 443 26.41 35.06 -10.51
N SER A 444 27.70 34.79 -10.71
CA SER A 444 28.42 35.32 -11.86
C SER A 444 28.63 34.23 -12.90
N PHE A 445 28.32 34.56 -14.16
CA PHE A 445 28.54 33.66 -15.28
C PHE A 445 29.88 33.90 -15.95
N GLU A 446 30.89 34.35 -15.19
CA GLU A 446 32.19 34.68 -15.77
C GLU A 446 32.84 33.46 -16.41
N SER A 447 32.75 32.30 -15.75
CA SER A 447 33.24 31.06 -16.36
C SER A 447 32.40 30.67 -17.56
N ILE A 448 31.09 30.89 -17.49
CA ILE A 448 30.20 30.49 -18.57
C ILE A 448 30.38 31.40 -19.78
N ARG A 449 30.46 32.71 -19.56
CA ARG A 449 30.56 33.64 -20.67
C ARG A 449 31.94 33.64 -21.31
N GLU A 450 32.93 33.05 -20.65
CA GLU A 450 34.27 32.92 -21.24
C GLU A 450 34.38 31.66 -22.08
N GLU A 451 33.89 30.53 -21.56
CA GLU A 451 33.91 29.29 -22.31
C GLU A 451 33.00 29.37 -23.53
N SER A 452 31.78 29.85 -23.33
CA SER A 452 30.86 30.03 -24.44
C SER A 452 31.18 31.30 -25.21
N SER A 453 30.67 31.38 -26.44
CA SER A 453 30.91 32.56 -27.27
C SER A 453 30.20 33.79 -26.69
N TYR A 454 29.02 33.58 -26.10
CA TYR A 454 28.21 34.68 -25.59
C TYR A 454 28.77 35.27 -24.32
N SER A 455 29.42 36.43 -24.43
CA SER A 455 29.96 37.14 -23.28
C SER A 455 29.02 38.23 -22.77
N ASP A 456 27.79 38.26 -23.28
CA ASP A 456 26.81 39.26 -22.90
C ASP A 456 25.89 38.80 -21.77
N ILE A 457 26.08 37.60 -21.25
CA ILE A 457 25.26 37.06 -20.17
C ILE A 457 25.51 37.87 -18.90
N PRO A 458 24.48 38.42 -18.28
CA PRO A 458 24.68 39.28 -17.10
C PRO A 458 24.88 38.44 -15.84
N ASP A 459 25.42 39.10 -14.82
CA ASP A 459 25.62 38.49 -13.51
C ASP A 459 24.35 38.68 -12.69
N VAL A 460 23.49 37.66 -12.68
CA VAL A 460 22.20 37.78 -12.01
C VAL A 460 22.40 37.71 -10.50
N LYS A 461 21.40 38.15 -9.74
CA LYS A 461 21.51 38.31 -8.30
C LYS A 461 20.24 37.82 -7.61
N ASN A 462 20.27 37.89 -6.28
CA ASN A 462 19.13 37.71 -5.36
C ASN A 462 18.66 36.26 -5.41
N ASP A 463 17.35 36.00 -5.33
CA ASP A 463 16.84 34.64 -5.23
C ASP A 463 17.22 33.81 -6.45
N PHE A 464 17.24 34.44 -7.62
CA PHE A 464 17.61 33.73 -8.83
C PHE A 464 19.04 33.22 -8.74
N ALA A 465 19.94 34.07 -8.23
CA ALA A 465 21.30 33.63 -7.95
C ALA A 465 21.31 32.49 -6.93
N PHE A 466 20.39 32.55 -5.96
CA PHE A 466 20.36 31.51 -4.94
C PHE A 466 19.98 30.15 -5.52
N MET A 467 18.89 30.09 -6.31
CA MET A 467 18.53 28.77 -6.84
C MET A 467 19.48 28.34 -7.94
N LEU A 468 20.15 29.28 -8.61
CA LEU A 468 21.20 28.88 -9.54
C LEU A 468 22.38 28.26 -8.80
N HIS A 469 22.72 28.80 -7.62
CA HIS A 469 23.75 28.18 -6.79
C HIS A 469 23.34 26.80 -6.32
N LEU A 470 22.07 26.65 -5.94
CA LEU A 470 21.57 25.33 -5.55
C LEU A 470 21.68 24.33 -6.70
N ILE A 471 21.34 24.78 -7.91
CA ILE A 471 21.44 23.91 -9.07
C ILE A 471 22.89 23.56 -9.36
N ASP A 472 23.80 24.52 -9.19
CA ASP A 472 25.22 24.24 -9.31
C ASP A 472 25.67 23.18 -8.30
N GLN A 473 25.11 23.23 -7.09
CA GLN A 473 25.39 22.18 -6.12
C GLN A 473 24.84 20.84 -6.57
N TYR A 474 23.70 20.84 -7.28
CA TYR A 474 23.20 19.59 -7.85
C TYR A 474 23.99 19.19 -9.09
N ASP A 475 23.94 20.02 -10.13
CA ASP A 475 24.65 19.74 -11.38
C ASP A 475 24.86 21.03 -12.16
N PRO A 476 26.11 21.37 -12.49
CA PRO A 476 26.37 22.62 -13.23
C PRO A 476 25.83 22.62 -14.64
N LEU A 477 25.46 21.46 -15.18
CA LEU A 477 25.02 21.40 -16.58
C LEU A 477 23.70 22.12 -16.80
N TYR A 478 22.80 22.07 -15.80
CA TYR A 478 21.53 22.76 -15.94
C TYR A 478 21.71 24.27 -16.03
N SER A 479 22.57 24.82 -15.17
CA SER A 479 22.88 26.24 -15.25
C SER A 479 23.61 26.57 -16.55
N LYS A 480 24.50 25.68 -16.99
CA LYS A 480 25.23 25.90 -18.25
C LYS A 480 24.27 26.00 -19.43
N ARG A 481 23.31 25.08 -19.50
CA ARG A 481 22.36 25.11 -20.60
C ARG A 481 21.41 26.29 -20.48
N PHE A 482 21.02 26.65 -19.26
CA PHE A 482 20.04 27.73 -19.13
C PHE A 482 20.67 29.10 -19.38
N ALA A 483 21.98 29.24 -19.15
CA ALA A 483 22.60 30.56 -19.22
C ALA A 483 22.53 31.17 -20.60
N VAL A 484 22.46 30.36 -21.65
CA VAL A 484 22.38 30.89 -23.01
C VAL A 484 21.06 31.65 -23.21
N PHE A 485 20.03 31.28 -22.46
CA PHE A 485 18.74 31.96 -22.52
C PHE A 485 18.76 33.30 -21.81
N LEU A 486 19.91 33.72 -21.27
CA LEU A 486 20.06 35.02 -20.66
C LEU A 486 20.83 36.01 -21.53
N SER A 487 21.31 35.58 -22.69
CA SER A 487 22.18 36.38 -23.53
C SER A 487 21.37 36.99 -24.68
N GLU A 488 21.57 38.29 -24.90
CA GLU A 488 20.85 38.97 -25.97
C GLU A 488 21.36 38.56 -27.34
N VAL A 489 22.59 38.06 -27.40
CA VAL A 489 23.14 37.56 -28.67
C VAL A 489 22.36 36.34 -29.14
N SER A 490 22.05 35.42 -28.21
CA SER A 490 21.29 34.22 -28.57
C SER A 490 19.90 34.58 -29.07
N GLU A 491 19.23 35.53 -28.43
CA GLU A 491 17.89 35.90 -28.89
C GLU A 491 17.95 36.68 -30.19
N ASN A 492 19.03 37.44 -30.44
CA ASN A 492 19.21 38.05 -31.75
C ASN A 492 19.30 36.99 -32.84
N LYS A 493 20.12 35.96 -32.59
CA LYS A 493 20.24 34.87 -33.57
C LYS A 493 18.92 34.15 -33.75
N LEU A 494 18.20 33.91 -32.65
CA LEU A 494 16.92 33.21 -32.73
C LEU A 494 15.88 34.02 -33.49
N ARG A 495 15.84 35.34 -33.25
CA ARG A 495 14.92 36.20 -33.98
C ARG A 495 15.25 36.25 -35.46
N GLN A 496 16.55 36.31 -35.79
CA GLN A 496 16.94 36.32 -37.20
C GLN A 496 16.57 35.02 -37.89
N LEU A 497 16.81 33.89 -37.21
CA LEU A 497 16.46 32.59 -37.78
C LEU A 497 14.95 32.44 -37.91
N ASN A 498 14.19 32.94 -36.93
CA ASN A 498 12.74 32.89 -37.02
C ASN A 498 12.22 33.77 -38.16
N LEU A 499 12.83 34.94 -38.35
CA LEU A 499 12.44 35.81 -39.46
C LEU A 499 12.74 35.14 -40.79
N ASN A 500 13.87 34.44 -40.89
CA ASN A 500 14.14 33.65 -42.09
C ASN A 500 13.15 32.52 -42.27
N ASN A 501 12.70 31.91 -41.16
CA ASN A 501 11.76 30.81 -41.22
C ASN A 501 10.38 31.26 -41.69
N GLU A 502 9.89 32.38 -41.16
CA GLU A 502 8.56 32.87 -41.54
C GLU A 502 8.60 33.53 -42.92
N PRO B 15 14.58 0.86 -11.62
CA PRO B 15 13.74 1.15 -12.80
C PRO B 15 14.54 1.18 -14.09
N ALA B 16 14.81 2.38 -14.60
CA ALA B 16 15.59 2.52 -15.82
C ALA B 16 17.08 2.36 -15.57
N TYR B 17 17.50 2.27 -14.31
CA TYR B 17 18.91 2.12 -13.96
C TYR B 17 19.34 0.66 -13.91
N ARG B 18 18.45 -0.27 -14.26
CA ARG B 18 18.78 -1.69 -14.26
C ARG B 18 19.93 -2.00 -15.20
N ILE B 19 20.09 -1.18 -16.25
CA ILE B 19 21.20 -1.36 -17.19
C ILE B 19 22.54 -1.17 -16.49
N LEU B 20 22.59 -0.39 -15.41
CA LEU B 20 23.82 -0.15 -14.69
C LEU B 20 24.11 -1.18 -13.61
N LYS B 21 23.20 -2.13 -13.39
CA LYS B 21 23.40 -3.11 -12.33
C LYS B 21 23.81 -4.45 -12.93
N PRO B 22 25.04 -4.88 -12.73
CA PRO B 22 25.47 -6.20 -13.22
C PRO B 22 24.89 -7.31 -12.36
N TRP B 23 25.36 -8.53 -12.62
CA TRP B 23 24.84 -9.69 -11.89
C TRP B 23 25.23 -9.62 -10.42
N TRP B 24 26.40 -9.07 -10.10
CA TRP B 24 26.81 -8.99 -8.71
C TRP B 24 25.94 -7.99 -7.94
N ASP B 25 25.58 -6.87 -8.58
CA ASP B 25 24.71 -5.90 -7.92
C ASP B 25 23.32 -6.47 -7.68
N VAL B 26 22.78 -7.20 -8.65
CA VAL B 26 21.46 -7.81 -8.48
C VAL B 26 21.50 -8.87 -7.38
N PHE B 27 22.56 -9.68 -7.38
CA PHE B 27 22.71 -10.71 -6.36
C PHE B 27 22.82 -10.10 -4.96
N THR B 28 23.62 -9.03 -4.84
CA THR B 28 23.76 -8.37 -3.55
C THR B 28 22.47 -7.70 -3.12
N ASP B 29 21.70 -7.18 -4.08
CA ASP B 29 20.40 -6.60 -3.75
C ASP B 29 19.44 -7.65 -3.20
N TYR B 30 19.41 -8.83 -3.84
CA TYR B 30 18.53 -9.89 -3.35
C TYR B 30 19.01 -10.44 -2.01
N ILE B 31 20.32 -10.54 -1.81
CA ILE B 31 20.85 -10.99 -0.53
C ILE B 31 20.54 -9.96 0.56
N SER B 32 20.62 -8.67 0.23
CA SER B 32 20.24 -7.64 1.18
C SER B 32 18.75 -7.74 1.51
N ILE B 33 17.93 -8.07 0.52
CA ILE B 33 16.49 -8.23 0.77
C ILE B 33 16.23 -9.38 1.73
N VAL B 34 16.88 -10.53 1.52
CA VAL B 34 16.60 -11.67 2.40
C VAL B 34 17.18 -11.44 3.80
N MET B 35 18.34 -10.75 3.88
CA MET B 35 18.87 -10.38 5.19
C MET B 35 17.94 -9.42 5.92
N LEU B 36 17.34 -8.47 5.18
CA LEU B 36 16.35 -7.59 5.79
C LEU B 36 15.12 -8.37 6.25
N MET B 37 14.73 -9.40 5.49
CA MET B 37 13.61 -10.24 5.88
C MET B 37 13.89 -10.96 7.19
N ILE B 38 15.08 -11.56 7.31
CA ILE B 38 15.40 -12.26 8.56
C ILE B 38 15.61 -11.26 9.69
N ALA B 39 16.05 -10.03 9.38
CA ALA B 39 16.15 -8.99 10.39
C ALA B 39 14.79 -8.64 10.95
N VAL B 40 13.81 -8.44 10.06
CA VAL B 40 12.45 -8.15 10.51
C VAL B 40 11.87 -9.31 11.30
N PHE B 41 12.08 -10.54 10.84
CA PHE B 41 11.54 -11.70 11.53
C PHE B 41 12.14 -11.85 12.93
N GLY B 42 13.46 -11.68 13.04
CA GLY B 42 14.09 -11.70 14.34
C GLY B 42 13.64 -10.55 15.22
N GLY B 43 13.36 -9.39 14.61
CA GLY B 43 12.86 -8.27 15.38
C GLY B 43 11.50 -8.52 16.00
N THR B 44 10.58 -9.09 15.22
CA THR B 44 9.27 -9.45 15.78
C THR B 44 9.40 -10.52 16.85
N LEU B 45 10.26 -11.53 16.62
CA LEU B 45 10.46 -12.55 17.64
C LEU B 45 11.01 -11.95 18.93
N GLN B 46 11.99 -11.07 18.81
CA GLN B 46 12.60 -10.42 19.96
C GLN B 46 11.59 -9.57 20.71
N VAL B 47 10.77 -8.82 19.98
CA VAL B 47 9.81 -7.93 20.62
C VAL B 47 8.71 -8.74 21.31
N ASP B 48 8.19 -9.76 20.63
CA ASP B 48 7.02 -10.47 21.14
C ASP B 48 7.39 -11.54 22.18
N GLN B 49 8.17 -12.55 21.77
CA GLN B 49 8.35 -13.75 22.58
C GLN B 49 9.80 -14.01 22.96
N ASP B 50 10.56 -12.98 23.31
CA ASP B 50 11.89 -13.17 23.86
C ASP B 50 11.81 -13.06 25.38
N LYS B 51 11.49 -14.17 26.03
CA LYS B 51 11.42 -14.22 27.48
C LYS B 51 12.61 -15.00 28.02
N MET B 52 12.68 -15.17 29.34
CA MET B 52 13.79 -15.97 29.94
C MET B 52 13.27 -16.69 31.18
N ILE B 53 12.79 -17.92 31.03
CA ILE B 53 12.23 -18.67 32.14
C ILE B 53 13.36 -19.09 33.06
N CYS B 54 13.39 -18.53 34.27
CA CYS B 54 14.46 -18.76 35.23
C CYS B 54 13.90 -19.44 36.45
N LEU B 55 14.49 -20.57 36.83
CA LEU B 55 14.09 -21.26 38.04
C LEU B 55 15.24 -21.28 39.02
N PRO B 56 15.01 -20.95 40.29
CA PRO B 56 16.10 -20.92 41.26
C PRO B 56 16.71 -22.30 41.50
N CYS B 57 18.01 -22.32 41.76
CA CYS B 57 18.71 -23.55 42.11
C CYS B 57 18.72 -23.66 43.63
N LYS B 58 17.91 -24.57 44.17
CA LYS B 58 17.78 -24.73 45.61
C LYS B 58 18.99 -25.42 46.24
N TRP B 59 19.87 -26.02 45.45
CA TRP B 59 21.07 -26.69 45.95
C TRP B 59 22.27 -25.90 45.46
N VAL B 60 22.67 -24.92 46.26
CA VAL B 60 23.79 -24.04 45.91
C VAL B 60 25.05 -24.59 46.56
N THR B 61 26.07 -24.83 45.75
CA THR B 61 27.36 -25.32 46.21
C THR B 61 28.42 -24.31 45.79
N LYS B 62 28.67 -23.34 46.64
CA LYS B 62 29.58 -22.22 46.38
C LYS B 62 29.18 -21.48 45.10
N ASP B 63 27.92 -21.05 45.07
CA ASP B 63 27.31 -20.38 43.92
C ASP B 63 27.40 -21.25 42.66
N SER B 64 26.84 -22.45 42.76
CA SER B 64 26.78 -23.36 41.62
C SER B 64 25.60 -24.30 41.81
N CYS B 65 24.94 -24.64 40.70
CA CYS B 65 23.79 -25.53 40.74
C CYS B 65 24.28 -26.97 40.89
N ASN B 66 23.95 -27.60 42.01
CA ASN B 66 24.43 -28.95 42.29
C ASN B 66 23.76 -29.98 41.39
N ASP B 67 22.59 -29.66 40.83
CA ASP B 67 21.83 -30.55 39.96
C ASP B 67 21.54 -31.89 40.64
N SER B 68 21.16 -31.83 41.91
CA SER B 68 20.84 -33.02 42.67
C SER B 68 19.43 -32.93 43.24
N THR B 184 6.40 -43.27 47.63
CA THR B 184 7.68 -42.74 47.15
C THR B 184 7.50 -41.98 45.85
N GLY B 185 6.28 -41.50 45.60
CA GLY B 185 5.98 -40.73 44.42
C GLY B 185 6.71 -39.40 44.40
N PRO B 186 7.11 -38.96 43.22
CA PRO B 186 7.80 -37.67 43.11
C PRO B 186 6.88 -36.51 43.51
N THR B 187 7.48 -35.52 44.16
CA THR B 187 6.76 -34.32 44.60
C THR B 187 7.44 -33.09 44.00
N GLY B 188 6.63 -32.11 43.62
CA GLY B 188 7.17 -30.89 43.04
C GLY B 188 7.94 -30.08 44.08
N ILE B 189 8.94 -29.35 43.60
CA ILE B 189 9.79 -28.55 44.48
C ILE B 189 9.06 -27.24 44.77
N LYS B 190 8.88 -26.94 46.06
CA LYS B 190 8.26 -25.68 46.47
C LYS B 190 9.34 -24.61 46.56
N TYR B 191 9.18 -23.54 45.79
CA TYR B 191 10.12 -22.43 45.82
C TYR B 191 9.64 -21.24 46.61
N ASP B 192 8.33 -21.18 46.92
CA ASP B 192 7.73 -20.09 47.68
C ASP B 192 7.98 -18.73 47.04
N LEU B 193 7.92 -18.68 45.71
CA LEU B 193 8.13 -17.46 44.96
C LEU B 193 6.83 -17.06 44.28
N ASP B 194 6.48 -15.78 44.39
CA ASP B 194 5.31 -15.25 43.71
C ASP B 194 5.59 -15.16 42.22
N ARG B 195 4.54 -14.85 41.45
CA ARG B 195 4.71 -14.71 39.98
C ARG B 195 5.54 -13.45 39.69
N HIS B 196 5.41 -12.42 40.52
CA HIS B 196 6.13 -11.18 40.25
C HIS B 196 7.59 -11.28 40.64
N GLN B 197 7.92 -12.05 41.68
CA GLN B 197 9.32 -12.35 41.96
C GLN B 197 9.94 -13.16 40.82
N TYR B 198 9.18 -14.09 40.24
CA TYR B 198 9.64 -14.82 39.07
C TYR B 198 9.90 -13.88 37.90
N ASN B 199 9.00 -12.93 37.65
CA ASN B 199 9.20 -11.96 36.57
C ASN B 199 10.40 -11.06 36.83
N TYR B 200 10.60 -10.66 38.09
CA TYR B 200 11.78 -9.87 38.44
C TYR B 200 13.06 -10.65 38.19
N VAL B 201 13.07 -11.94 38.56
CA VAL B 201 14.24 -12.79 38.32
C VAL B 201 14.52 -12.90 36.83
N ASP B 202 13.45 -13.10 36.04
CA ASP B 202 13.59 -13.17 34.59
C ASP B 202 14.20 -11.89 34.03
N ALA B 203 13.67 -10.73 34.45
CA ALA B 203 14.13 -9.47 33.90
C ALA B 203 15.58 -9.20 34.27
N VAL B 204 15.95 -9.46 35.52
CA VAL B 204 17.31 -9.17 35.96
C VAL B 204 18.31 -10.12 35.31
N CYS B 205 17.98 -11.40 35.22
CA CYS B 205 18.94 -12.33 34.62
C CYS B 205 18.92 -12.26 33.10
N TYR B 206 17.90 -11.64 32.51
CA TYR B 206 17.93 -11.35 31.08
C TYR B 206 18.78 -10.13 30.80
N GLU B 207 18.71 -9.14 31.69
CA GLU B 207 19.52 -7.93 31.49
C GLU B 207 20.99 -8.18 31.81
N ASN B 208 21.26 -8.91 32.89
CA ASN B 208 22.65 -9.09 33.35
C ASN B 208 23.37 -10.23 32.65
N ARG B 209 22.81 -11.44 32.67
CA ARG B 209 23.57 -12.63 32.35
C ARG B 209 23.39 -13.11 30.92
N LEU B 210 22.30 -12.76 30.26
CA LEU B 210 22.18 -13.07 28.85
C LEU B 210 23.17 -12.25 28.04
N HIS B 211 23.88 -12.91 27.14
CA HIS B 211 24.89 -12.23 26.33
C HIS B 211 24.21 -11.24 25.39
N TRP B 212 24.91 -10.13 25.13
CA TRP B 212 24.33 -9.04 24.34
C TRP B 212 24.06 -9.47 22.91
N PHE B 213 24.80 -10.46 22.42
CA PHE B 213 24.55 -10.96 21.07
C PHE B 213 23.18 -11.60 20.97
N ALA B 214 22.82 -12.44 21.93
CA ALA B 214 21.53 -13.13 21.90
C ALA B 214 20.36 -12.16 22.05
N LYS B 215 20.60 -10.95 22.54
CA LYS B 215 19.55 -9.96 22.70
C LYS B 215 19.48 -8.97 21.54
N TYR B 216 20.62 -8.63 20.93
CA TYR B 216 20.64 -7.61 19.89
C TYR B 216 21.12 -8.14 18.54
N PHE B 217 21.03 -9.45 18.33
CA PHE B 217 21.34 -10.00 17.00
C PHE B 217 20.42 -9.49 15.91
N PRO B 218 19.08 -9.49 16.05
CA PRO B 218 18.26 -8.97 14.94
C PRO B 218 18.46 -7.49 14.68
N TYR B 219 18.65 -6.68 15.72
CA TYR B 219 18.88 -5.25 15.50
C TYR B 219 20.22 -5.00 14.82
N LEU B 220 21.25 -5.76 15.21
CA LEU B 220 22.55 -5.63 14.55
C LEU B 220 22.47 -6.06 13.10
N VAL B 221 21.72 -7.13 12.82
CA VAL B 221 21.57 -7.60 11.45
C VAL B 221 20.82 -6.56 10.62
N LEU B 222 19.80 -5.95 11.20
CA LEU B 222 19.04 -4.90 10.53
C LEU B 222 19.92 -3.70 10.23
N LEU B 223 20.75 -3.31 11.19
CA LEU B 223 21.67 -2.19 11.00
C LEU B 223 22.68 -2.48 9.89
N HIS B 224 23.22 -3.70 9.88
CA HIS B 224 24.19 -4.07 8.85
C HIS B 224 23.54 -4.12 7.47
N THR B 225 22.31 -4.61 7.39
CA THR B 225 21.59 -4.64 6.12
C THR B 225 21.32 -3.23 5.63
N LEU B 226 20.96 -2.33 6.54
CA LEU B 226 20.73 -0.94 6.16
C LEU B 226 22.02 -0.29 5.69
N ILE B 227 23.15 -0.60 6.33
CA ILE B 227 24.44 -0.05 5.89
C ILE B 227 24.79 -0.58 4.50
N PHE B 228 24.55 -1.87 4.26
CA PHE B 228 24.81 -2.44 2.93
C PHE B 228 23.95 -1.79 1.87
N LEU B 229 22.66 -1.59 2.17
CA LEU B 229 21.76 -0.95 1.22
C LEU B 229 22.15 0.50 0.97
N ALA B 230 22.58 1.21 2.01
CA ALA B 230 23.04 2.58 1.84
C ALA B 230 24.29 2.64 0.98
N CYS B 231 25.21 1.69 1.18
CA CYS B 231 26.41 1.65 0.34
C CYS B 231 26.05 1.35 -1.11
N SER B 232 25.04 0.50 -1.33
CA SER B 232 24.63 0.19 -2.69
C SER B 232 23.97 1.39 -3.38
N ASN B 233 23.09 2.09 -2.66
CA ASN B 233 22.29 3.15 -3.28
C ASN B 233 22.91 4.54 -3.13
N PHE B 234 24.04 4.67 -2.45
CA PHE B 234 24.72 5.96 -2.37
C PHE B 234 25.23 6.41 -3.72
N TRP B 235 25.43 5.46 -4.64
CA TRP B 235 25.75 5.79 -6.02
C TRP B 235 24.64 6.62 -6.66
N PHE B 236 23.41 6.15 -6.56
CA PHE B 236 22.27 6.80 -7.20
C PHE B 236 21.68 7.92 -6.35
N LYS B 237 22.12 8.07 -5.11
CA LYS B 237 21.56 9.09 -4.23
C LYS B 237 22.41 10.34 -4.14
N PHE B 238 23.72 10.22 -4.35
CA PHE B 238 24.60 11.38 -4.36
C PHE B 238 24.32 12.23 -5.58
N PRO B 239 23.98 13.52 -5.42
CA PRO B 239 23.43 14.30 -6.55
C PRO B 239 24.32 14.41 -7.78
N ARG B 240 25.63 14.57 -7.60
CA ARG B 240 26.52 14.71 -8.76
C ARG B 240 26.57 13.42 -9.57
N THR B 241 26.82 12.29 -8.89
CA THR B 241 26.87 11.02 -9.59
C THR B 241 25.50 10.60 -10.08
N SER B 242 24.45 10.95 -9.35
CA SER B 242 23.09 10.66 -9.83
C SER B 242 22.80 11.41 -11.11
N SER B 243 23.21 12.68 -11.19
CA SER B 243 23.02 13.45 -12.41
C SER B 243 23.82 12.87 -13.56
N LYS B 244 25.07 12.47 -13.29
CA LYS B 244 25.91 11.89 -14.34
C LYS B 244 25.32 10.59 -14.86
N LEU B 245 24.84 9.74 -13.95
CA LEU B 245 24.23 8.47 -14.36
C LEU B 245 22.93 8.69 -15.10
N GLU B 246 22.13 9.68 -14.68
CA GLU B 246 20.89 9.98 -15.39
C GLU B 246 21.16 10.46 -16.81
N HIS B 247 22.15 11.33 -16.96
CA HIS B 247 22.53 11.80 -18.29
C HIS B 247 23.05 10.64 -19.14
N PHE B 248 23.84 9.75 -18.55
CA PHE B 248 24.36 8.60 -19.29
C PHE B 248 23.24 7.68 -19.73
N VAL B 249 22.28 7.43 -18.84
CA VAL B 249 21.15 6.57 -19.20
C VAL B 249 20.35 7.19 -20.33
N SER B 250 20.09 8.51 -20.24
CA SER B 250 19.32 9.18 -21.27
C SER B 250 20.03 9.12 -22.62
N ILE B 251 21.32 9.45 -22.64
CA ILE B 251 22.07 9.46 -23.90
C ILE B 251 22.17 8.05 -24.48
N LEU B 252 22.49 7.07 -23.64
CA LEU B 252 22.65 5.70 -24.12
C LEU B 252 21.32 5.14 -24.63
N LEU B 253 20.21 5.42 -23.94
CA LEU B 253 18.92 4.94 -24.40
C LEU B 253 18.51 5.61 -25.71
N LYS B 254 18.73 6.92 -25.82
CA LYS B 254 18.37 7.63 -27.04
C LYS B 254 19.21 7.15 -28.22
N CYS B 255 20.48 6.84 -27.98
CA CYS B 255 21.31 6.24 -29.03
C CYS B 255 20.83 4.83 -29.37
N PHE B 256 20.37 4.09 -28.36
CA PHE B 256 19.91 2.72 -28.58
C PHE B 256 18.65 2.70 -29.45
N ASP B 257 17.72 3.61 -29.21
CA ASP B 257 16.49 3.64 -30.00
C ASP B 257 16.60 4.49 -31.26
N SER B 258 17.74 5.11 -31.50
CA SER B 258 17.90 5.94 -32.69
C SER B 258 17.89 5.07 -33.94
N PRO B 259 17.20 5.49 -35.01
CA PRO B 259 17.21 4.67 -36.24
C PRO B 259 18.56 4.64 -36.93
N TRP B 260 19.32 5.74 -36.86
CA TRP B 260 20.52 5.88 -37.68
C TRP B 260 21.55 4.79 -37.40
N THR B 261 21.75 4.46 -36.12
CA THR B 261 22.73 3.44 -35.77
C THR B 261 22.40 2.10 -36.42
N THR B 262 21.11 1.83 -36.62
CA THR B 262 20.71 0.62 -37.33
C THR B 262 21.32 0.59 -38.73
N ARG B 263 21.18 1.71 -39.47
CA ARG B 263 21.86 1.82 -40.75
C ARG B 263 23.37 1.76 -40.57
N ALA B 264 23.89 2.38 -39.50
CA ALA B 264 25.31 2.29 -39.21
C ALA B 264 25.71 0.86 -38.89
N LEU B 265 24.77 0.07 -38.33
CA LEU B 265 25.05 -1.34 -38.12
C LEU B 265 24.95 -2.11 -39.43
N SER B 266 24.13 -1.62 -40.36
CA SER B 266 24.00 -2.30 -41.66
C SER B 266 25.27 -2.14 -42.49
N GLU B 267 25.87 -0.96 -42.44
CA GLU B 267 27.08 -0.68 -43.20
C GLU B 267 28.33 -0.97 -42.38
N VAL B 323 17.23 4.33 -46.03
CA VAL B 323 17.79 5.67 -45.84
C VAL B 323 17.06 6.37 -44.70
N LEU B 324 17.49 7.59 -44.40
CA LEU B 324 16.92 8.38 -43.31
C LEU B 324 16.15 9.57 -43.86
N ASP B 325 15.04 9.90 -43.21
CA ASP B 325 14.24 11.05 -43.59
C ASP B 325 14.89 12.34 -43.07
N LYS B 326 14.30 13.47 -43.45
CA LYS B 326 14.80 14.76 -43.01
C LYS B 326 14.68 14.92 -41.50
N LYS B 327 13.54 14.53 -40.94
CA LYS B 327 13.36 14.59 -39.48
C LYS B 327 14.30 13.62 -38.79
N GLU B 328 14.43 12.41 -39.32
CA GLU B 328 15.33 11.42 -38.74
C GLU B 328 16.77 11.87 -38.82
N GLY B 329 17.17 12.47 -39.95
CA GLY B 329 18.52 13.00 -40.06
C GLY B 329 18.78 14.15 -39.09
N GLU B 330 17.78 15.03 -38.92
CA GLU B 330 17.92 16.14 -38.00
C GLU B 330 18.08 15.66 -36.56
N GLN B 331 17.26 14.70 -36.15
CA GLN B 331 17.38 14.21 -34.77
C GLN B 331 18.63 13.37 -34.60
N ALA B 332 19.11 12.71 -35.65
CA ALA B 332 20.39 12.00 -35.55
C ALA B 332 21.55 12.97 -35.40
N LYS B 333 21.51 14.09 -36.12
CA LYS B 333 22.54 15.11 -35.95
C LYS B 333 22.49 15.70 -34.54
N ALA B 334 21.28 15.95 -34.04
CA ALA B 334 21.13 16.46 -32.68
C ALA B 334 21.67 15.47 -31.65
N LEU B 335 21.40 14.18 -31.86
CA LEU B 335 21.92 13.15 -30.96
C LEU B 335 23.44 13.04 -31.04
N PHE B 336 24.00 13.21 -32.24
CA PHE B 336 25.45 13.21 -32.39
C PHE B 336 26.08 14.34 -31.59
N GLU B 337 25.51 15.55 -31.71
CA GLU B 337 26.05 16.68 -30.96
C GLU B 337 25.84 16.49 -29.46
N LYS B 338 24.70 15.90 -29.06
CA LYS B 338 24.47 15.63 -27.65
C LYS B 338 25.48 14.63 -27.10
N VAL B 339 25.84 13.62 -27.90
CA VAL B 339 26.86 12.67 -27.49
C VAL B 339 28.22 13.36 -27.36
N LYS B 340 28.54 14.27 -28.29
CA LYS B 340 29.79 15.02 -28.18
C LYS B 340 29.83 15.88 -26.91
N LYS B 341 28.73 16.57 -26.62
CA LYS B 341 28.68 17.40 -25.41
C LYS B 341 28.74 16.54 -24.15
N PHE B 342 28.08 15.38 -24.16
CA PHE B 342 28.16 14.47 -23.03
C PHE B 342 29.57 13.96 -22.82
N ARG B 343 30.26 13.64 -23.92
CA ARG B 343 31.65 13.18 -23.80
C ARG B 343 32.55 14.28 -23.25
N THR B 344 32.29 15.53 -23.65
CA THR B 344 33.05 16.65 -23.09
C THR B 344 32.76 16.81 -21.60
N HIS B 345 31.49 16.65 -21.20
CA HIS B 345 31.08 16.94 -19.83
C HIS B 345 31.49 15.83 -18.86
N VAL B 346 31.48 14.58 -19.30
CA VAL B 346 31.58 13.43 -18.40
C VAL B 346 32.99 12.88 -18.34
N GLU B 347 33.66 12.77 -19.50
CA GLU B 347 34.98 12.14 -19.57
C GLU B 347 36.02 12.89 -18.75
N GLU B 348 35.81 14.18 -18.51
CA GLU B 348 36.75 14.94 -17.68
C GLU B 348 36.67 14.50 -16.22
N GLY B 349 35.49 14.10 -15.75
CA GLY B 349 35.29 13.76 -14.36
C GLY B 349 35.66 12.32 -14.04
N ASP B 350 35.90 12.08 -12.75
CA ASP B 350 36.27 10.75 -12.26
C ASP B 350 35.58 10.45 -10.93
N ILE B 351 34.47 11.12 -10.63
CA ILE B 351 33.83 10.96 -9.33
C ILE B 351 33.09 9.63 -9.26
N VAL B 352 32.53 9.17 -10.38
CA VAL B 352 31.69 7.98 -10.38
C VAL B 352 32.52 6.74 -10.08
N TYR B 353 33.66 6.60 -10.76
CA TYR B 353 34.51 5.43 -10.55
C TYR B 353 35.06 5.40 -9.14
N ARG B 354 35.47 6.57 -8.61
CA ARG B 354 35.96 6.63 -7.23
C ARG B 354 34.85 6.28 -6.25
N LEU B 355 33.63 6.72 -6.53
CA LEU B 355 32.51 6.39 -5.64
C LEU B 355 32.25 4.89 -5.62
N TYR B 356 32.30 4.25 -6.79
CA TYR B 356 32.08 2.81 -6.84
C TYR B 356 33.23 2.06 -6.15
N MET B 357 34.47 2.55 -6.34
CA MET B 357 35.62 2.06 -5.58
C MET B 357 35.36 2.09 -4.07
N ARG B 358 34.93 3.26 -3.57
CA ARG B 358 34.75 3.41 -2.14
C ARG B 358 33.60 2.56 -1.62
N GLN B 359 32.51 2.45 -2.39
CA GLN B 359 31.39 1.62 -1.96
C GLN B 359 31.79 0.16 -1.89
N THR B 360 32.51 -0.34 -2.90
CA THR B 360 32.96 -1.73 -2.88
C THR B 360 33.91 -1.99 -1.72
N ILE B 361 34.84 -1.05 -1.48
CA ILE B 361 35.80 -1.23 -0.40
C ILE B 361 35.10 -1.24 0.95
N ILE B 362 34.15 -0.33 1.15
CA ILE B 362 33.42 -0.27 2.41
C ILE B 362 32.59 -1.53 2.61
N LYS B 363 31.97 -2.04 1.53
CA LYS B 363 31.20 -3.27 1.65
C LYS B 363 32.08 -4.47 2.01
N VAL B 364 33.27 -4.54 1.42
CA VAL B 364 34.19 -5.64 1.73
C VAL B 364 34.63 -5.56 3.19
N ILE B 365 34.98 -4.36 3.66
CA ILE B 365 35.40 -4.19 5.05
C ILE B 365 34.26 -4.53 6.01
N LYS B 366 33.05 -4.09 5.68
CA LYS B 366 31.89 -4.40 6.52
C LYS B 366 31.64 -5.89 6.57
N PHE B 367 31.77 -6.58 5.43
CA PHE B 367 31.61 -8.03 5.41
C PHE B 367 32.66 -8.71 6.28
N ALA B 368 33.90 -8.26 6.21
CA ALA B 368 34.96 -8.87 7.02
C ALA B 368 34.68 -8.70 8.51
N LEU B 369 34.30 -7.47 8.91
CA LEU B 369 34.02 -7.22 10.33
C LEU B 369 32.80 -8.00 10.79
N ILE B 370 31.76 -8.08 9.95
CA ILE B 370 30.55 -8.81 10.29
C ILE B 370 30.86 -10.29 10.50
N ILE B 371 31.59 -10.89 9.56
CA ILE B 371 31.93 -12.31 9.68
C ILE B 371 32.76 -12.55 10.93
N CYS B 372 33.77 -11.69 11.17
CA CYS B 372 34.62 -11.85 12.34
C CYS B 372 33.82 -11.85 13.63
N TYR B 373 33.11 -10.74 13.90
CA TYR B 373 32.43 -10.61 15.19
C TYR B 373 31.27 -11.60 15.32
N THR B 374 30.54 -11.85 14.22
CA THR B 374 29.45 -12.82 14.27
C THR B 374 29.97 -14.20 14.62
N VAL B 375 30.84 -14.78 13.75
CA VAL B 375 31.33 -16.13 13.98
C VAL B 375 32.04 -16.24 15.33
N TYR B 376 32.59 -15.13 15.83
CA TYR B 376 33.14 -15.15 17.18
C TYR B 376 32.05 -15.29 18.24
N TYR B 377 30.92 -14.60 18.08
CA TYR B 377 29.94 -14.50 19.16
C TYR B 377 28.69 -15.37 18.99
N VAL B 378 28.61 -16.18 17.92
CA VAL B 378 27.44 -17.02 17.73
C VAL B 378 27.33 -18.07 18.82
N HIS B 379 28.47 -18.60 19.30
CA HIS B 379 28.44 -19.66 20.29
C HIS B 379 27.91 -19.18 21.65
N ASN B 380 27.78 -17.88 21.85
CA ASN B 380 27.21 -17.35 23.09
C ASN B 380 25.69 -17.41 23.10
N ILE B 381 25.05 -17.74 21.98
CA ILE B 381 23.62 -17.95 21.94
C ILE B 381 23.32 -19.38 22.35
N LYS B 382 23.00 -19.60 23.63
CA LYS B 382 22.74 -20.93 24.15
C LYS B 382 21.40 -20.97 24.86
N PHE B 383 20.84 -22.17 24.97
CA PHE B 383 19.52 -22.33 25.58
C PHE B 383 19.60 -22.22 27.09
N ASP B 384 20.32 -23.13 27.73
CA ASP B 384 20.42 -23.17 29.19
C ASP B 384 21.61 -22.31 29.62
N VAL B 385 21.34 -21.33 30.47
CA VAL B 385 22.37 -20.46 31.02
C VAL B 385 22.25 -20.50 32.54
N ASP B 386 23.33 -20.18 33.22
CA ASP B 386 23.28 -20.03 34.67
C ASP B 386 23.48 -18.57 35.04
N CYS B 387 22.54 -18.03 35.81
CA CYS B 387 22.54 -16.62 36.17
C CYS B 387 22.77 -16.48 37.67
N THR B 388 23.58 -15.50 38.06
CA THR B 388 23.92 -15.23 39.45
C THR B 388 24.03 -13.71 39.59
N VAL B 389 22.94 -13.07 40.00
CA VAL B 389 22.82 -11.62 39.95
C VAL B 389 22.69 -11.00 41.33
N ASP B 390 22.70 -11.82 42.38
CA ASP B 390 22.67 -11.30 43.79
C ASP B 390 21.40 -10.51 44.09
N ILE B 391 20.22 -11.13 43.95
CA ILE B 391 18.97 -10.50 44.34
C ILE B 391 18.42 -11.28 45.53
N GLU B 392 19.31 -11.80 46.37
CA GLU B 392 18.90 -12.64 47.49
C GLU B 392 18.03 -11.85 48.47
N SER B 393 18.23 -10.55 48.58
CA SER B 393 17.42 -9.74 49.47
C SER B 393 15.98 -9.62 48.97
N LEU B 394 15.78 -9.69 47.66
CA LEU B 394 14.45 -9.54 47.08
C LEU B 394 13.77 -10.86 46.72
N THR B 395 14.53 -11.90 46.44
CA THR B 395 13.99 -13.18 46.00
C THR B 395 14.26 -14.30 46.99
N GLY B 396 15.44 -14.32 47.61
CA GLY B 396 15.80 -15.36 48.56
C GLY B 396 16.78 -16.37 48.01
N TYR B 397 17.00 -16.39 46.71
CA TYR B 397 17.94 -17.31 46.08
C TYR B 397 19.05 -16.53 45.40
N ARG B 398 20.25 -17.10 45.42
CA ARG B 398 21.42 -16.44 44.85
C ARG B 398 21.63 -16.79 43.38
N THR B 399 21.54 -18.07 43.02
CA THR B 399 21.77 -18.53 41.67
C THR B 399 20.49 -19.12 41.08
N TYR B 400 20.33 -18.96 39.78
CA TYR B 400 19.17 -19.47 39.06
C TYR B 400 19.63 -20.10 37.75
N ARG B 401 18.83 -21.01 37.22
CA ARG B 401 19.06 -21.62 35.92
C ARG B 401 18.00 -21.08 34.97
N CYS B 402 18.44 -20.42 33.90
CA CYS B 402 17.52 -19.80 32.97
C CYS B 402 17.54 -20.55 31.63
N ALA B 403 16.41 -20.48 30.93
CA ALA B 403 16.26 -21.17 29.66
C ALA B 403 15.73 -20.16 28.64
N HIS B 404 16.62 -19.62 27.82
CA HIS B 404 16.25 -18.71 26.75
C HIS B 404 15.57 -19.48 25.63
N PRO B 405 14.25 -19.35 25.43
CA PRO B 405 13.57 -20.26 24.52
C PRO B 405 13.86 -20.01 23.05
N LEU B 406 14.04 -18.75 22.65
CA LEU B 406 14.27 -18.41 21.26
C LEU B 406 15.71 -18.66 20.80
N ALA B 407 16.62 -18.93 21.75
CA ALA B 407 18.05 -18.92 21.46
C ALA B 407 18.40 -19.86 20.32
N THR B 408 17.96 -21.12 20.42
CA THR B 408 18.23 -22.08 19.36
C THR B 408 17.73 -21.58 18.01
N LEU B 409 16.50 -21.07 17.97
CA LEU B 409 15.99 -20.44 16.75
C LEU B 409 16.93 -19.35 16.28
N PHE B 410 17.26 -18.41 17.18
CA PHE B 410 18.19 -17.35 16.83
C PHE B 410 19.50 -17.92 16.33
N LYS B 411 19.97 -19.01 16.95
CA LYS B 411 21.21 -19.63 16.52
C LYS B 411 21.15 -20.00 15.05
N ILE B 412 20.09 -20.69 14.63
CA ILE B 412 20.02 -21.09 13.23
C ILE B 412 19.89 -19.86 12.35
N LEU B 413 19.17 -18.84 12.83
CA LEU B 413 19.10 -17.58 12.07
C LEU B 413 20.48 -16.99 11.92
N ALA B 414 21.25 -16.96 13.01
CA ALA B 414 22.62 -16.48 12.93
C ALA B 414 23.41 -17.26 11.89
N SER B 415 23.28 -18.60 11.94
CA SER B 415 23.97 -19.42 10.94
C SER B 415 23.52 -19.04 9.55
N PHE B 416 22.20 -18.93 9.35
CA PHE B 416 21.69 -18.52 8.05
C PHE B 416 22.23 -17.17 7.66
N TYR B 417 22.24 -16.23 8.62
CA TYR B 417 22.75 -14.90 8.32
C TYR B 417 24.20 -14.98 7.87
N ILE B 418 25.00 -15.79 8.57
CA ILE B 418 26.41 -15.92 8.22
C ILE B 418 26.54 -16.38 6.78
N SER B 419 25.76 -17.41 6.42
CA SER B 419 25.82 -17.93 5.06
C SER B 419 25.54 -16.83 4.06
N LEU B 420 24.46 -16.07 4.29
CA LEU B 420 24.14 -14.98 3.39
C LEU B 420 25.29 -13.99 3.29
N VAL B 421 25.82 -13.58 4.45
CA VAL B 421 26.92 -12.64 4.47
C VAL B 421 28.11 -13.21 3.71
N ILE B 422 28.38 -14.51 3.91
CA ILE B 422 29.50 -15.14 3.22
C ILE B 422 29.33 -14.98 1.72
N PHE B 423 28.13 -15.32 1.21
CA PHE B 423 27.87 -15.17 -0.21
C PHE B 423 28.06 -13.72 -0.62
N TYR B 424 27.47 -12.80 0.16
CA TYR B 424 27.62 -11.38 -0.10
C TYR B 424 29.08 -11.02 -0.21
N GLY B 425 29.88 -11.44 0.78
CA GLY B 425 31.29 -11.10 0.76
C GLY B 425 31.98 -11.65 -0.46
N LEU B 426 31.70 -12.91 -0.80
CA LEU B 426 32.33 -13.52 -1.96
C LEU B 426 31.96 -12.74 -3.21
N ILE B 427 30.68 -12.37 -3.33
CA ILE B 427 30.25 -11.59 -4.47
C ILE B 427 30.98 -10.25 -4.50
N CYS B 428 31.05 -9.58 -3.34
CA CYS B 428 31.79 -8.34 -3.27
C CYS B 428 33.25 -8.55 -3.61
N MET B 429 33.82 -9.67 -3.14
CA MET B 429 35.20 -9.97 -3.47
C MET B 429 35.40 -10.05 -4.98
N TYR B 430 34.46 -10.71 -5.67
CA TYR B 430 34.56 -10.78 -7.13
C TYR B 430 34.53 -9.39 -7.73
N THR B 431 33.64 -8.52 -7.23
CA THR B 431 33.57 -7.15 -7.72
C THR B 431 34.92 -6.48 -7.57
N LEU B 432 35.55 -6.66 -6.40
CA LEU B 432 36.87 -6.07 -6.18
C LEU B 432 37.87 -6.58 -7.20
N TRP B 433 37.85 -7.89 -7.47
CA TRP B 433 38.73 -8.44 -8.49
C TRP B 433 38.38 -7.87 -9.86
N TRP B 434 37.08 -7.79 -10.16
CA TRP B 434 36.68 -7.23 -11.44
C TRP B 434 37.05 -5.76 -11.53
N MET B 435 37.22 -5.12 -10.38
CA MET B 435 37.57 -3.70 -10.38
C MET B 435 39.05 -3.48 -10.18
N LEU B 436 39.85 -4.56 -10.13
CA LEU B 436 41.29 -4.45 -10.01
C LEU B 436 42.05 -5.29 -11.04
N ARG B 437 41.37 -6.16 -11.78
CA ARG B 437 42.06 -6.96 -12.79
C ARG B 437 42.43 -6.12 -14.01
N ARG B 438 41.76 -4.98 -14.19
CA ARG B 438 42.03 -4.10 -15.31
C ARG B 438 41.68 -2.68 -14.90
N SER B 439 42.27 -1.72 -15.61
CA SER B 439 41.96 -0.31 -15.39
C SER B 439 40.66 0.00 -16.10
N LEU B 440 39.56 0.09 -15.34
CA LEU B 440 38.27 0.42 -15.91
C LEU B 440 38.17 1.87 -16.39
N LYS B 441 39.16 2.69 -16.06
CA LYS B 441 39.19 4.09 -16.48
C LYS B 441 39.67 4.26 -17.91
N LYS B 442 39.82 3.17 -18.66
CA LYS B 442 40.30 3.24 -20.04
C LYS B 442 39.55 2.17 -20.84
N TYR B 443 38.60 2.61 -21.66
CA TYR B 443 37.86 1.71 -22.55
C TYR B 443 38.53 1.71 -23.91
N SER B 444 38.81 0.51 -24.42
CA SER B 444 39.36 0.35 -25.76
C SER B 444 38.25 -0.16 -26.69
N PHE B 445 38.05 0.55 -27.80
CA PHE B 445 37.04 0.18 -28.80
C PHE B 445 37.63 -0.56 -29.99
N GLU B 446 38.67 -1.37 -29.78
CA GLU B 446 39.31 -2.07 -30.89
C GLU B 446 38.38 -3.11 -31.50
N SER B 447 37.59 -3.79 -30.66
CA SER B 447 36.72 -4.85 -31.16
C SER B 447 35.67 -4.30 -32.12
N ILE B 448 35.05 -3.18 -31.77
CA ILE B 448 34.02 -2.61 -32.64
C ILE B 448 34.66 -2.01 -33.89
N ARG B 449 35.78 -1.30 -33.72
CA ARG B 449 36.45 -0.68 -34.85
C ARG B 449 37.04 -1.70 -35.82
N GLU B 450 37.26 -2.94 -35.38
CA GLU B 450 37.63 -4.00 -36.30
C GLU B 450 36.44 -4.84 -36.77
N GLU B 451 35.31 -4.75 -36.08
CA GLU B 451 34.10 -5.43 -36.54
C GLU B 451 33.35 -4.59 -37.57
N SER B 452 32.97 -3.37 -37.20
CA SER B 452 32.28 -2.48 -38.12
C SER B 452 33.27 -1.81 -39.06
N SER B 453 32.72 -1.13 -40.08
CA SER B 453 33.55 -0.44 -41.06
C SER B 453 34.31 0.72 -40.44
N TYR B 454 33.65 1.44 -39.51
CA TYR B 454 34.24 2.62 -38.89
C TYR B 454 35.39 2.24 -37.97
N SER B 455 36.62 2.61 -38.34
CA SER B 455 37.81 2.29 -37.56
C SER B 455 38.43 3.54 -36.96
N ASP B 456 37.61 4.52 -36.57
CA ASP B 456 38.08 5.78 -36.03
C ASP B 456 37.47 6.14 -34.69
N ILE B 457 36.85 5.18 -34.00
CA ILE B 457 36.23 5.46 -32.70
C ILE B 457 37.33 5.71 -31.67
N PRO B 458 37.38 6.88 -31.05
CA PRO B 458 38.45 7.16 -30.08
C PRO B 458 38.25 6.37 -28.80
N ASP B 459 39.36 5.99 -28.17
CA ASP B 459 39.29 5.31 -26.89
C ASP B 459 38.82 6.28 -25.82
N VAL B 460 37.82 5.87 -25.05
CA VAL B 460 37.20 6.75 -24.07
C VAL B 460 37.76 6.39 -22.69
N LYS B 461 37.82 7.40 -21.81
CA LYS B 461 38.48 7.22 -20.52
C LYS B 461 37.58 7.75 -19.40
N ASN B 462 37.99 7.42 -18.18
CA ASN B 462 37.43 7.96 -16.91
C ASN B 462 35.99 7.46 -16.74
N ASP B 463 35.08 8.34 -16.28
CA ASP B 463 33.74 7.91 -15.89
C ASP B 463 32.96 7.37 -17.07
N PHE B 464 33.14 7.95 -18.24
CA PHE B 464 32.53 7.43 -19.46
C PHE B 464 32.95 5.98 -19.70
N ALA B 465 34.25 5.72 -19.58
CA ALA B 465 34.77 4.37 -19.78
C ALA B 465 34.22 3.41 -18.73
N PHE B 466 34.14 3.84 -17.48
CA PHE B 466 33.64 2.96 -16.43
C PHE B 466 32.16 2.62 -16.64
N MET B 467 31.35 3.62 -16.97
CA MET B 467 29.94 3.36 -17.20
C MET B 467 29.72 2.49 -18.43
N LEU B 468 30.54 2.68 -19.46
CA LEU B 468 30.45 1.81 -20.63
C LEU B 468 30.90 0.39 -20.30
N HIS B 469 31.87 0.24 -19.39
CA HIS B 469 32.25 -1.10 -18.93
C HIS B 469 31.09 -1.79 -18.23
N LEU B 470 30.39 -1.05 -17.36
CA LEU B 470 29.24 -1.63 -16.67
C LEU B 470 28.13 -1.99 -17.64
N ILE B 471 27.92 -1.14 -18.65
CA ILE B 471 26.93 -1.44 -19.69
C ILE B 471 27.32 -2.70 -20.45
N ASP B 472 28.61 -2.86 -20.73
CA ASP B 472 29.09 -4.09 -21.36
C ASP B 472 28.83 -5.30 -20.48
N GLN B 473 28.98 -5.14 -19.16
CA GLN B 473 28.65 -6.23 -18.24
C GLN B 473 27.16 -6.55 -18.29
N TYR B 474 26.32 -5.54 -18.52
CA TYR B 474 24.90 -5.84 -18.68
C TYR B 474 24.61 -6.42 -20.07
N ASP B 475 24.88 -5.64 -21.12
CA ASP B 475 24.64 -6.07 -22.49
C ASP B 475 25.63 -5.41 -23.43
N PRO B 476 26.49 -6.21 -24.10
CA PRO B 476 27.48 -5.62 -25.00
C PRO B 476 26.90 -4.88 -26.20
N LEU B 477 25.65 -5.16 -26.56
CA LEU B 477 25.07 -4.55 -27.76
C LEU B 477 24.83 -3.06 -27.57
N TYR B 478 24.53 -2.65 -26.33
CA TYR B 478 24.29 -1.24 -26.04
C TYR B 478 25.53 -0.40 -26.37
N SER B 479 26.68 -0.78 -25.83
CA SER B 479 27.92 -0.09 -26.15
C SER B 479 28.33 -0.33 -27.60
N LYS B 480 27.97 -1.50 -28.15
CA LYS B 480 28.29 -1.83 -29.53
C LYS B 480 27.68 -0.83 -30.49
N ARG B 481 26.40 -0.50 -30.29
CA ARG B 481 25.76 0.49 -31.15
C ARG B 481 25.88 1.91 -30.60
N PHE B 482 26.41 2.08 -29.39
CA PHE B 482 26.80 3.41 -28.94
C PHE B 482 28.10 3.86 -29.58
N ALA B 483 28.97 2.92 -29.94
CA ALA B 483 30.28 3.27 -30.49
C ALA B 483 30.17 4.03 -31.80
N VAL B 484 29.08 3.82 -32.56
CA VAL B 484 28.98 4.45 -33.87
C VAL B 484 28.72 5.94 -33.75
N PHE B 485 28.22 6.40 -32.60
CA PHE B 485 27.98 7.82 -32.40
C PHE B 485 29.20 8.58 -31.90
N LEU B 486 30.30 7.87 -31.62
CA LEU B 486 31.53 8.51 -31.19
C LEU B 486 32.52 8.73 -32.33
N SER B 487 32.28 8.12 -33.49
CA SER B 487 33.21 8.19 -34.60
C SER B 487 32.90 9.38 -35.49
N GLU B 488 33.92 10.18 -35.80
CA GLU B 488 33.73 11.33 -36.68
C GLU B 488 33.48 10.89 -38.12
N VAL B 489 33.96 9.71 -38.50
CA VAL B 489 33.68 9.18 -39.84
C VAL B 489 32.20 8.91 -39.99
N SER B 490 31.56 8.33 -38.97
CA SER B 490 30.12 8.10 -39.02
C SER B 490 29.35 9.41 -39.04
N GLU B 491 29.84 10.42 -38.33
CA GLU B 491 29.21 11.74 -38.36
C GLU B 491 29.29 12.37 -39.75
N ASN B 492 30.46 12.25 -40.39
CA ASN B 492 30.61 12.77 -41.74
C ASN B 492 29.75 12.01 -42.72
N LYS B 493 29.63 10.69 -42.54
CA LYS B 493 28.77 9.87 -43.40
C LYS B 493 27.31 10.25 -43.22
N LEU B 494 26.89 10.52 -41.98
CA LEU B 494 25.52 10.96 -41.73
C LEU B 494 25.26 12.32 -42.37
N ARG B 495 26.23 13.23 -42.29
CA ARG B 495 26.08 14.54 -42.93
C ARG B 495 25.98 14.40 -44.45
N GLN B 496 26.80 13.53 -45.03
CA GLN B 496 26.74 13.29 -46.47
C GLN B 496 25.42 12.65 -46.87
N LEU B 497 24.90 11.74 -46.05
CA LEU B 497 23.61 11.12 -46.33
C LEU B 497 22.49 12.15 -46.25
N ASN B 498 22.58 13.05 -45.27
CA ASN B 498 21.59 14.14 -45.17
C ASN B 498 21.65 15.05 -46.39
N LEU B 499 22.86 15.38 -46.85
CA LEU B 499 23.00 16.20 -48.06
C LEU B 499 22.44 15.47 -49.28
N ASN B 500 22.65 14.16 -49.36
CA ASN B 500 22.09 13.38 -50.46
C ASN B 500 20.57 13.36 -50.41
N ASN B 501 20.00 13.23 -49.20
CA ASN B 501 18.54 13.25 -49.05
C ASN B 501 17.96 14.61 -49.43
N GLU B 502 18.61 15.69 -49.03
CA GLU B 502 18.15 17.03 -49.40
C GLU B 502 18.91 17.56 -50.60
N PRO C 15 4.44 -9.60 -16.65
CA PRO C 15 5.01 -8.47 -17.38
C PRO C 15 5.16 -8.76 -18.87
N ALA C 16 6.28 -8.34 -19.45
CA ALA C 16 6.54 -8.55 -20.87
C ALA C 16 7.02 -9.97 -21.16
N TYR C 17 7.22 -10.79 -20.14
CA TYR C 17 7.71 -12.16 -20.31
C TYR C 17 6.59 -13.19 -20.29
N ARG C 18 5.33 -12.76 -20.37
CA ARG C 18 4.21 -13.70 -20.34
C ARG C 18 4.21 -14.61 -21.56
N ILE C 19 4.74 -14.14 -22.69
CA ILE C 19 4.82 -14.97 -23.88
C ILE C 19 5.81 -16.11 -23.68
N LEU C 20 6.86 -15.87 -22.87
CA LEU C 20 7.88 -16.87 -22.61
C LEU C 20 7.54 -17.75 -21.40
N LYS C 21 6.26 -17.85 -21.05
CA LYS C 21 5.82 -18.62 -19.89
C LYS C 21 4.80 -19.65 -20.35
N PRO C 22 5.22 -20.88 -20.66
CA PRO C 22 4.27 -21.92 -21.05
C PRO C 22 3.40 -22.38 -19.90
N TRP C 23 2.56 -23.39 -20.12
CA TRP C 23 1.62 -23.80 -19.09
C TRP C 23 2.32 -24.38 -17.87
N TRP C 24 3.47 -25.03 -18.06
CA TRP C 24 4.21 -25.55 -16.92
C TRP C 24 4.81 -24.42 -16.09
N ASP C 25 5.25 -23.34 -16.75
CA ASP C 25 5.86 -22.23 -16.02
C ASP C 25 4.84 -21.47 -15.19
N VAL C 26 3.68 -21.18 -15.78
CA VAL C 26 2.69 -20.37 -15.07
C VAL C 26 2.00 -21.17 -13.97
N PHE C 27 1.71 -22.45 -14.23
CA PHE C 27 0.90 -23.22 -13.29
C PHE C 27 1.73 -23.67 -12.09
N THR C 28 3.02 -23.94 -12.31
CA THR C 28 3.90 -24.21 -11.17
C THR C 28 4.21 -22.93 -10.40
N ASP C 29 4.18 -21.78 -11.07
CA ASP C 29 4.31 -20.51 -10.37
C ASP C 29 3.12 -20.33 -9.44
N TYR C 30 1.93 -20.75 -9.89
CA TYR C 30 0.75 -20.70 -9.02
C TYR C 30 0.90 -21.66 -7.85
N ILE C 31 1.47 -22.84 -8.09
CA ILE C 31 1.76 -23.75 -6.98
C ILE C 31 2.84 -23.16 -6.09
N SER C 32 3.80 -22.45 -6.68
CA SER C 32 4.84 -21.81 -5.89
C SER C 32 4.28 -20.71 -5.02
N ILE C 33 3.23 -20.02 -5.49
CA ILE C 33 2.65 -18.92 -4.71
C ILE C 33 1.68 -19.46 -3.67
N VAL C 34 1.25 -20.72 -3.83
CA VAL C 34 0.35 -21.30 -2.84
C VAL C 34 1.13 -22.11 -1.81
N MET C 35 2.34 -22.55 -2.15
CA MET C 35 3.25 -23.06 -1.14
C MET C 35 3.67 -21.95 -0.17
N LEU C 36 3.88 -20.74 -0.70
CA LEU C 36 4.32 -19.64 0.15
C LEU C 36 3.23 -19.23 1.14
N MET C 37 1.96 -19.41 0.76
CA MET C 37 0.87 -19.04 1.67
C MET C 37 0.84 -19.97 2.89
N ILE C 38 1.07 -21.27 2.69
CA ILE C 38 1.06 -22.19 3.82
C ILE C 38 2.35 -22.06 4.62
N ALA C 39 3.41 -21.50 4.01
CA ALA C 39 4.63 -21.23 4.77
C ALA C 39 4.45 -20.03 5.68
N VAL C 40 3.82 -18.97 5.18
CA VAL C 40 3.55 -17.79 5.99
C VAL C 40 2.51 -18.10 7.05
N PHE C 41 1.48 -18.87 6.68
CA PHE C 41 0.46 -19.28 7.64
C PHE C 41 1.05 -20.16 8.73
N GLY C 42 1.92 -21.10 8.34
CA GLY C 42 2.58 -21.93 9.32
C GLY C 42 3.55 -21.15 10.18
N GLY C 43 4.28 -20.21 9.57
CA GLY C 43 5.23 -19.40 10.33
C GLY C 43 4.53 -18.51 11.33
N THR C 44 3.36 -17.99 10.98
CA THR C 44 2.56 -17.23 11.92
C THR C 44 2.09 -18.12 13.07
N LEU C 45 1.71 -19.36 12.75
CA LEU C 45 1.31 -20.32 13.78
C LEU C 45 2.49 -20.65 14.69
N GLN C 46 3.66 -20.87 14.12
CA GLN C 46 4.84 -21.21 14.91
C GLN C 46 5.24 -20.05 15.82
N VAL C 47 5.06 -18.82 15.33
CA VAL C 47 5.40 -17.65 16.14
C VAL C 47 4.42 -17.48 17.28
N ASP C 48 3.12 -17.62 17.00
CA ASP C 48 2.09 -17.19 17.95
C ASP C 48 1.86 -18.21 19.07
N GLN C 49 1.41 -19.41 18.71
CA GLN C 49 0.94 -20.38 19.70
C GLN C 49 1.55 -21.76 19.54
N ASP C 50 2.82 -21.83 19.12
CA ASP C 50 3.52 -23.11 19.05
C ASP C 50 4.17 -23.35 20.41
N LYS C 51 3.48 -24.09 21.26
CA LYS C 51 3.96 -24.40 22.59
C LYS C 51 3.67 -25.88 22.85
N MET C 52 4.01 -26.35 24.06
CA MET C 52 3.68 -27.71 24.47
C MET C 52 3.20 -27.64 25.92
N ILE C 53 1.97 -28.06 26.17
CA ILE C 53 1.48 -28.12 27.54
C ILE C 53 1.94 -29.44 28.15
N CYS C 54 2.86 -29.37 29.10
CA CYS C 54 3.50 -30.55 29.66
C CYS C 54 3.03 -30.75 31.10
N LEU C 55 2.55 -31.95 31.40
CA LEU C 55 2.15 -32.32 32.75
C LEU C 55 3.02 -33.45 33.25
N PRO C 56 3.53 -33.38 34.47
CA PRO C 56 4.40 -34.45 34.97
C PRO C 56 3.66 -35.76 35.16
N CYS C 57 4.38 -36.86 34.93
CA CYS C 57 3.86 -38.20 35.17
C CYS C 57 4.26 -38.62 36.57
N LYS C 58 3.30 -38.60 37.50
CA LYS C 58 3.59 -38.97 38.88
C LYS C 58 3.97 -40.44 38.99
N TRP C 59 3.26 -41.30 38.26
CA TRP C 59 3.59 -42.72 38.24
C TRP C 59 4.53 -43.01 37.08
N VAL C 60 5.79 -43.29 37.38
CA VAL C 60 6.82 -43.50 36.38
C VAL C 60 7.44 -44.87 36.60
N THR C 61 7.52 -45.66 35.52
CA THR C 61 8.09 -47.00 35.56
C THR C 61 9.01 -47.19 34.36
N LYS C 62 10.25 -47.59 34.63
CA LYS C 62 11.27 -47.83 33.61
C LYS C 62 11.49 -46.58 32.75
N ASP C 63 11.60 -45.42 33.42
CA ASP C 63 11.81 -44.13 32.78
C ASP C 63 10.72 -43.83 31.76
N SER C 64 9.48 -44.17 32.11
CA SER C 64 8.33 -43.89 31.27
C SER C 64 7.09 -43.82 32.15
N CYS C 65 6.06 -43.17 31.64
CA CYS C 65 4.83 -42.99 32.41
C CYS C 65 4.15 -44.34 32.66
N ASN C 66 3.94 -44.67 33.93
CA ASN C 66 3.33 -45.94 34.27
C ASN C 66 1.84 -45.97 33.93
N ASP C 67 1.19 -44.81 33.93
CA ASP C 67 -0.24 -44.69 33.66
C ASP C 67 -1.08 -45.54 34.62
N SER C 68 -0.66 -45.58 35.88
CA SER C 68 -1.35 -46.37 36.90
C SER C 68 -1.85 -45.49 38.03
N GLY C 185 -16.48 -37.89 45.02
CA GLY C 185 -16.05 -38.44 43.75
C GLY C 185 -14.56 -38.29 43.52
N PRO C 186 -14.16 -38.22 42.25
CA PRO C 186 -12.74 -38.04 41.93
C PRO C 186 -12.24 -36.67 42.37
N THR C 187 -10.95 -36.60 42.65
CA THR C 187 -10.30 -35.37 43.07
C THR C 187 -9.08 -35.11 42.19
N GLY C 188 -8.76 -33.82 42.02
CA GLY C 188 -7.63 -33.47 41.17
C GLY C 188 -6.31 -33.87 41.79
N ILE C 189 -5.31 -34.06 40.93
CA ILE C 189 -3.99 -34.48 41.35
C ILE C 189 -3.14 -33.23 41.58
N LYS C 190 -2.65 -33.07 42.80
CA LYS C 190 -1.78 -31.94 43.12
C LYS C 190 -0.35 -32.27 42.71
N TYR C 191 0.23 -31.44 41.86
CA TYR C 191 1.62 -31.59 41.46
C TYR C 191 2.57 -30.71 42.25
N ASP C 192 2.04 -29.72 42.98
CA ASP C 192 2.84 -28.79 43.80
C ASP C 192 3.89 -28.07 42.96
N LEU C 193 3.51 -27.70 41.74
CA LEU C 193 4.40 -27.00 40.82
C LEU C 193 3.88 -25.58 40.60
N ASP C 194 4.80 -24.62 40.61
CA ASP C 194 4.45 -23.24 40.31
C ASP C 194 4.11 -23.09 38.83
N ARG C 195 3.52 -21.95 38.49
CA ARG C 195 3.27 -21.65 37.08
C ARG C 195 4.59 -21.51 36.32
N HIS C 196 5.60 -20.92 36.96
CA HIS C 196 6.89 -20.77 36.29
C HIS C 196 7.61 -22.09 36.14
N GLN C 197 7.45 -23.01 37.10
CA GLN C 197 8.00 -24.35 36.91
C GLN C 197 7.34 -25.04 35.72
N TYR C 198 6.03 -24.85 35.57
CA TYR C 198 5.34 -25.39 34.41
C TYR C 198 5.86 -24.78 33.11
N ASN C 199 6.09 -23.47 33.10
CA ASN C 199 6.63 -22.82 31.91
C ASN C 199 8.04 -23.31 31.59
N TYR C 200 8.86 -23.51 32.61
CA TYR C 200 10.20 -24.03 32.40
C TYR C 200 10.16 -25.45 31.84
N VAL C 201 9.26 -26.28 32.38
CA VAL C 201 9.10 -27.64 31.87
C VAL C 201 8.65 -27.61 30.42
N ASP C 202 7.72 -26.72 30.09
CA ASP C 202 7.26 -26.57 28.72
C ASP C 202 8.40 -26.20 27.78
N ALA C 203 9.20 -25.20 28.17
CA ALA C 203 10.29 -24.74 27.32
C ALA C 203 11.34 -25.82 27.14
N VAL C 204 11.71 -26.51 28.21
CA VAL C 204 12.76 -27.52 28.13
C VAL C 204 12.30 -28.71 27.29
N CYS C 205 11.05 -29.16 27.48
CA CYS C 205 10.60 -30.30 26.69
C CYS C 205 10.31 -29.92 25.25
N TYR C 206 9.88 -28.69 24.99
CA TYR C 206 9.73 -28.22 23.62
C TYR C 206 11.07 -28.16 22.91
N GLU C 207 12.11 -27.73 23.61
CA GLU C 207 13.44 -27.65 23.01
C GLU C 207 14.09 -29.01 22.83
N ASN C 208 13.94 -29.92 23.79
CA ASN C 208 14.70 -31.17 23.78
C ASN C 208 13.94 -32.37 23.22
N ARG C 209 12.64 -32.48 23.46
CA ARG C 209 11.92 -33.71 23.13
C ARG C 209 10.79 -33.51 22.13
N LEU C 210 10.80 -32.42 21.37
CA LEU C 210 9.92 -32.25 20.23
C LEU C 210 10.74 -32.39 18.97
N HIS C 211 10.25 -33.19 18.02
CA HIS C 211 11.00 -33.44 16.81
C HIS C 211 11.18 -32.16 16.01
N TRP C 212 12.37 -32.01 15.42
CA TRP C 212 12.72 -30.75 14.77
C TRP C 212 11.87 -30.49 13.55
N PHE C 213 11.31 -31.53 12.94
CA PHE C 213 10.39 -31.33 11.82
C PHE C 213 9.15 -30.58 12.28
N ALA C 214 8.60 -30.96 13.43
CA ALA C 214 7.41 -30.29 13.94
C ALA C 214 7.68 -28.82 14.25
N LYS C 215 8.86 -28.51 14.78
CA LYS C 215 9.19 -27.14 15.12
C LYS C 215 9.52 -26.30 13.89
N TYR C 216 10.25 -26.86 12.92
CA TYR C 216 10.79 -26.09 11.81
C TYR C 216 10.21 -26.48 10.46
N PHE C 217 9.02 -27.05 10.44
CA PHE C 217 8.34 -27.32 9.17
C PHE C 217 8.00 -26.04 8.40
N PRO C 218 7.36 -25.01 8.98
CA PRO C 218 7.05 -23.82 8.16
C PRO C 218 8.28 -23.10 7.65
N TYR C 219 9.36 -23.06 8.43
CA TYR C 219 10.58 -22.42 7.96
C TYR C 219 11.21 -23.21 6.83
N LEU C 220 11.17 -24.54 6.90
CA LEU C 220 11.67 -25.36 5.80
C LEU C 220 10.83 -25.16 4.54
N VAL C 221 9.51 -25.07 4.69
CA VAL C 221 8.64 -24.83 3.54
C VAL C 221 8.93 -23.47 2.92
N LEU C 222 9.12 -22.46 3.77
CA LEU C 222 9.45 -21.12 3.28
C LEU C 222 10.78 -21.12 2.55
N LEU C 223 11.77 -21.83 3.09
CA LEU C 223 13.08 -21.91 2.45
C LEU C 223 12.99 -22.59 1.10
N HIS C 224 12.30 -23.73 1.03
CA HIS C 224 12.15 -24.45 -0.23
C HIS C 224 11.39 -23.62 -1.25
N THR C 225 10.35 -22.92 -0.81
CA THR C 225 9.57 -22.07 -1.72
C THR C 225 10.39 -20.91 -2.23
N LEU C 226 11.20 -20.29 -1.36
CA LEU C 226 12.04 -19.19 -1.80
C LEU C 226 13.09 -19.67 -2.80
N ILE C 227 13.66 -20.86 -2.57
CA ILE C 227 14.63 -21.38 -3.53
C ILE C 227 13.95 -21.72 -4.85
N PHE C 228 12.71 -22.23 -4.79
CA PHE C 228 11.96 -22.51 -6.02
C PHE C 228 11.69 -21.22 -6.80
N LEU C 229 11.30 -20.15 -6.09
CA LEU C 229 11.06 -18.86 -6.73
C LEU C 229 12.34 -18.30 -7.33
N ALA C 230 13.46 -18.40 -6.59
CA ALA C 230 14.73 -17.92 -7.08
C ALA C 230 15.16 -18.70 -8.32
N CYS C 231 14.97 -20.02 -8.33
CA CYS C 231 15.33 -20.85 -9.46
C CYS C 231 14.43 -20.62 -10.67
N SER C 232 13.16 -20.26 -10.45
CA SER C 232 12.26 -19.96 -11.56
C SER C 232 12.34 -18.53 -12.07
N ASN C 233 12.91 -17.60 -11.30
CA ASN C 233 13.03 -16.22 -11.74
C ASN C 233 14.46 -15.78 -12.06
N PHE C 234 15.47 -16.58 -11.69
CA PHE C 234 16.85 -16.24 -12.03
C PHE C 234 17.06 -16.31 -13.54
N TRP C 235 16.15 -16.99 -14.24
CA TRP C 235 16.13 -16.93 -15.70
C TRP C 235 15.94 -15.50 -16.20
N PHE C 236 15.04 -14.75 -15.57
CA PHE C 236 14.76 -13.37 -15.95
C PHE C 236 15.61 -12.35 -15.19
N LYS C 237 16.25 -12.74 -14.09
CA LYS C 237 17.04 -11.79 -13.32
C LYS C 237 18.51 -11.76 -13.71
N PHE C 238 19.04 -12.85 -14.26
CA PHE C 238 20.42 -12.87 -14.70
C PHE C 238 20.60 -11.95 -15.91
N PRO C 239 21.48 -10.94 -15.82
CA PRO C 239 21.50 -9.88 -16.85
C PRO C 239 21.73 -10.34 -18.28
N ARG C 240 22.56 -11.37 -18.48
CA ARG C 240 22.81 -11.88 -19.82
C ARG C 240 21.53 -12.42 -20.45
N THR C 241 20.92 -13.42 -19.79
CA THR C 241 19.68 -13.97 -20.29
C THR C 241 18.54 -12.95 -20.23
N SER C 242 18.56 -12.06 -19.24
CA SER C 242 17.53 -11.03 -19.15
C SER C 242 17.57 -10.13 -20.39
N SER C 243 18.76 -9.67 -20.77
CA SER C 243 18.89 -8.81 -21.94
C SER C 243 18.52 -9.56 -23.21
N LYS C 244 18.95 -10.81 -23.33
CA LYS C 244 18.65 -11.58 -24.53
C LYS C 244 17.15 -11.81 -24.69
N LEU C 245 16.48 -12.22 -23.60
CA LEU C 245 15.03 -12.43 -23.64
C LEU C 245 14.29 -11.13 -23.88
N GLU C 246 14.76 -10.03 -23.28
CA GLU C 246 14.11 -8.74 -23.47
C GLU C 246 14.18 -8.29 -24.92
N HIS C 247 15.35 -8.44 -25.55
CA HIS C 247 15.48 -8.07 -26.96
C HIS C 247 14.61 -8.95 -27.85
N PHE C 248 14.60 -10.27 -27.59
CA PHE C 248 13.76 -11.16 -28.38
C PHE C 248 12.29 -10.79 -28.25
N VAL C 249 11.83 -10.54 -27.03
CA VAL C 249 10.43 -10.19 -26.79
C VAL C 249 10.08 -8.87 -27.47
N SER C 250 10.96 -7.87 -27.33
CA SER C 250 10.68 -6.56 -27.90
C SER C 250 10.56 -6.64 -29.41
N ILE C 251 11.51 -7.29 -30.07
CA ILE C 251 11.42 -7.29 -31.54
C ILE C 251 10.36 -8.27 -32.03
N LEU C 252 10.05 -9.32 -31.26
CA LEU C 252 8.92 -10.18 -31.62
C LEU C 252 7.61 -9.42 -31.55
N LEU C 253 7.43 -8.61 -30.52
CA LEU C 253 6.21 -7.80 -30.40
C LEU C 253 6.13 -6.76 -31.51
N LYS C 254 7.25 -6.10 -31.82
CA LYS C 254 7.20 -5.07 -32.85
C LYS C 254 7.09 -5.67 -34.25
N CYS C 255 7.48 -6.93 -34.42
CA CYS C 255 7.24 -7.62 -35.69
C CYS C 255 5.80 -8.11 -35.76
N PHE C 256 5.22 -8.47 -34.62
CA PHE C 256 3.81 -8.84 -34.58
C PHE C 256 2.93 -7.64 -34.89
N ASP C 257 3.38 -6.44 -34.50
CA ASP C 257 2.62 -5.24 -34.82
C ASP C 257 2.74 -4.88 -36.30
N SER C 258 3.73 -5.44 -36.99
CA SER C 258 3.93 -5.13 -38.39
C SER C 258 2.82 -5.75 -39.24
N PRO C 259 2.25 -5.01 -40.20
CA PRO C 259 1.15 -5.58 -41.00
C PRO C 259 1.62 -6.32 -42.25
N TRP C 260 2.87 -6.15 -42.68
CA TRP C 260 3.32 -6.74 -43.94
C TRP C 260 3.42 -8.26 -43.85
N THR C 261 3.45 -8.80 -42.62
CA THR C 261 3.43 -10.25 -42.46
C THR C 261 2.13 -10.86 -42.96
N THR C 262 1.05 -10.07 -43.00
CA THR C 262 -0.21 -10.57 -43.55
C THR C 262 -0.09 -10.88 -45.03
N ARG C 263 0.46 -9.94 -45.81
CA ARG C 263 0.69 -10.19 -47.23
C ARG C 263 1.74 -11.28 -47.41
N ALA C 264 2.72 -11.34 -46.51
CA ALA C 264 3.73 -12.38 -46.60
C ALA C 264 3.13 -13.78 -46.42
N LEU C 265 2.27 -13.95 -45.43
CA LEU C 265 1.68 -15.26 -45.17
C LEU C 265 0.56 -15.56 -46.15
N SER C 266 0.03 -14.54 -46.82
CA SER C 266 -0.99 -14.77 -47.84
C SER C 266 -0.41 -15.55 -49.02
N GLU C 267 0.87 -15.37 -49.29
CA GLU C 267 1.53 -16.07 -50.39
C GLU C 267 1.72 -17.55 -50.07
N LYS C 327 6.41 4.97 -46.62
CA LYS C 327 6.97 4.96 -45.27
C LYS C 327 6.81 3.59 -44.64
N GLU C 328 5.78 2.87 -45.05
CA GLU C 328 5.56 1.52 -44.52
C GLU C 328 6.63 0.56 -45.01
N GLY C 329 7.10 0.73 -46.24
CA GLY C 329 8.15 -0.14 -46.75
C GLY C 329 9.48 0.07 -46.04
N GLU C 330 9.80 1.32 -45.69
CA GLU C 330 11.03 1.60 -44.96
C GLU C 330 10.98 0.99 -43.56
N GLN C 331 9.83 1.06 -42.90
CA GLN C 331 9.69 0.47 -41.56
C GLN C 331 9.84 -1.04 -41.60
N ALA C 332 9.30 -1.69 -42.63
CA ALA C 332 9.45 -3.13 -42.77
C ALA C 332 10.91 -3.52 -43.03
N LYS C 333 11.61 -2.72 -43.85
CA LYS C 333 13.01 -3.00 -44.14
C LYS C 333 13.87 -2.83 -42.88
N ALA C 334 13.63 -1.78 -42.10
CA ALA C 334 14.40 -1.56 -40.88
C ALA C 334 14.16 -2.68 -39.87
N LEU C 335 12.92 -3.14 -39.76
CA LEU C 335 12.62 -4.25 -38.86
C LEU C 335 13.25 -5.55 -39.37
N PHE C 336 13.29 -5.74 -40.68
CA PHE C 336 14.00 -6.89 -41.26
C PHE C 336 15.47 -6.85 -40.89
N GLU C 337 16.10 -5.69 -41.01
CA GLU C 337 17.51 -5.54 -40.67
C GLU C 337 17.74 -5.80 -39.19
N LYS C 338 16.84 -5.28 -38.34
CA LYS C 338 16.96 -5.51 -36.90
C LYS C 338 16.83 -7.00 -36.57
N VAL C 339 15.89 -7.70 -37.21
CA VAL C 339 15.70 -9.12 -36.96
C VAL C 339 16.94 -9.90 -37.38
N LYS C 340 17.48 -9.60 -38.55
CA LYS C 340 18.66 -10.30 -39.03
C LYS C 340 19.87 -10.05 -38.13
N LYS C 341 20.08 -8.79 -37.72
CA LYS C 341 21.23 -8.47 -36.90
C LYS C 341 21.08 -9.01 -35.49
N PHE C 342 19.84 -9.20 -35.04
CA PHE C 342 19.62 -9.83 -33.72
C PHE C 342 19.93 -11.33 -33.84
N ARG C 343 19.49 -11.94 -34.93
CA ARG C 343 19.71 -13.37 -35.13
C ARG C 343 21.20 -13.69 -35.20
N THR C 344 21.96 -12.85 -35.91
CA THR C 344 23.41 -13.06 -35.99
C THR C 344 24.07 -12.92 -34.61
N HIS C 345 23.39 -12.26 -33.67
CA HIS C 345 23.94 -12.10 -32.33
C HIS C 345 23.50 -13.23 -31.40
N VAL C 346 22.28 -13.74 -31.60
CA VAL C 346 21.71 -14.68 -30.63
C VAL C 346 22.03 -16.13 -31.00
N GLU C 347 22.14 -16.42 -32.31
CA GLU C 347 22.33 -17.81 -32.73
C GLU C 347 23.74 -18.33 -32.45
N GLU C 348 24.67 -17.45 -32.06
CA GLU C 348 26.03 -17.90 -31.75
C GLU C 348 26.07 -18.79 -30.51
N GLY C 349 25.34 -18.42 -29.47
CA GLY C 349 25.42 -19.14 -28.21
C GLY C 349 24.10 -19.67 -27.70
N ASP C 350 24.16 -20.60 -26.74
CA ASP C 350 22.97 -21.23 -26.16
C ASP C 350 22.93 -21.08 -24.65
N ILE C 351 23.21 -19.87 -24.14
CA ILE C 351 23.25 -19.64 -22.70
C ILE C 351 21.86 -19.82 -22.08
N VAL C 352 20.83 -19.32 -22.77
CA VAL C 352 19.46 -19.37 -22.25
C VAL C 352 18.99 -20.83 -22.14
N TYR C 353 19.29 -21.64 -23.16
CA TYR C 353 18.82 -23.03 -23.14
C TYR C 353 19.49 -23.83 -22.03
N ARG C 354 20.80 -23.70 -21.87
CA ARG C 354 21.49 -24.43 -20.81
C ARG C 354 21.05 -23.95 -19.44
N LEU C 355 20.83 -22.64 -19.29
CA LEU C 355 20.36 -22.15 -17.99
C LEU C 355 18.96 -22.67 -17.67
N TYR C 356 18.09 -22.77 -18.68
CA TYR C 356 16.75 -23.30 -18.44
C TYR C 356 16.79 -24.79 -18.10
N MET C 357 17.65 -25.53 -18.80
CA MET C 357 17.88 -26.94 -18.45
C MET C 357 18.36 -27.10 -17.02
N ARG C 358 19.35 -26.27 -16.62
CA ARG C 358 19.88 -26.36 -15.27
C ARG C 358 18.82 -26.04 -14.23
N GLN C 359 18.02 -25.00 -14.49
CA GLN C 359 16.96 -24.63 -13.56
C GLN C 359 15.93 -25.74 -13.42
N THR C 360 15.53 -26.36 -14.53
CA THR C 360 14.51 -27.41 -14.45
C THR C 360 15.06 -28.65 -13.74
N ILE C 361 16.33 -28.99 -14.00
CA ILE C 361 16.94 -30.14 -13.32
C ILE C 361 17.06 -29.88 -11.82
N ILE C 362 17.43 -28.65 -11.45
CA ILE C 362 17.49 -28.28 -10.03
C ILE C 362 16.10 -28.40 -9.41
N LYS C 363 15.07 -27.97 -10.12
CA LYS C 363 13.71 -28.06 -9.60
C LYS C 363 13.30 -29.51 -9.36
N VAL C 364 13.60 -30.40 -10.32
CA VAL C 364 13.16 -31.78 -10.16
C VAL C 364 13.95 -32.50 -9.06
N ILE C 365 15.26 -32.24 -8.95
CA ILE C 365 16.01 -32.91 -7.89
C ILE C 365 15.63 -32.36 -6.52
N LYS C 366 15.34 -31.06 -6.44
CA LYS C 366 14.88 -30.49 -5.17
C LYS C 366 13.52 -31.06 -4.80
N PHE C 367 12.64 -31.26 -5.78
CA PHE C 367 11.36 -31.90 -5.50
C PHE C 367 11.56 -33.30 -4.96
N ALA C 368 12.49 -34.06 -5.56
CA ALA C 368 12.74 -35.43 -5.09
C ALA C 368 13.22 -35.44 -3.65
N LEU C 369 14.17 -34.56 -3.33
CA LEU C 369 14.67 -34.48 -1.95
C LEU C 369 13.57 -34.07 -0.98
N ILE C 370 12.76 -33.08 -1.38
CA ILE C 370 11.70 -32.58 -0.51
C ILE C 370 10.67 -33.68 -0.23
N ILE C 371 10.22 -34.38 -1.28
CA ILE C 371 9.17 -35.36 -1.08
C ILE C 371 9.71 -36.53 -0.25
N CYS C 372 10.98 -36.90 -0.48
CA CYS C 372 11.56 -38.01 0.27
C CYS C 372 11.65 -37.68 1.76
N TYR C 373 12.24 -36.54 2.10
CA TYR C 373 12.46 -36.27 3.53
C TYR C 373 11.16 -35.89 4.21
N THR C 374 10.22 -35.29 3.49
CA THR C 374 8.93 -34.96 4.09
C THR C 374 8.10 -36.22 4.35
N VAL C 375 8.12 -37.19 3.42
CA VAL C 375 7.45 -38.46 3.68
C VAL C 375 8.11 -39.17 4.86
N TYR C 376 9.45 -39.08 4.95
CA TYR C 376 10.15 -39.72 6.06
C TYR C 376 9.74 -39.11 7.40
N TYR C 377 9.68 -37.78 7.49
CA TYR C 377 9.57 -37.12 8.78
C TYR C 377 8.18 -36.54 9.07
N VAL C 378 7.17 -36.82 8.22
CA VAL C 378 5.83 -36.31 8.52
C VAL C 378 5.20 -37.02 9.71
N HIS C 379 5.52 -38.29 9.94
CA HIS C 379 4.92 -39.03 11.04
C HIS C 379 5.45 -38.59 12.40
N ASN C 380 6.53 -37.80 12.44
CA ASN C 380 7.07 -37.35 13.71
C ASN C 380 6.25 -36.21 14.32
N ILE C 381 5.34 -35.60 13.55
CA ILE C 381 4.46 -34.57 14.08
C ILE C 381 3.32 -35.28 14.80
N LYS C 382 3.35 -35.27 16.13
CA LYS C 382 2.35 -35.94 16.94
C LYS C 382 1.74 -34.94 17.92
N PHE C 383 0.46 -35.15 18.23
CA PHE C 383 -0.19 -34.33 19.25
C PHE C 383 0.39 -34.61 20.62
N ASP C 384 0.28 -35.85 21.08
CA ASP C 384 0.81 -36.23 22.39
C ASP C 384 2.23 -36.74 22.22
N VAL C 385 3.13 -36.27 23.09
CA VAL C 385 4.52 -36.69 23.07
C VAL C 385 4.94 -36.95 24.51
N ASP C 386 6.01 -37.72 24.68
CA ASP C 386 6.50 -38.08 26.01
C ASP C 386 7.91 -37.52 26.16
N CYS C 387 8.04 -36.47 26.96
CA CYS C 387 9.32 -35.81 27.18
C CYS C 387 9.98 -36.34 28.46
N THR C 388 11.29 -36.49 28.39
CA THR C 388 12.11 -36.99 29.50
C THR C 388 13.43 -36.20 29.46
N VAL C 389 13.49 -35.13 30.26
CA VAL C 389 14.59 -34.17 30.14
C VAL C 389 15.51 -34.17 31.35
N ASP C 390 15.12 -34.85 32.43
CA ASP C 390 16.00 -34.98 33.63
C ASP C 390 16.24 -33.61 34.29
N ILE C 391 15.18 -32.88 34.63
CA ILE C 391 15.28 -31.61 35.33
C ILE C 391 14.69 -31.80 36.72
N GLU C 392 14.88 -33.00 37.28
CA GLU C 392 14.35 -33.32 38.60
C GLU C 392 14.88 -32.39 39.68
N SER C 393 16.08 -31.82 39.48
CA SER C 393 16.63 -30.90 40.47
C SER C 393 15.82 -29.62 40.54
N LEU C 394 15.38 -29.10 39.40
CA LEU C 394 14.66 -27.82 39.36
C LEU C 394 13.15 -27.98 39.47
N THR C 395 12.61 -29.13 39.13
CA THR C 395 11.17 -29.34 39.13
C THR C 395 10.70 -30.40 40.11
N GLY C 396 11.40 -31.53 40.20
CA GLY C 396 11.01 -32.62 41.06
C GLY C 396 10.49 -33.83 40.34
N TYR C 397 10.21 -33.71 39.04
CA TYR C 397 9.76 -34.82 38.22
C TYR C 397 10.73 -35.03 37.08
N ARG C 398 10.91 -36.29 36.69
CA ARG C 398 11.82 -36.65 35.61
C ARG C 398 11.13 -36.74 34.25
N THR C 399 9.99 -37.43 34.19
CA THR C 399 9.27 -37.64 32.95
C THR C 399 7.98 -36.84 32.95
N TYR C 400 7.65 -36.24 31.81
CA TYR C 400 6.41 -35.50 31.61
C TYR C 400 5.77 -35.93 30.30
N ARG C 401 4.46 -35.77 30.24
CA ARG C 401 3.67 -36.14 29.07
C ARG C 401 3.10 -34.85 28.50
N CYS C 402 3.58 -34.45 27.33
CA CYS C 402 3.26 -33.17 26.76
C CYS C 402 2.22 -33.31 25.65
N ALA C 403 1.47 -32.23 25.44
CA ALA C 403 0.50 -32.13 24.36
C ALA C 403 0.91 -30.95 23.49
N HIS C 404 1.04 -31.18 22.19
CA HIS C 404 1.41 -30.17 21.21
C HIS C 404 0.17 -29.73 20.44
N PRO C 405 -0.34 -28.52 20.69
CA PRO C 405 -1.61 -28.10 20.06
C PRO C 405 -1.55 -28.04 18.54
N LEU C 406 -0.61 -27.28 17.99
CA LEU C 406 -0.52 -27.17 16.54
C LEU C 406 0.24 -28.34 15.92
N ALA C 407 -0.17 -29.56 16.26
CA ALA C 407 0.40 -30.73 15.62
C ALA C 407 -0.47 -31.19 14.46
N THR C 408 -1.73 -31.53 14.75
CA THR C 408 -2.64 -32.02 13.72
C THR C 408 -2.79 -31.02 12.59
N LEU C 409 -2.98 -29.75 12.93
CA LEU C 409 -2.97 -28.69 11.92
C LEU C 409 -1.70 -28.75 11.11
N PHE C 410 -0.55 -28.74 11.78
CA PHE C 410 0.72 -28.90 11.07
C PHE C 410 0.72 -30.18 10.26
N LYS C 411 0.22 -31.27 10.86
CA LYS C 411 0.12 -32.54 10.13
C LYS C 411 -0.62 -32.36 8.83
N ILE C 412 -1.82 -31.79 8.87
CA ILE C 412 -2.57 -31.69 7.62
C ILE C 412 -1.87 -30.70 6.69
N LEU C 413 -1.28 -29.64 7.26
CA LEU C 413 -0.50 -28.73 6.44
C LEU C 413 0.64 -29.47 5.77
N ALA C 414 1.33 -30.32 6.53
CA ALA C 414 2.38 -31.14 5.95
C ALA C 414 1.83 -31.97 4.80
N SER C 415 0.69 -32.63 5.02
CA SER C 415 0.09 -33.42 3.95
C SER C 415 -0.22 -32.54 2.76
N PHE C 416 -0.82 -31.36 3.02
CA PHE C 416 -1.10 -30.42 1.95
C PHE C 416 0.17 -30.08 1.19
N TYR C 417 1.23 -29.77 1.93
CA TYR C 417 2.50 -29.43 1.29
C TYR C 417 2.96 -30.56 0.40
N ILE C 418 2.89 -31.80 0.92
CA ILE C 418 3.32 -32.96 0.14
C ILE C 418 2.55 -33.02 -1.16
N SER C 419 1.22 -32.84 -1.06
CA SER C 419 0.38 -32.87 -2.25
C SER C 419 0.87 -31.86 -3.27
N LEU C 420 1.06 -30.61 -2.82
CA LEU C 420 1.54 -29.58 -3.73
C LEU C 420 2.88 -29.98 -4.33
N VAL C 421 3.81 -30.43 -3.48
CA VAL C 421 5.13 -30.83 -3.97
C VAL C 421 4.99 -31.93 -4.99
N ILE C 422 4.13 -32.92 -4.70
CA ILE C 422 3.94 -34.02 -5.64
C ILE C 422 3.50 -33.48 -6.99
N PHE C 423 2.47 -32.62 -6.97
CA PHE C 423 1.99 -32.03 -8.23
C PHE C 423 3.12 -31.30 -8.93
N TYR C 424 3.86 -30.48 -8.17
CA TYR C 424 4.98 -29.73 -8.71
C TYR C 424 5.94 -30.67 -9.42
N GLY C 425 6.31 -31.75 -8.72
CA GLY C 425 7.29 -32.67 -9.29
C GLY C 425 6.80 -33.26 -10.59
N LEU C 426 5.52 -33.62 -10.65
CA LEU C 426 4.98 -34.20 -11.87
C LEU C 426 5.17 -33.25 -13.03
N ILE C 427 4.82 -31.97 -12.83
CA ILE C 427 4.99 -30.98 -13.89
C ILE C 427 6.46 -30.90 -14.27
N CYS C 428 7.34 -30.81 -13.27
CA CYS C 428 8.76 -30.75 -13.55
C CYS C 428 9.21 -32.00 -14.29
N MET C 429 8.71 -33.17 -13.88
CA MET C 429 9.04 -34.40 -14.58
C MET C 429 8.66 -34.27 -16.04
N TYR C 430 7.44 -33.81 -16.30
CA TYR C 430 6.98 -33.66 -17.68
C TYR C 430 7.88 -32.69 -18.43
N THR C 431 8.29 -31.60 -17.76
CA THR C 431 9.17 -30.64 -18.39
C THR C 431 10.46 -31.32 -18.84
N LEU C 432 11.04 -32.13 -17.96
CA LEU C 432 12.23 -32.91 -18.32
C LEU C 432 11.97 -33.70 -19.59
N TRP C 433 10.86 -34.45 -19.61
CA TRP C 433 10.55 -35.27 -20.77
C TRP C 433 10.41 -34.40 -22.00
N TRP C 434 9.72 -33.26 -21.87
CA TRP C 434 9.54 -32.40 -23.03
C TRP C 434 10.88 -31.87 -23.51
N MET C 435 11.74 -31.47 -22.57
CA MET C 435 13.01 -30.89 -22.99
C MET C 435 13.98 -32.00 -23.39
N LEU C 436 13.60 -33.25 -23.17
CA LEU C 436 14.32 -34.39 -23.71
C LEU C 436 13.52 -35.14 -24.76
N ARG C 437 12.36 -34.60 -25.17
CA ARG C 437 11.61 -35.25 -26.24
C ARG C 437 12.29 -35.07 -27.58
N ARG C 438 12.74 -33.85 -27.88
CA ARG C 438 13.33 -33.51 -29.16
C ARG C 438 14.45 -32.51 -28.94
N SER C 439 15.19 -32.22 -30.01
CA SER C 439 16.28 -31.26 -29.95
C SER C 439 15.68 -29.86 -29.87
N LEU C 440 15.59 -29.32 -28.66
CA LEU C 440 15.04 -27.99 -28.47
C LEU C 440 15.98 -26.92 -29.04
N LYS C 441 17.26 -27.24 -29.20
CA LYS C 441 18.22 -26.32 -29.77
C LYS C 441 18.19 -26.29 -31.29
N LYS C 442 17.33 -27.08 -31.92
CA LYS C 442 17.20 -27.12 -33.37
C LYS C 442 15.72 -26.95 -33.73
N TYR C 443 15.33 -25.70 -34.01
CA TYR C 443 13.96 -25.40 -34.42
C TYR C 443 13.88 -25.54 -35.93
N SER C 444 12.99 -26.41 -36.39
CA SER C 444 12.76 -26.62 -37.82
C SER C 444 11.48 -25.91 -38.23
N PHE C 445 11.58 -25.08 -39.26
CA PHE C 445 10.43 -24.33 -39.78
C PHE C 445 9.76 -25.04 -40.95
N GLU C 446 9.81 -26.38 -40.98
CA GLU C 446 9.37 -27.13 -42.15
C GLU C 446 7.88 -26.94 -42.42
N SER C 447 7.05 -26.96 -41.37
CA SER C 447 5.62 -26.81 -41.55
C SER C 447 5.27 -25.43 -42.09
N ILE C 448 5.89 -24.39 -41.54
CA ILE C 448 5.56 -23.02 -41.94
C ILE C 448 6.04 -22.75 -43.36
N ARG C 449 7.28 -23.15 -43.68
CA ARG C 449 7.80 -22.91 -45.01
C ARG C 449 7.15 -23.82 -46.05
N GLU C 450 6.58 -24.95 -45.62
CA GLU C 450 5.82 -25.79 -46.53
C GLU C 450 4.44 -25.20 -46.81
N GLU C 451 3.81 -24.64 -45.78
CA GLU C 451 2.50 -24.02 -45.95
C GLU C 451 2.60 -22.72 -46.77
N SER C 452 3.53 -21.85 -46.40
CA SER C 452 3.70 -20.59 -47.10
C SER C 452 4.58 -20.78 -48.34
N SER C 453 4.59 -19.75 -49.19
CA SER C 453 5.37 -19.80 -50.41
C SER C 453 6.87 -19.74 -50.11
N TYR C 454 7.26 -19.04 -49.06
CA TYR C 454 8.67 -18.85 -48.73
C TYR C 454 9.21 -20.14 -48.11
N SER C 455 9.84 -20.98 -48.92
CA SER C 455 10.44 -22.22 -48.46
C SER C 455 11.93 -22.09 -48.18
N ASP C 456 12.48 -20.88 -48.24
CA ASP C 456 13.90 -20.68 -48.06
C ASP C 456 14.31 -20.59 -46.60
N ILE C 457 13.34 -20.66 -45.68
CA ILE C 457 13.60 -20.47 -44.26
C ILE C 457 14.52 -21.57 -43.74
N PRO C 458 15.68 -21.23 -43.21
CA PRO C 458 16.60 -22.27 -42.71
C PRO C 458 16.27 -22.69 -41.29
N ASP C 459 16.97 -23.71 -40.80
CA ASP C 459 16.72 -24.22 -39.46
C ASP C 459 17.41 -23.33 -38.43
N VAL C 460 16.68 -22.97 -37.38
CA VAL C 460 17.21 -22.11 -36.33
C VAL C 460 17.94 -22.97 -35.30
N LYS C 461 19.01 -22.42 -34.72
CA LYS C 461 19.81 -23.14 -33.76
C LYS C 461 20.01 -22.33 -32.48
N ASN C 462 20.25 -23.08 -31.39
CA ASN C 462 20.69 -22.55 -30.08
C ASN C 462 19.56 -21.74 -29.43
N ASP C 463 19.86 -20.57 -28.85
CA ASP C 463 18.90 -19.87 -28.00
C ASP C 463 17.69 -19.40 -28.79
N PHE C 464 17.91 -18.93 -30.02
CA PHE C 464 16.81 -18.52 -30.87
C PHE C 464 15.88 -19.70 -31.15
N ALA C 465 16.46 -20.88 -31.39
CA ALA C 465 15.65 -22.06 -31.62
C ALA C 465 14.83 -22.44 -30.40
N PHE C 466 15.47 -22.44 -29.22
CA PHE C 466 14.74 -22.81 -28.00
C PHE C 466 13.66 -21.79 -27.67
N MET C 467 13.95 -20.51 -27.90
CA MET C 467 12.98 -19.46 -27.61
C MET C 467 11.81 -19.52 -28.57
N LEU C 468 12.07 -19.84 -29.84
CA LEU C 468 10.98 -20.06 -30.78
C LEU C 468 10.19 -21.31 -30.43
N HIS C 469 10.83 -22.33 -29.87
CA HIS C 469 10.10 -23.49 -29.39
C HIS C 469 9.16 -23.12 -28.24
N LEU C 470 9.63 -22.27 -27.33
CA LEU C 470 8.76 -21.77 -26.26
C LEU C 470 7.61 -20.94 -26.82
N ILE C 471 7.88 -20.15 -27.85
CA ILE C 471 6.84 -19.37 -28.52
C ILE C 471 5.79 -20.30 -29.13
N ASP C 472 6.27 -21.36 -29.79
CA ASP C 472 5.36 -22.36 -30.38
C ASP C 472 4.50 -22.97 -29.27
N GLN C 473 5.12 -23.25 -28.11
CA GLN C 473 4.36 -23.80 -27.00
C GLN C 473 3.28 -22.83 -26.52
N TYR C 474 3.60 -21.54 -26.42
CA TYR C 474 2.61 -20.57 -25.95
C TYR C 474 1.60 -20.29 -27.06
N ASP C 475 2.09 -19.97 -28.26
CA ASP C 475 1.20 -19.70 -29.38
C ASP C 475 1.90 -19.98 -30.71
N PRO C 476 1.46 -21.01 -31.45
CA PRO C 476 2.08 -21.26 -32.77
C PRO C 476 1.87 -20.14 -33.77
N LEU C 477 0.91 -19.24 -33.50
CA LEU C 477 0.65 -18.13 -34.40
C LEU C 477 1.84 -17.20 -34.50
N TYR C 478 2.49 -16.90 -33.36
CA TYR C 478 3.58 -15.93 -33.36
C TYR C 478 4.78 -16.41 -34.15
N SER C 479 5.15 -17.69 -34.02
CA SER C 479 6.29 -18.21 -34.74
C SER C 479 6.04 -18.22 -36.24
N LYS C 480 4.85 -18.65 -36.66
CA LYS C 480 4.49 -18.64 -38.07
C LYS C 480 4.47 -17.24 -38.64
N ARG C 481 3.94 -16.28 -37.88
CA ARG C 481 3.87 -14.90 -38.31
C ARG C 481 5.24 -14.22 -38.35
N PHE C 482 6.17 -14.62 -37.49
CA PHE C 482 7.52 -14.08 -37.49
C PHE C 482 8.42 -14.74 -38.53
N ALA C 483 8.09 -15.96 -38.95
CA ALA C 483 9.00 -16.73 -39.79
C ALA C 483 9.23 -16.10 -41.15
N VAL C 484 8.28 -15.27 -41.61
CA VAL C 484 8.36 -14.69 -42.99
C VAL C 484 9.47 -13.64 -43.06
N PHE C 485 9.73 -12.90 -41.98
CA PHE C 485 10.83 -11.94 -41.99
C PHE C 485 12.18 -12.60 -41.80
N LEU C 486 12.22 -13.88 -41.41
CA LEU C 486 13.48 -14.59 -41.37
C LEU C 486 13.86 -15.11 -42.75
N SER C 487 12.94 -15.04 -43.71
CA SER C 487 13.20 -15.53 -45.05
C SER C 487 13.64 -14.38 -45.96
N GLU C 488 14.72 -14.59 -46.70
CA GLU C 488 15.27 -13.56 -47.58
C GLU C 488 14.47 -13.38 -48.86
N VAL C 489 13.71 -14.38 -49.29
CA VAL C 489 12.89 -14.18 -50.49
C VAL C 489 11.68 -13.31 -50.16
N SER C 490 11.32 -13.22 -48.88
CA SER C 490 10.34 -12.22 -48.47
C SER C 490 10.91 -10.81 -48.64
N GLU C 491 12.20 -10.64 -48.37
CA GLU C 491 12.88 -9.38 -48.70
C GLU C 491 12.96 -9.18 -50.20
N ASN C 492 13.07 -10.27 -50.97
CA ASN C 492 13.00 -10.17 -52.42
C ASN C 492 11.63 -9.66 -52.87
N LYS C 493 10.57 -10.10 -52.19
CA LYS C 493 9.26 -9.50 -52.41
C LYS C 493 9.26 -8.03 -52.02
N LEU C 494 9.91 -7.69 -50.91
CA LEU C 494 10.04 -6.31 -50.48
C LEU C 494 11.07 -5.56 -51.32
N PRO D 15 -10.51 -5.24 -16.14
CA PRO D 15 -9.29 -5.42 -16.93
C PRO D 15 -9.58 -5.58 -18.42
N ALA D 16 -8.61 -6.14 -19.15
CA ALA D 16 -8.80 -6.35 -20.59
C ALA D 16 -9.85 -7.41 -20.87
N TYR D 17 -10.02 -8.38 -19.97
CA TYR D 17 -11.00 -9.44 -20.11
C TYR D 17 -12.34 -9.09 -19.49
N ARG D 18 -12.57 -7.82 -19.17
CA ARG D 18 -13.85 -7.41 -18.61
C ARG D 18 -14.98 -7.65 -19.61
N ILE D 19 -14.70 -7.48 -20.90
CA ILE D 19 -15.72 -7.67 -21.92
C ILE D 19 -16.12 -9.14 -22.03
N LEU D 20 -15.25 -10.05 -21.61
CA LEU D 20 -15.52 -11.48 -21.65
C LEU D 20 -16.18 -12.00 -20.38
N LYS D 21 -16.50 -11.12 -19.43
CA LYS D 21 -17.10 -11.55 -18.16
C LYS D 21 -18.55 -11.12 -18.10
N PRO D 22 -19.51 -12.02 -18.27
CA PRO D 22 -20.93 -11.62 -18.17
C PRO D 22 -21.35 -11.38 -16.74
N TRP D 23 -22.65 -11.18 -16.53
CA TRP D 23 -23.15 -10.88 -15.18
C TRP D 23 -22.93 -12.05 -14.24
N TRP D 24 -23.08 -13.28 -14.75
CA TRP D 24 -22.89 -14.45 -13.89
C TRP D 24 -21.44 -14.55 -13.42
N ASP D 25 -20.50 -14.28 -14.31
CA ASP D 25 -19.09 -14.35 -13.94
C ASP D 25 -18.72 -13.31 -12.89
N VAL D 26 -19.20 -12.07 -13.06
CA VAL D 26 -18.85 -11.02 -12.12
C VAL D 26 -19.57 -11.22 -10.79
N PHE D 27 -20.80 -11.76 -10.82
CA PHE D 27 -21.49 -12.07 -9.58
C PHE D 27 -20.79 -13.18 -8.82
N THR D 28 -20.33 -14.22 -9.52
CA THR D 28 -19.56 -15.27 -8.87
C THR D 28 -18.24 -14.73 -8.36
N ASP D 29 -17.65 -13.76 -9.05
CA ASP D 29 -16.41 -13.16 -8.58
C ASP D 29 -16.60 -12.41 -7.27
N TYR D 30 -17.67 -11.61 -7.18
CA TYR D 30 -17.94 -10.92 -5.92
C TYR D 30 -18.34 -11.89 -4.80
N ILE D 31 -19.09 -12.93 -5.13
CA ILE D 31 -19.43 -13.94 -4.12
C ILE D 31 -18.18 -14.63 -3.62
N SER D 32 -17.25 -14.95 -4.53
CA SER D 32 -15.99 -15.56 -4.12
C SER D 32 -15.16 -14.62 -3.27
N ILE D 33 -15.17 -13.32 -3.59
CA ILE D 33 -14.45 -12.34 -2.77
C ILE D 33 -15.03 -12.28 -1.37
N VAL D 34 -16.36 -12.28 -1.26
CA VAL D 34 -17.00 -12.25 0.05
C VAL D 34 -16.71 -13.53 0.83
N MET D 35 -16.73 -14.68 0.14
CA MET D 35 -16.42 -15.95 0.79
C MET D 35 -14.98 -15.97 1.28
N LEU D 36 -14.05 -15.43 0.49
CA LEU D 36 -12.66 -15.34 0.91
C LEU D 36 -12.53 -14.41 2.12
N MET D 37 -13.29 -13.32 2.14
CA MET D 37 -13.26 -12.41 3.29
C MET D 37 -13.72 -13.11 4.56
N ILE D 38 -14.84 -13.84 4.50
CA ILE D 38 -15.31 -14.52 5.69
C ILE D 38 -14.39 -15.69 6.05
N ALA D 39 -13.73 -16.30 5.06
CA ALA D 39 -12.76 -17.35 5.34
C ALA D 39 -11.56 -16.79 6.10
N VAL D 40 -11.06 -15.63 5.68
CA VAL D 40 -9.94 -15.01 6.38
C VAL D 40 -10.37 -14.59 7.78
N PHE D 41 -11.59 -14.06 7.91
CA PHE D 41 -12.12 -13.70 9.22
C PHE D 41 -12.15 -14.90 10.16
N GLY D 42 -12.73 -16.01 9.69
CA GLY D 42 -12.78 -17.21 10.51
C GLY D 42 -11.42 -17.80 10.79
N GLY D 43 -10.49 -17.68 9.84
CA GLY D 43 -9.15 -18.19 10.06
C GLY D 43 -8.41 -17.42 11.14
N THR D 44 -8.49 -16.09 11.09
CA THR D 44 -7.89 -15.28 12.15
C THR D 44 -8.56 -15.53 13.49
N LEU D 45 -9.89 -15.70 13.48
CA LEU D 45 -10.61 -16.01 14.70
C LEU D 45 -10.17 -17.34 15.30
N GLN D 46 -9.99 -18.36 14.45
CA GLN D 46 -9.59 -19.67 14.95
C GLN D 46 -8.13 -19.66 15.40
N VAL D 47 -7.32 -18.81 14.77
CA VAL D 47 -5.91 -18.72 15.17
C VAL D 47 -5.80 -18.04 16.53
N ASP D 48 -6.55 -16.96 16.76
CA ASP D 48 -6.38 -16.15 17.96
C ASP D 48 -7.31 -16.58 19.08
N GLN D 49 -8.63 -16.53 18.89
CA GLN D 49 -9.57 -16.64 19.99
C GLN D 49 -10.25 -18.01 20.11
N ASP D 50 -9.85 -19.00 19.33
CA ASP D 50 -10.51 -20.31 19.41
C ASP D 50 -9.88 -21.14 20.51
N LYS D 51 -10.71 -21.65 21.41
CA LYS D 51 -10.29 -22.53 22.48
C LYS D 51 -11.54 -23.28 22.95
N MET D 52 -11.44 -23.92 24.10
CA MET D 52 -12.62 -24.42 24.79
C MET D 52 -12.33 -24.45 26.28
N ILE D 53 -13.25 -23.88 27.06
CA ILE D 53 -13.09 -23.86 28.51
C ILE D 53 -13.73 -25.12 29.07
N CYS D 54 -12.91 -26.04 29.58
CA CYS D 54 -13.38 -27.34 30.02
C CYS D 54 -13.28 -27.44 31.53
N LEU D 55 -14.41 -27.77 32.17
CA LEU D 55 -14.46 -28.00 33.60
C LEU D 55 -14.80 -29.45 33.86
N PRO D 56 -14.10 -30.11 34.79
CA PRO D 56 -14.39 -31.52 35.05
C PRO D 56 -15.74 -31.71 35.73
N CYS D 57 -16.34 -32.88 35.49
CA CYS D 57 -17.57 -33.27 36.16
C CYS D 57 -17.21 -33.95 37.46
N LYS D 58 -17.51 -33.29 38.59
CA LYS D 58 -17.12 -33.81 39.89
C LYS D 58 -17.86 -35.10 40.21
N TRP D 59 -19.14 -35.18 39.87
CA TRP D 59 -19.95 -36.36 40.12
C TRP D 59 -20.16 -37.11 38.82
N VAL D 60 -19.92 -38.42 38.85
CA VAL D 60 -19.98 -39.26 37.66
C VAL D 60 -20.94 -40.42 37.89
N THR D 61 -21.52 -40.91 36.81
CA THR D 61 -22.39 -42.09 36.82
C THR D 61 -22.03 -42.94 35.60
N LYS D 62 -21.26 -44.01 35.84
CA LYS D 62 -20.80 -44.93 34.81
C LYS D 62 -20.06 -44.19 33.69
N ASP D 63 -18.99 -43.50 34.10
CA ASP D 63 -18.13 -42.73 33.20
C ASP D 63 -18.91 -41.69 32.41
N SER D 64 -19.78 -40.95 33.10
CA SER D 64 -20.57 -39.89 32.49
C SER D 64 -20.59 -38.71 33.46
N CYS D 65 -21.47 -37.74 33.19
CA CYS D 65 -21.59 -36.54 34.02
C CYS D 65 -22.89 -36.65 34.81
N ASN D 66 -22.77 -37.07 36.08
CA ASN D 66 -23.95 -37.17 36.94
C ASN D 66 -24.55 -35.80 37.20
N ASP D 67 -23.71 -34.82 37.52
CA ASP D 67 -24.12 -33.43 37.73
C ASP D 67 -25.20 -33.29 38.81
N SER D 68 -24.90 -33.87 39.98
CA SER D 68 -25.84 -33.82 41.10
C SER D 68 -25.74 -32.50 41.85
N GLY D 185 -25.60 -19.92 52.12
CA GLY D 185 -25.14 -19.47 50.81
C GLY D 185 -24.35 -20.53 50.07
N PRO D 186 -24.42 -20.51 48.74
CA PRO D 186 -23.66 -21.48 47.95
C PRO D 186 -22.16 -21.24 48.07
N THR D 187 -21.40 -22.33 47.92
CA THR D 187 -19.95 -22.28 47.96
C THR D 187 -19.40 -22.95 46.70
N GLY D 188 -18.36 -22.36 46.13
CA GLY D 188 -17.83 -22.85 44.88
C GLY D 188 -17.20 -24.22 45.01
N ILE D 189 -17.28 -24.99 43.91
CA ILE D 189 -16.73 -26.33 43.87
C ILE D 189 -15.22 -26.24 43.70
N LYS D 190 -14.48 -26.92 44.57
CA LYS D 190 -13.02 -26.95 44.49
C LYS D 190 -12.60 -28.18 43.70
N TYR D 191 -12.14 -27.96 42.47
CA TYR D 191 -11.67 -29.05 41.63
C TYR D 191 -10.21 -29.41 41.89
N ASP D 192 -9.48 -28.56 42.64
CA ASP D 192 -8.12 -28.85 43.08
C ASP D 192 -7.18 -29.09 41.90
N LEU D 193 -7.37 -28.33 40.83
CA LEU D 193 -6.56 -28.45 39.63
C LEU D 193 -5.74 -27.18 39.43
N ASP D 194 -4.50 -27.34 38.99
CA ASP D 194 -3.67 -26.21 38.67
C ASP D 194 -4.12 -25.57 37.37
N ARG D 195 -3.55 -24.40 37.06
CA ARG D 195 -3.86 -23.75 35.80
C ARG D 195 -3.36 -24.58 34.61
N HIS D 196 -2.20 -25.20 34.76
CA HIS D 196 -1.66 -25.98 33.66
C HIS D 196 -2.40 -27.30 33.45
N GLN D 197 -2.94 -27.89 34.52
CA GLN D 197 -3.81 -29.04 34.34
C GLN D 197 -5.06 -28.66 33.56
N TYR D 198 -5.60 -27.48 33.83
CA TYR D 198 -6.74 -26.98 33.06
C TYR D 198 -6.36 -26.76 31.60
N ASN D 199 -5.18 -26.19 31.35
CA ASN D 199 -4.74 -25.99 29.97
C ASN D 199 -4.55 -27.31 29.25
N TYR D 200 -4.00 -28.32 29.94
CA TYR D 200 -3.84 -29.64 29.35
C TYR D 200 -5.20 -30.26 29.03
N VAL D 201 -6.17 -30.11 29.95
CA VAL D 201 -7.51 -30.62 29.72
C VAL D 201 -8.14 -29.95 28.50
N ASP D 202 -7.99 -28.63 28.40
CA ASP D 202 -8.53 -27.89 27.25
C ASP D 202 -7.92 -28.38 25.95
N ALA D 203 -6.59 -28.51 25.91
CA ALA D 203 -5.92 -28.92 24.67
C ALA D 203 -6.31 -30.35 24.29
N VAL D 204 -6.35 -31.25 25.26
CA VAL D 204 -6.65 -32.66 24.95
C VAL D 204 -8.10 -32.81 24.50
N CYS D 205 -9.03 -32.13 25.16
CA CYS D 205 -10.43 -32.22 24.72
C CYS D 205 -10.67 -31.52 23.39
N TYR D 206 -9.95 -30.42 23.11
CA TYR D 206 -10.03 -29.76 21.82
C TYR D 206 -9.52 -30.68 20.71
N GLU D 207 -8.44 -31.42 20.96
CA GLU D 207 -7.93 -32.33 19.95
C GLU D 207 -8.83 -33.55 19.77
N ASN D 208 -9.28 -34.14 20.89
CA ASN D 208 -9.97 -35.42 20.81
C ASN D 208 -11.46 -35.27 20.56
N ARG D 209 -12.19 -34.61 21.46
CA ARG D 209 -13.65 -34.55 21.38
C ARG D 209 -14.07 -33.14 20.99
N LEU D 210 -14.03 -32.88 19.68
CA LEU D 210 -14.58 -31.68 19.08
C LEU D 210 -14.60 -31.98 17.59
N HIS D 211 -15.76 -31.84 16.95
CA HIS D 211 -15.91 -32.28 15.57
C HIS D 211 -14.96 -31.51 14.65
N TRP D 212 -14.42 -32.22 13.66
CA TRP D 212 -13.40 -31.63 12.79
C TRP D 212 -13.93 -30.46 11.99
N PHE D 213 -15.24 -30.42 11.75
CA PHE D 213 -15.83 -29.29 11.06
C PHE D 213 -15.69 -28.01 11.88
N ALA D 214 -15.97 -28.09 13.19
CA ALA D 214 -15.91 -26.90 14.03
C ALA D 214 -14.48 -26.38 14.16
N LYS D 215 -13.49 -27.23 13.91
CA LYS D 215 -12.10 -26.81 14.02
C LYS D 215 -11.56 -26.30 12.69
N TYR D 216 -11.85 -27.00 11.59
CA TYR D 216 -11.25 -26.67 10.29
C TYR D 216 -12.25 -26.07 9.32
N PHE D 217 -13.35 -25.50 9.81
CA PHE D 217 -14.27 -24.81 8.91
C PHE D 217 -13.65 -23.60 8.20
N PRO D 218 -12.90 -22.70 8.87
CA PRO D 218 -12.27 -21.61 8.10
C PRO D 218 -11.31 -22.08 7.02
N TYR D 219 -10.53 -23.13 7.28
CA TYR D 219 -9.65 -23.64 6.23
C TYR D 219 -10.45 -24.31 5.12
N LEU D 220 -11.58 -24.93 5.47
CA LEU D 220 -12.43 -25.52 4.43
C LEU D 220 -13.01 -24.46 3.51
N VAL D 221 -13.54 -23.37 4.07
CA VAL D 221 -14.11 -22.34 3.21
C VAL D 221 -13.00 -21.63 2.43
N LEU D 222 -11.83 -21.47 3.03
CA LEU D 222 -10.70 -20.88 2.32
C LEU D 222 -10.28 -21.74 1.14
N LEU D 223 -10.18 -23.05 1.35
CA LEU D 223 -9.77 -23.95 0.27
C LEU D 223 -10.83 -24.01 -0.83
N HIS D 224 -12.10 -24.06 -0.45
CA HIS D 224 -13.16 -24.11 -1.45
C HIS D 224 -13.24 -22.81 -2.24
N THR D 225 -13.05 -21.67 -1.57
CA THR D 225 -13.04 -20.38 -2.27
C THR D 225 -11.85 -20.29 -3.21
N LEU D 226 -10.68 -20.77 -2.79
CA LEU D 226 -9.52 -20.75 -3.67
C LEU D 226 -9.73 -21.67 -4.87
N ILE D 227 -10.36 -22.82 -4.66
CA ILE D 227 -10.64 -23.73 -5.78
C ILE D 227 -11.62 -23.09 -6.75
N PHE D 228 -12.66 -22.43 -6.23
CA PHE D 228 -13.62 -21.74 -7.08
C PHE D 228 -12.95 -20.62 -7.86
N LEU D 229 -12.10 -19.84 -7.20
CA LEU D 229 -11.43 -18.72 -7.85
C LEU D 229 -10.46 -19.21 -8.93
N ALA D 230 -9.72 -20.28 -8.64
CA ALA D 230 -8.82 -20.86 -9.64
C ALA D 230 -9.59 -21.43 -10.81
N CYS D 231 -10.73 -22.07 -10.55
CA CYS D 231 -11.54 -22.61 -11.63
C CYS D 231 -12.13 -21.50 -12.49
N SER D 232 -12.47 -20.36 -11.88
CA SER D 232 -12.99 -19.24 -12.65
C SER D 232 -11.91 -18.54 -13.46
N ASN D 233 -10.70 -18.40 -12.90
CA ASN D 233 -9.63 -17.66 -13.55
C ASN D 233 -8.67 -18.54 -14.34
N PHE D 234 -8.92 -19.85 -14.42
CA PHE D 234 -8.10 -20.71 -15.27
C PHE D 234 -8.32 -20.41 -16.75
N TRP D 235 -9.40 -19.69 -17.06
CA TRP D 235 -9.67 -19.27 -18.44
C TRP D 235 -8.57 -18.37 -18.98
N PHE D 236 -8.11 -17.42 -18.16
CA PHE D 236 -7.17 -16.40 -18.59
C PHE D 236 -5.72 -16.73 -18.28
N LYS D 237 -5.45 -17.91 -17.73
CA LYS D 237 -4.08 -18.28 -17.36
C LYS D 237 -3.50 -19.40 -18.20
N PHE D 238 -4.33 -20.27 -18.77
CA PHE D 238 -3.86 -21.30 -19.66
C PHE D 238 -3.38 -20.65 -20.97
N PRO D 239 -2.11 -20.83 -21.36
CA PRO D 239 -1.52 -19.99 -22.41
C PRO D 239 -2.24 -19.99 -23.75
N ARG D 240 -2.74 -21.15 -24.19
CA ARG D 240 -3.45 -21.21 -25.46
C ARG D 240 -4.74 -20.39 -25.40
N THR D 241 -5.57 -20.66 -24.40
CA THR D 241 -6.82 -19.92 -24.26
C THR D 241 -6.57 -18.47 -23.88
N SER D 242 -5.56 -18.21 -23.04
CA SER D 242 -5.23 -16.83 -22.68
C SER D 242 -4.82 -16.01 -23.90
N SER D 243 -4.00 -16.60 -24.77
CA SER D 243 -3.59 -15.91 -26.00
C SER D 243 -4.78 -15.69 -26.91
N LYS D 244 -5.66 -16.69 -27.03
CA LYS D 244 -6.84 -16.54 -27.87
C LYS D 244 -7.72 -15.40 -27.39
N LEU D 245 -8.04 -15.38 -26.08
CA LEU D 245 -8.88 -14.31 -25.54
C LEU D 245 -8.21 -12.95 -25.66
N GLU D 246 -6.91 -12.87 -25.39
CA GLU D 246 -6.23 -11.58 -25.46
C GLU D 246 -6.22 -11.03 -26.88
N HIS D 247 -5.94 -11.87 -27.87
CA HIS D 247 -5.83 -11.39 -29.24
C HIS D 247 -7.22 -11.05 -29.76
N PHE D 248 -8.24 -11.83 -29.35
CA PHE D 248 -9.63 -11.49 -29.63
C PHE D 248 -10.01 -10.14 -29.02
N VAL D 249 -9.59 -9.89 -27.78
CA VAL D 249 -9.90 -8.62 -27.12
C VAL D 249 -9.26 -7.47 -27.87
N SER D 250 -8.03 -7.67 -28.34
CA SER D 250 -7.36 -6.61 -29.10
C SER D 250 -8.10 -6.30 -30.39
N ILE D 251 -8.50 -7.34 -31.14
CA ILE D 251 -9.25 -7.10 -32.38
C ILE D 251 -10.58 -6.41 -32.09
N LEU D 252 -11.30 -6.87 -31.06
CA LEU D 252 -12.59 -6.27 -30.73
C LEU D 252 -12.45 -4.81 -30.32
N LEU D 253 -11.42 -4.48 -29.54
CA LEU D 253 -11.22 -3.09 -29.12
C LEU D 253 -10.87 -2.21 -30.31
N LYS D 254 -9.92 -2.65 -31.15
CA LYS D 254 -9.52 -1.78 -32.26
C LYS D 254 -10.59 -1.75 -33.35
N CYS D 255 -11.48 -2.74 -33.38
CA CYS D 255 -12.63 -2.68 -34.28
C CYS D 255 -13.69 -1.72 -33.75
N PHE D 256 -13.87 -1.69 -32.43
CA PHE D 256 -14.77 -0.71 -31.83
C PHE D 256 -14.25 0.71 -32.05
N ASP D 257 -12.93 0.87 -32.09
CA ASP D 257 -12.33 2.17 -32.36
C ASP D 257 -11.93 2.35 -33.83
N SER D 258 -12.36 1.44 -34.71
CA SER D 258 -12.00 1.55 -36.12
C SER D 258 -12.89 2.55 -36.84
N PRO D 259 -12.32 3.56 -37.51
CA PRO D 259 -13.16 4.48 -38.30
C PRO D 259 -13.86 3.81 -39.48
N TRP D 260 -13.29 2.73 -40.03
CA TRP D 260 -13.96 2.07 -41.15
C TRP D 260 -15.18 1.31 -40.68
N THR D 261 -15.18 0.85 -39.43
CA THR D 261 -16.41 0.34 -38.81
C THR D 261 -17.49 1.41 -38.84
N THR D 262 -17.11 2.64 -38.50
CA THR D 262 -18.05 3.76 -38.51
C THR D 262 -18.58 4.01 -39.91
N ARG D 263 -17.70 4.02 -40.90
CA ARG D 263 -18.14 4.28 -42.27
C ARG D 263 -19.02 3.15 -42.80
N ALA D 264 -18.70 1.91 -42.44
CA ALA D 264 -19.53 0.77 -42.85
C ALA D 264 -20.90 0.81 -42.19
N LEU D 265 -20.96 1.23 -40.92
CA LEU D 265 -22.25 1.40 -40.26
C LEU D 265 -23.05 2.52 -40.91
N SER D 266 -22.38 3.61 -41.30
CA SER D 266 -23.06 4.69 -42.00
C SER D 266 -23.54 4.25 -43.37
N GLU D 267 -22.72 3.49 -44.09
CA GLU D 267 -23.09 3.00 -45.41
C GLU D 267 -23.79 1.64 -45.32
N LEU D 324 -12.36 8.84 -47.47
CA LEU D 324 -11.52 7.88 -46.76
C LEU D 324 -10.06 8.24 -46.88
N ASP D 325 -9.41 8.48 -45.74
CA ASP D 325 -7.98 8.77 -45.74
C ASP D 325 -7.19 7.51 -46.07
N LYS D 326 -6.01 7.71 -46.67
CA LYS D 326 -5.19 6.57 -47.07
C LYS D 326 -4.65 5.82 -45.87
N LYS D 327 -4.27 6.55 -44.81
CA LYS D 327 -3.77 5.90 -43.60
C LYS D 327 -4.87 5.08 -42.93
N GLU D 328 -6.06 5.67 -42.80
CA GLU D 328 -7.19 4.95 -42.22
C GLU D 328 -7.60 3.77 -43.10
N GLY D 329 -7.48 3.92 -44.42
CA GLY D 329 -7.75 2.80 -45.31
C GLY D 329 -6.75 1.67 -45.14
N GLU D 330 -5.47 2.02 -44.95
CA GLU D 330 -4.45 1.00 -44.70
C GLU D 330 -4.73 0.26 -43.39
N GLN D 331 -5.08 1.00 -42.33
CA GLN D 331 -5.43 0.36 -41.07
C GLN D 331 -6.67 -0.51 -41.21
N ALA D 332 -7.64 -0.06 -42.03
CA ALA D 332 -8.85 -0.83 -42.26
C ALA D 332 -8.54 -2.15 -42.98
N LYS D 333 -7.69 -2.09 -44.01
CA LYS D 333 -7.33 -3.30 -44.73
C LYS D 333 -6.56 -4.26 -43.83
N ALA D 334 -5.65 -3.72 -43.02
CA ALA D 334 -4.91 -4.55 -42.08
C ALA D 334 -5.84 -5.22 -41.08
N LEU D 335 -6.81 -4.48 -40.56
CA LEU D 335 -7.73 -5.05 -39.58
C LEU D 335 -8.68 -6.05 -40.23
N PHE D 336 -9.05 -5.83 -41.49
CA PHE D 336 -9.86 -6.80 -42.21
C PHE D 336 -9.11 -8.12 -42.37
N GLU D 337 -7.83 -8.03 -42.76
CA GLU D 337 -7.02 -9.22 -42.90
C GLU D 337 -6.82 -9.92 -41.55
N LYS D 338 -6.64 -9.13 -40.49
CA LYS D 338 -6.53 -9.71 -39.15
C LYS D 338 -7.82 -10.43 -38.76
N VAL D 339 -8.98 -9.85 -39.11
CA VAL D 339 -10.26 -10.46 -38.79
C VAL D 339 -10.42 -11.80 -39.49
N LYS D 340 -10.13 -11.83 -40.80
CA LYS D 340 -10.33 -13.09 -41.53
C LYS D 340 -9.32 -14.15 -41.11
N LYS D 341 -8.08 -13.74 -40.82
CA LYS D 341 -7.07 -14.71 -40.40
C LYS D 341 -7.37 -15.23 -38.99
N PHE D 342 -7.96 -14.37 -38.14
CA PHE D 342 -8.46 -14.84 -36.85
C PHE D 342 -9.61 -15.83 -37.02
N ARG D 343 -10.52 -15.55 -37.96
CA ARG D 343 -11.63 -16.48 -38.23
C ARG D 343 -11.11 -17.83 -38.67
N THR D 344 -10.07 -17.83 -39.51
CA THR D 344 -9.44 -19.10 -39.88
C THR D 344 -8.75 -19.75 -38.69
N HIS D 345 -8.13 -18.94 -37.82
CA HIS D 345 -7.24 -19.48 -36.80
C HIS D 345 -8.01 -20.08 -35.62
N VAL D 346 -9.18 -19.55 -35.31
CA VAL D 346 -9.92 -19.96 -34.11
C VAL D 346 -11.04 -20.95 -34.41
N GLU D 347 -11.50 -20.99 -35.66
CA GLU D 347 -12.64 -21.86 -35.98
C GLU D 347 -12.21 -23.32 -36.08
N GLU D 348 -10.91 -23.58 -36.23
CA GLU D 348 -10.44 -24.95 -36.42
C GLU D 348 -10.65 -25.80 -35.17
N GLY D 349 -10.50 -25.22 -33.99
CA GLY D 349 -10.65 -25.95 -32.75
C GLY D 349 -11.37 -25.15 -31.71
N ASP D 350 -12.26 -25.83 -30.98
CA ASP D 350 -13.01 -25.21 -29.89
C ASP D 350 -12.38 -25.59 -28.55
N ILE D 351 -11.27 -24.93 -28.24
CA ILE D 351 -10.60 -25.16 -26.95
C ILE D 351 -11.20 -24.25 -25.88
N VAL D 352 -11.57 -23.02 -26.25
CA VAL D 352 -12.11 -22.08 -25.29
C VAL D 352 -13.49 -22.53 -24.81
N TYR D 353 -14.33 -22.99 -25.74
CA TYR D 353 -15.67 -23.47 -25.37
C TYR D 353 -15.59 -24.66 -24.44
N ARG D 354 -14.71 -25.62 -24.76
CA ARG D 354 -14.55 -26.80 -23.92
C ARG D 354 -14.00 -26.42 -22.55
N LEU D 355 -13.06 -25.48 -22.51
CA LEU D 355 -12.50 -25.04 -21.23
C LEU D 355 -13.56 -24.38 -20.36
N TYR D 356 -14.38 -23.51 -20.95
CA TYR D 356 -15.42 -22.83 -20.17
C TYR D 356 -16.49 -23.82 -19.71
N MET D 357 -16.86 -24.76 -20.57
CA MET D 357 -17.84 -25.77 -20.18
C MET D 357 -17.32 -26.64 -19.04
N ARG D 358 -16.05 -27.06 -19.12
CA ARG D 358 -15.48 -27.86 -18.05
C ARG D 358 -15.36 -27.08 -16.76
N GLN D 359 -15.01 -25.79 -16.84
CA GLN D 359 -14.95 -24.96 -15.64
C GLN D 359 -16.32 -24.83 -14.99
N THR D 360 -17.36 -24.61 -15.79
CA THR D 360 -18.70 -24.52 -15.24
C THR D 360 -19.15 -25.84 -14.61
N ILE D 361 -18.84 -26.96 -15.27
CA ILE D 361 -19.21 -28.27 -14.74
C ILE D 361 -18.50 -28.53 -13.40
N ILE D 362 -17.21 -28.19 -13.33
CA ILE D 362 -16.45 -28.37 -12.10
C ILE D 362 -17.03 -27.49 -10.99
N LYS D 363 -17.39 -26.25 -11.33
CA LYS D 363 -17.96 -25.35 -10.32
C LYS D 363 -19.30 -25.87 -9.80
N VAL D 364 -20.13 -26.41 -10.70
CA VAL D 364 -21.42 -26.95 -10.27
C VAL D 364 -21.23 -28.17 -9.37
N ILE D 365 -20.31 -29.06 -9.76
CA ILE D 365 -20.05 -30.25 -8.95
C ILE D 365 -19.49 -29.87 -7.58
N LYS D 366 -18.56 -28.91 -7.55
CA LYS D 366 -18.00 -28.44 -6.29
C LYS D 366 -19.08 -27.82 -5.42
N PHE D 367 -19.98 -27.04 -6.01
CA PHE D 367 -21.09 -26.47 -5.26
C PHE D 367 -21.96 -27.56 -4.65
N ALA D 368 -22.28 -28.59 -5.43
CA ALA D 368 -23.13 -29.67 -4.92
C ALA D 368 -22.46 -30.38 -3.75
N LEU D 369 -21.18 -30.72 -3.90
CA LEU D 369 -20.46 -31.43 -2.84
C LEU D 369 -20.34 -30.58 -1.59
N ILE D 370 -20.00 -29.30 -1.76
CA ILE D 370 -19.90 -28.38 -0.63
C ILE D 370 -21.23 -28.31 0.10
N ILE D 371 -22.32 -28.19 -0.65
CA ILE D 371 -23.63 -28.05 -0.01
C ILE D 371 -24.00 -29.30 0.78
N CYS D 372 -23.83 -30.49 0.20
CA CYS D 372 -24.27 -31.68 0.94
C CYS D 372 -23.42 -31.86 2.20
N TYR D 373 -22.09 -31.75 2.08
CA TYR D 373 -21.28 -32.06 3.26
C TYR D 373 -21.40 -30.96 4.32
N THR D 374 -21.49 -29.69 3.90
CA THR D 374 -21.62 -28.61 4.86
C THR D 374 -22.98 -28.64 5.56
N VAL D 375 -24.05 -28.89 4.80
CA VAL D 375 -25.37 -28.97 5.41
C VAL D 375 -25.44 -30.16 6.37
N TYR D 376 -24.79 -31.27 6.01
CA TYR D 376 -24.75 -32.41 6.91
C TYR D 376 -23.96 -32.10 8.18
N TYR D 377 -22.87 -31.34 8.08
CA TYR D 377 -21.94 -31.21 9.18
C TYR D 377 -22.03 -29.89 9.94
N VAL D 378 -22.96 -29.01 9.60
CA VAL D 378 -23.14 -27.78 10.40
C VAL D 378 -23.60 -28.07 11.82
N HIS D 379 -24.51 -29.03 12.02
CA HIS D 379 -25.12 -29.26 13.33
C HIS D 379 -24.13 -29.76 14.37
N ASN D 380 -22.91 -30.14 13.97
CA ASN D 380 -21.89 -30.58 14.90
C ASN D 380 -21.13 -29.42 15.53
N ILE D 381 -21.42 -28.19 15.16
CA ILE D 381 -20.83 -27.01 15.79
C ILE D 381 -21.75 -26.64 16.95
N LYS D 382 -21.42 -27.14 18.14
CA LYS D 382 -22.20 -26.88 19.33
C LYS D 382 -21.39 -26.10 20.35
N PHE D 383 -22.09 -25.39 21.24
CA PHE D 383 -21.41 -24.64 22.30
C PHE D 383 -20.88 -25.58 23.37
N ASP D 384 -21.74 -26.47 23.88
CA ASP D 384 -21.38 -27.35 24.98
C ASP D 384 -21.07 -28.74 24.42
N VAL D 385 -19.91 -29.27 24.78
CA VAL D 385 -19.47 -30.59 24.32
C VAL D 385 -18.90 -31.35 25.50
N ASP D 386 -19.28 -32.62 25.64
CA ASP D 386 -18.75 -33.44 26.72
C ASP D 386 -17.62 -34.32 26.20
N CYS D 387 -16.46 -34.24 26.85
CA CYS D 387 -15.28 -34.98 26.43
C CYS D 387 -14.91 -35.99 27.50
N THR D 388 -14.81 -37.26 27.13
CA THR D 388 -14.33 -38.31 28.01
C THR D 388 -13.04 -38.84 27.39
N VAL D 389 -11.92 -38.24 27.78
CA VAL D 389 -10.65 -38.42 27.09
C VAL D 389 -9.66 -39.27 27.88
N ASP D 390 -10.02 -39.67 29.10
CA ASP D 390 -9.23 -40.61 29.90
C ASP D 390 -7.81 -40.09 30.17
N ILE D 391 -7.74 -38.98 30.90
CA ILE D 391 -6.45 -38.46 31.36
C ILE D 391 -6.45 -38.48 32.89
N GLU D 392 -7.11 -39.48 33.47
CA GLU D 392 -7.24 -39.55 34.93
C GLU D 392 -5.87 -39.70 35.60
N SER D 393 -4.89 -40.26 34.90
CA SER D 393 -3.55 -40.40 35.48
C SER D 393 -2.84 -39.06 35.61
N LEU D 394 -3.18 -38.08 34.76
CA LEU D 394 -2.52 -36.78 34.78
C LEU D 394 -3.35 -35.69 35.45
N THR D 395 -4.67 -35.76 35.36
CA THR D 395 -5.56 -34.75 35.93
C THR D 395 -6.30 -35.24 37.16
N GLY D 396 -6.84 -36.45 37.11
CA GLY D 396 -7.63 -37.01 38.19
C GLY D 396 -9.10 -37.15 37.87
N TYR D 397 -9.57 -36.54 36.78
CA TYR D 397 -10.95 -36.65 36.34
C TYR D 397 -10.98 -37.32 34.97
N ARG D 398 -12.08 -38.03 34.70
CA ARG D 398 -12.24 -38.73 33.44
C ARG D 398 -13.09 -37.97 32.43
N THR D 399 -14.24 -37.47 32.85
CA THR D 399 -15.17 -36.78 31.95
C THR D 399 -15.21 -35.29 32.29
N TYR D 400 -15.25 -34.47 31.24
CA TYR D 400 -15.24 -33.02 31.37
C TYR D 400 -16.33 -32.44 30.47
N ARG D 401 -16.80 -31.25 30.85
CA ARG D 401 -17.79 -30.51 30.07
C ARG D 401 -17.12 -29.24 29.59
N CYS D 402 -17.14 -29.01 28.28
CA CYS D 402 -16.44 -27.91 27.65
C CYS D 402 -17.42 -26.94 27.01
N ALA D 403 -17.10 -25.65 27.16
CA ALA D 403 -17.82 -24.59 26.47
C ALA D 403 -16.92 -24.11 25.35
N HIS D 404 -17.43 -24.16 24.13
CA HIS D 404 -16.71 -23.70 22.95
C HIS D 404 -17.09 -22.24 22.68
N PRO D 405 -16.19 -21.28 22.91
CA PRO D 405 -16.60 -19.87 22.80
C PRO D 405 -16.96 -19.45 21.38
N LEU D 406 -16.18 -19.87 20.39
CA LEU D 406 -16.44 -19.52 18.99
C LEU D 406 -17.29 -20.59 18.32
N ALA D 407 -18.42 -20.90 18.94
CA ALA D 407 -19.36 -21.88 18.41
C ALA D 407 -20.55 -21.24 17.71
N THR D 408 -21.20 -20.28 18.36
CA THR D 408 -22.30 -19.59 17.71
C THR D 408 -21.80 -18.70 16.58
N LEU D 409 -20.64 -18.07 16.76
CA LEU D 409 -20.03 -17.29 15.68
C LEU D 409 -19.69 -18.18 14.49
N PHE D 410 -19.14 -19.36 14.75
CA PHE D 410 -18.82 -20.28 13.66
C PHE D 410 -20.08 -20.81 13.00
N LYS D 411 -21.15 -21.03 13.77
CA LYS D 411 -22.41 -21.46 13.19
C LYS D 411 -23.01 -20.39 12.30
N ILE D 412 -22.93 -19.13 12.73
CA ILE D 412 -23.43 -18.01 11.93
C ILE D 412 -22.61 -17.87 10.66
N LEU D 413 -21.28 -17.98 10.76
CA LEU D 413 -20.44 -17.94 9.58
C LEU D 413 -20.73 -19.10 8.63
N ALA D 414 -21.01 -20.28 9.19
CA ALA D 414 -21.35 -21.44 8.35
C ALA D 414 -22.67 -21.23 7.63
N SER D 415 -23.66 -20.64 8.31
CA SER D 415 -24.93 -20.35 7.64
C SER D 415 -24.75 -19.30 6.55
N PHE D 416 -23.93 -18.28 6.81
CA PHE D 416 -23.64 -17.27 5.79
C PHE D 416 -22.93 -17.90 4.59
N TYR D 417 -21.98 -18.81 4.85
CA TYR D 417 -21.28 -19.52 3.79
C TYR D 417 -22.24 -20.39 2.99
N ILE D 418 -23.19 -21.04 3.68
CA ILE D 418 -24.17 -21.87 3.00
C ILE D 418 -25.04 -21.02 2.08
N SER D 419 -25.46 -19.86 2.56
CA SER D 419 -26.27 -18.97 1.72
C SER D 419 -25.48 -18.48 0.50
N LEU D 420 -24.20 -18.13 0.71
CA LEU D 420 -23.38 -17.68 -0.40
C LEU D 420 -23.16 -18.79 -1.42
N VAL D 421 -22.96 -20.03 -0.95
CA VAL D 421 -22.78 -21.16 -1.85
C VAL D 421 -24.08 -21.49 -2.57
N ILE D 422 -25.23 -21.28 -1.91
CA ILE D 422 -26.52 -21.41 -2.59
C ILE D 422 -26.61 -20.43 -3.76
N PHE D 423 -26.24 -19.17 -3.52
CA PHE D 423 -26.28 -18.18 -4.60
C PHE D 423 -25.30 -18.55 -5.72
N TYR D 424 -24.09 -18.97 -5.34
CA TYR D 424 -23.08 -19.36 -6.32
C TYR D 424 -23.55 -20.53 -7.16
N GLY D 425 -24.18 -21.52 -6.52
CA GLY D 425 -24.61 -22.70 -7.23
C GLY D 425 -25.80 -22.44 -8.13
N LEU D 426 -26.72 -21.57 -7.70
CA LEU D 426 -27.81 -21.20 -8.58
C LEU D 426 -27.31 -20.45 -9.79
N ILE D 427 -26.34 -19.54 -9.60
CA ILE D 427 -25.76 -18.81 -10.73
C ILE D 427 -25.04 -19.77 -11.68
N CYS D 428 -24.28 -20.71 -11.13
CA CYS D 428 -23.57 -21.67 -11.97
C CYS D 428 -24.53 -22.61 -12.69
N MET D 429 -25.63 -22.99 -12.04
CA MET D 429 -26.64 -23.81 -12.70
C MET D 429 -27.30 -23.05 -13.84
N TYR D 430 -27.55 -21.75 -13.65
CA TYR D 430 -28.05 -20.95 -14.76
C TYR D 430 -27.04 -20.89 -15.90
N THR D 431 -25.76 -20.74 -15.58
CA THR D 431 -24.74 -20.69 -16.62
C THR D 431 -24.69 -22.01 -17.40
N LEU D 432 -24.76 -23.13 -16.68
CA LEU D 432 -24.77 -24.43 -17.33
C LEU D 432 -26.00 -24.60 -18.22
N TRP D 433 -27.16 -24.15 -17.73
CA TRP D 433 -28.38 -24.20 -18.54
C TRP D 433 -28.25 -23.32 -19.79
N TRP D 434 -27.61 -22.16 -19.64
CA TRP D 434 -27.39 -21.27 -20.76
C TRP D 434 -26.52 -21.92 -21.82
N MET D 435 -25.45 -22.61 -21.40
CA MET D 435 -24.62 -23.31 -22.37
C MET D 435 -25.37 -24.47 -23.03
N LEU D 436 -26.17 -25.21 -22.25
CA LEU D 436 -26.72 -26.46 -22.74
C LEU D 436 -28.03 -26.30 -23.52
N ARG D 437 -28.79 -25.22 -23.31
CA ARG D 437 -30.09 -25.10 -23.96
C ARG D 437 -29.94 -24.90 -25.47
N ARG D 438 -28.91 -24.16 -25.87
CA ARG D 438 -28.69 -23.81 -27.27
C ARG D 438 -27.24 -24.08 -27.63
N SER D 439 -27.01 -24.40 -28.90
CA SER D 439 -25.67 -24.70 -29.38
C SER D 439 -24.88 -23.40 -29.50
N LEU D 440 -24.00 -23.15 -28.53
CA LEU D 440 -23.14 -21.97 -28.61
C LEU D 440 -22.02 -22.13 -29.62
N LYS D 441 -21.82 -23.33 -30.16
CA LYS D 441 -20.86 -23.54 -31.23
C LYS D 441 -21.37 -23.06 -32.58
N LYS D 442 -22.64 -22.64 -32.66
CA LYS D 442 -23.20 -22.05 -33.87
C LYS D 442 -23.72 -20.67 -33.52
N TYR D 443 -23.46 -19.69 -34.37
CA TYR D 443 -23.88 -18.31 -34.14
C TYR D 443 -24.53 -17.80 -35.42
N SER D 444 -25.86 -17.79 -35.44
CA SER D 444 -26.57 -17.29 -36.60
C SER D 444 -26.54 -15.77 -36.61
N PHE D 445 -25.92 -15.20 -37.65
CA PHE D 445 -25.87 -13.76 -37.86
C PHE D 445 -27.08 -13.24 -38.63
N GLU D 446 -28.19 -13.98 -38.63
CA GLU D 446 -29.33 -13.60 -39.44
C GLU D 446 -29.95 -12.28 -38.98
N SER D 447 -30.06 -12.08 -37.67
CA SER D 447 -30.68 -10.88 -37.14
C SER D 447 -29.87 -9.64 -37.49
N ILE D 448 -28.55 -9.70 -37.28
CA ILE D 448 -27.71 -8.53 -37.54
C ILE D 448 -27.59 -8.29 -39.04
N ARG D 449 -27.46 -9.35 -39.84
CA ARG D 449 -27.38 -9.17 -41.28
C ARG D 449 -28.71 -8.70 -41.88
N GLU D 450 -29.81 -8.92 -41.17
CA GLU D 450 -31.10 -8.44 -41.65
C GLU D 450 -31.33 -6.98 -41.24
N GLU D 451 -30.99 -6.65 -39.99
CA GLU D 451 -31.16 -5.28 -39.52
C GLU D 451 -30.18 -4.33 -40.20
N SER D 452 -28.90 -4.71 -40.25
CA SER D 452 -27.89 -3.88 -40.87
C SER D 452 -27.98 -3.99 -42.39
N SER D 453 -27.28 -3.08 -43.07
CA SER D 453 -27.33 -3.03 -44.54
C SER D 453 -26.71 -4.28 -45.15
N TYR D 454 -25.60 -4.75 -44.60
CA TYR D 454 -24.87 -5.88 -45.17
C TYR D 454 -25.64 -7.16 -44.91
N SER D 455 -26.09 -7.81 -45.99
CA SER D 455 -26.83 -9.06 -45.91
C SER D 455 -25.99 -10.27 -46.31
N ASP D 456 -24.67 -10.09 -46.42
CA ASP D 456 -23.76 -11.17 -46.79
C ASP D 456 -22.91 -11.65 -45.62
N ILE D 457 -23.32 -11.42 -44.38
CA ILE D 457 -22.50 -11.70 -43.21
C ILE D 457 -22.41 -13.21 -43.01
N PRO D 458 -21.21 -13.77 -42.86
CA PRO D 458 -21.07 -15.22 -42.74
C PRO D 458 -21.59 -15.73 -41.40
N ASP D 459 -21.84 -17.04 -41.36
CA ASP D 459 -22.31 -17.71 -40.14
C ASP D 459 -21.11 -18.17 -39.34
N VAL D 460 -20.87 -17.48 -38.22
CA VAL D 460 -19.74 -17.79 -37.37
C VAL D 460 -20.01 -19.09 -36.61
N LYS D 461 -19.01 -19.97 -36.56
CA LYS D 461 -19.21 -21.31 -36.04
C LYS D 461 -18.06 -21.69 -35.11
N ASN D 462 -18.37 -22.56 -34.15
CA ASN D 462 -17.43 -23.20 -33.19
C ASN D 462 -16.91 -22.16 -32.20
N ASP D 463 -15.59 -22.07 -31.98
CA ASP D 463 -15.04 -21.27 -30.90
C ASP D 463 -15.33 -19.79 -31.09
N PHE D 464 -15.22 -19.31 -32.33
CA PHE D 464 -15.55 -17.92 -32.62
C PHE D 464 -17.02 -17.64 -32.29
N ALA D 465 -17.89 -18.62 -32.53
CA ALA D 465 -19.29 -18.48 -32.13
C ALA D 465 -19.42 -18.36 -30.62
N PHE D 466 -18.63 -19.13 -29.87
CA PHE D 466 -18.69 -19.03 -28.41
C PHE D 466 -18.25 -17.65 -27.93
N MET D 467 -17.14 -17.13 -28.48
CA MET D 467 -16.68 -15.80 -28.06
C MET D 467 -17.68 -14.72 -28.44
N LEU D 468 -18.31 -14.85 -29.61
CA LEU D 468 -19.31 -13.86 -30.00
C LEU D 468 -20.55 -13.94 -29.12
N HIS D 469 -20.91 -15.14 -28.64
CA HIS D 469 -22.00 -15.23 -27.68
C HIS D 469 -21.63 -14.58 -26.36
N LEU D 470 -20.38 -14.74 -25.92
CA LEU D 470 -19.93 -14.06 -24.71
C LEU D 470 -20.00 -12.54 -24.87
N ILE D 471 -19.54 -12.02 -26.00
CA ILE D 471 -19.55 -10.57 -26.19
C ILE D 471 -20.97 -10.07 -26.40
N ASP D 472 -21.88 -10.93 -26.89
CA ASP D 472 -23.30 -10.57 -26.89
C ASP D 472 -23.84 -10.48 -25.47
N GLN D 473 -23.44 -11.42 -24.60
CA GLN D 473 -23.89 -11.37 -23.22
C GLN D 473 -23.36 -10.13 -22.51
N TYR D 474 -22.20 -9.61 -22.94
CA TYR D 474 -21.77 -8.32 -22.42
C TYR D 474 -22.57 -7.19 -23.07
N ASP D 475 -22.42 -7.02 -24.38
CA ASP D 475 -23.02 -5.90 -25.10
C ASP D 475 -23.19 -6.24 -26.57
N PRO D 476 -24.43 -6.28 -27.08
CA PRO D 476 -24.62 -6.56 -28.51
C PRO D 476 -23.99 -5.52 -29.43
N LEU D 477 -23.77 -4.30 -28.95
CA LEU D 477 -23.20 -3.25 -29.78
C LEU D 477 -21.77 -3.57 -30.20
N TYR D 478 -21.00 -4.21 -29.31
CA TYR D 478 -19.64 -4.62 -29.66
C TYR D 478 -19.65 -5.60 -30.84
N SER D 479 -20.53 -6.60 -30.78
CA SER D 479 -20.63 -7.55 -31.88
C SER D 479 -21.13 -6.90 -33.15
N LYS D 480 -22.11 -5.98 -33.03
CA LYS D 480 -22.63 -5.30 -34.22
C LYS D 480 -21.57 -4.45 -34.89
N ARG D 481 -20.73 -3.78 -34.10
CA ARG D 481 -19.68 -2.93 -34.63
C ARG D 481 -18.41 -3.72 -34.99
N PHE D 482 -18.32 -5.00 -34.62
CA PHE D 482 -17.18 -5.79 -35.06
C PHE D 482 -17.56 -6.57 -36.32
N ALA D 483 -18.84 -6.92 -36.46
CA ALA D 483 -19.27 -7.82 -37.52
C ALA D 483 -19.22 -7.17 -38.90
N VAL D 484 -19.09 -5.84 -38.97
CA VAL D 484 -19.02 -5.18 -40.27
C VAL D 484 -17.74 -5.54 -41.01
N PHE D 485 -16.76 -6.11 -40.31
CA PHE D 485 -15.50 -6.50 -40.91
C PHE D 485 -15.50 -7.93 -41.44
N LEU D 486 -16.62 -8.64 -41.35
CA LEU D 486 -16.70 -10.01 -41.82
C LEU D 486 -17.33 -10.14 -43.20
N SER D 487 -17.94 -9.07 -43.71
CA SER D 487 -18.60 -9.12 -45.00
C SER D 487 -17.57 -8.92 -46.11
N GLU D 488 -17.65 -9.75 -47.15
CA GLU D 488 -16.77 -9.60 -48.31
C GLU D 488 -17.20 -8.43 -49.18
N VAL D 489 -18.44 -7.98 -49.07
CA VAL D 489 -18.91 -6.82 -49.82
C VAL D 489 -18.18 -5.56 -49.34
N SER D 490 -18.00 -5.44 -48.02
CA SER D 490 -17.31 -4.27 -47.47
C SER D 490 -15.85 -4.22 -47.91
N GLU D 491 -15.27 -5.40 -48.16
CA GLU D 491 -13.87 -5.46 -48.66
C GLU D 491 -13.82 -4.79 -50.04
N ASN D 492 -14.77 -5.13 -50.91
CA ASN D 492 -14.81 -4.56 -52.25
C ASN D 492 -14.99 -3.05 -52.20
N LYS D 493 -15.83 -2.58 -51.28
CA LYS D 493 -15.99 -1.14 -51.08
C LYS D 493 -14.72 -0.52 -50.52
N LEU D 494 -14.01 -1.26 -49.66
CA LEU D 494 -12.81 -0.72 -49.04
C LEU D 494 -11.67 -0.62 -50.05
N ARG D 495 -11.50 -1.65 -50.88
CA ARG D 495 -10.47 -1.62 -51.92
C ARG D 495 -10.75 -0.52 -52.93
N GLN D 496 -12.01 -0.38 -53.34
CA GLN D 496 -12.39 0.66 -54.29
C GLN D 496 -12.13 2.05 -53.71
N LEU D 497 -12.48 2.25 -52.44
CA LEU D 497 -12.27 3.55 -51.81
C LEU D 497 -10.79 3.79 -51.47
N ASN D 498 -10.01 2.73 -51.29
CA ASN D 498 -8.56 2.89 -51.13
C ASN D 498 -7.94 3.42 -52.41
N LEU D 499 -8.36 2.88 -53.56
CA LEU D 499 -7.83 3.36 -54.83
C LEU D 499 -8.30 4.78 -55.13
N ASN D 500 -9.55 5.09 -54.77
CA ASN D 500 -10.11 6.42 -55.00
C ASN D 500 -9.65 7.39 -53.91
N PRO E 15 -13.88 8.82 -10.14
CA PRO E 15 -12.99 8.52 -11.27
C PRO E 15 -13.45 9.16 -12.58
N ALA E 16 -13.48 8.36 -13.66
CA ALA E 16 -14.02 8.85 -14.92
C ALA E 16 -15.54 8.82 -14.91
N TYR E 17 -16.14 8.24 -13.87
CA TYR E 17 -17.58 8.14 -13.72
C TYR E 17 -18.14 9.16 -12.74
N ARG E 18 -17.33 10.12 -12.31
CA ARG E 18 -17.78 11.11 -11.34
C ARG E 18 -18.83 12.04 -11.92
N ILE E 19 -18.89 12.15 -13.26
CA ILE E 19 -19.87 13.03 -13.90
C ILE E 19 -21.28 12.47 -13.74
N LEU E 20 -21.43 11.16 -13.55
CA LEU E 20 -22.74 10.57 -13.30
C LEU E 20 -23.05 10.44 -11.82
N LYS E 21 -22.16 10.90 -10.94
CA LYS E 21 -22.40 10.79 -9.50
C LYS E 21 -22.76 12.16 -8.95
N PRO E 22 -24.01 12.41 -8.59
CA PRO E 22 -24.39 13.71 -8.06
C PRO E 22 -23.91 13.93 -6.63
N TRP E 23 -24.32 15.03 -6.02
CA TRP E 23 -23.88 15.32 -4.66
C TRP E 23 -24.45 14.32 -3.66
N TRP E 24 -25.67 13.85 -3.88
CA TRP E 24 -26.24 12.88 -2.95
C TRP E 24 -25.52 11.54 -3.05
N ASP E 25 -25.10 11.16 -4.25
CA ASP E 25 -24.38 9.89 -4.42
C ASP E 25 -23.04 9.92 -3.70
N VAL E 26 -22.28 11.01 -3.86
CA VAL E 26 -20.97 11.08 -3.21
C VAL E 26 -21.13 11.23 -1.70
N PHE E 27 -22.20 11.91 -1.25
CA PHE E 27 -22.46 11.99 0.18
C PHE E 27 -22.79 10.63 0.76
N THR E 28 -23.59 9.83 0.05
CA THR E 28 -23.87 8.47 0.50
C THR E 28 -22.61 7.63 0.50
N ASP E 29 -21.73 7.82 -0.48
CA ASP E 29 -20.46 7.10 -0.51
C ASP E 29 -19.61 7.43 0.71
N TYR E 30 -19.54 8.73 1.06
CA TYR E 30 -18.78 9.14 2.24
C TYR E 30 -19.39 8.55 3.51
N ILE E 31 -20.71 8.60 3.62
CA ILE E 31 -21.38 8.06 4.81
C ILE E 31 -21.12 6.57 4.92
N SER E 32 -21.23 5.82 3.81
CA SER E 32 -20.99 4.39 3.84
C SER E 32 -19.54 4.09 4.19
N ILE E 33 -18.61 4.95 3.78
CA ILE E 33 -17.22 4.79 4.19
C ILE E 33 -17.10 4.93 5.71
N VAL E 34 -17.81 5.91 6.28
CA VAL E 34 -17.74 6.11 7.74
C VAL E 34 -18.35 4.93 8.48
N MET E 35 -19.46 4.37 7.98
CA MET E 35 -20.03 3.20 8.64
C MET E 35 -19.18 1.95 8.43
N LEU E 36 -18.42 1.89 7.33
CA LEU E 36 -17.40 0.85 7.20
C LEU E 36 -16.31 1.01 8.26
N MET E 37 -15.90 2.25 8.53
CA MET E 37 -14.95 2.48 9.62
C MET E 37 -15.53 2.05 10.96
N ILE E 38 -16.81 2.35 11.19
CA ILE E 38 -17.50 1.87 12.39
C ILE E 38 -17.45 0.35 12.45
N ALA E 39 -17.71 -0.30 11.33
CA ALA E 39 -17.73 -1.76 11.29
C ALA E 39 -16.37 -2.34 11.63
N VAL E 40 -15.31 -1.79 11.04
CA VAL E 40 -13.98 -2.34 11.28
C VAL E 40 -13.54 -2.08 12.73
N PHE E 41 -13.90 -0.91 13.27
CA PHE E 41 -13.55 -0.59 14.65
C PHE E 41 -14.28 -1.50 15.62
N GLY E 42 -15.59 -1.67 15.43
CA GLY E 42 -16.36 -2.54 16.30
C GLY E 42 -15.96 -4.00 16.17
N GLY E 43 -15.61 -4.42 14.95
CA GLY E 43 -15.14 -5.79 14.77
C GLY E 43 -13.81 -6.05 15.46
N THR E 44 -12.89 -5.09 15.37
CA THR E 44 -11.62 -5.21 16.09
C THR E 44 -11.86 -5.27 17.60
N LEU E 45 -12.72 -4.39 18.10
CA LEU E 45 -13.03 -4.37 19.54
C LEU E 45 -13.66 -5.68 19.99
N GLN E 46 -14.65 -6.16 19.23
CA GLN E 46 -15.36 -7.39 19.58
C GLN E 46 -14.43 -8.59 19.52
N VAL E 47 -13.54 -8.63 18.53
CA VAL E 47 -12.64 -9.76 18.37
C VAL E 47 -11.60 -9.77 19.49
N ASP E 48 -11.03 -8.60 19.80
CA ASP E 48 -9.92 -8.55 20.74
C ASP E 48 -10.40 -8.53 22.20
N GLN E 49 -11.11 -7.48 22.60
CA GLN E 49 -11.30 -7.18 24.01
C GLN E 49 -12.75 -7.30 24.48
N ASP E 50 -13.58 -8.06 23.78
CA ASP E 50 -14.97 -8.25 24.21
C ASP E 50 -15.03 -9.49 25.09
N LYS E 51 -15.17 -9.26 26.39
CA LYS E 51 -15.33 -10.34 27.36
C LYS E 51 -16.58 -10.08 28.18
N MET E 52 -16.78 -10.85 29.25
CA MET E 52 -17.86 -10.56 30.19
C MET E 52 -17.50 -11.04 31.58
N ILE E 53 -16.99 -10.16 32.42
CA ILE E 53 -16.57 -10.54 33.77
C ILE E 53 -17.83 -10.71 34.63
N CYS E 54 -18.02 -11.93 35.15
CA CYS E 54 -19.19 -12.29 35.94
C CYS E 54 -18.74 -12.67 37.34
N LEU E 55 -19.39 -12.11 38.34
CA LEU E 55 -19.13 -12.51 39.71
C LEU E 55 -20.34 -13.20 40.28
N PRO E 56 -20.17 -14.31 41.00
CA PRO E 56 -21.32 -14.98 41.61
C PRO E 56 -21.95 -14.11 42.68
N CYS E 57 -23.27 -14.24 42.84
CA CYS E 57 -23.98 -13.56 43.91
C CYS E 57 -24.00 -14.50 45.11
N LYS E 58 -23.20 -14.17 46.13
CA LYS E 58 -22.99 -15.07 47.27
C LYS E 58 -24.28 -15.31 48.04
N TRP E 59 -25.03 -14.24 48.30
CA TRP E 59 -26.31 -14.32 48.97
C TRP E 59 -27.41 -14.05 47.96
N VAL E 60 -28.30 -15.02 47.77
CA VAL E 60 -29.36 -14.93 46.77
C VAL E 60 -30.70 -15.17 47.48
N THR E 61 -31.68 -14.33 47.18
CA THR E 61 -33.03 -14.53 47.68
C THR E 61 -33.94 -14.92 46.52
N LYS E 62 -34.36 -16.20 46.51
CA LYS E 62 -35.15 -16.78 45.42
C LYS E 62 -34.45 -16.60 44.08
N ASP E 63 -33.16 -16.96 44.06
CA ASP E 63 -32.28 -16.80 42.90
C ASP E 63 -32.26 -15.36 42.41
N SER E 64 -32.20 -14.43 43.36
CA SER E 64 -32.03 -13.01 43.06
C SER E 64 -31.06 -12.45 44.08
N CYS E 65 -30.09 -11.66 43.62
CA CYS E 65 -29.03 -11.14 44.48
C CYS E 65 -29.60 -10.27 45.59
N ASN E 66 -29.35 -10.68 46.84
CA ASN E 66 -29.96 -10.01 47.99
C ASN E 66 -29.43 -8.58 48.16
N ASP E 67 -28.13 -8.38 47.92
CA ASP E 67 -27.46 -7.09 48.07
C ASP E 67 -27.63 -6.55 49.49
N SER E 68 -27.13 -7.31 50.45
CA SER E 68 -27.20 -6.94 51.86
C SER E 68 -25.99 -6.11 52.27
N GLY E 185 -11.71 -3.76 59.49
CA GLY E 185 -12.66 -3.22 58.53
C GLY E 185 -13.32 -4.29 57.68
N PRO E 186 -13.75 -3.91 56.48
CA PRO E 186 -14.36 -4.89 55.57
C PRO E 186 -13.36 -5.93 55.10
N THR E 187 -13.88 -7.12 54.82
CA THR E 187 -13.08 -8.24 54.35
C THR E 187 -13.58 -8.70 52.99
N GLY E 188 -12.66 -9.14 52.14
CA GLY E 188 -13.04 -9.56 50.80
C GLY E 188 -13.86 -10.84 50.83
N ILE E 189 -14.78 -10.95 49.89
CA ILE E 189 -15.65 -12.13 49.80
C ILE E 189 -14.91 -13.22 49.04
N LYS E 190 -14.85 -14.41 49.63
CA LYS E 190 -14.16 -15.56 49.04
C LYS E 190 -15.19 -16.42 48.32
N TYR E 191 -15.06 -16.51 47.00
CA TYR E 191 -15.99 -17.31 46.21
C TYR E 191 -15.53 -18.75 46.02
N ASP E 192 -14.27 -19.05 46.37
CA ASP E 192 -13.69 -20.39 46.27
C ASP E 192 -13.73 -20.93 44.84
N LEU E 193 -13.59 -20.06 43.86
CA LEU E 193 -13.62 -20.44 42.45
C LEU E 193 -12.26 -20.23 41.81
N ASP E 194 -11.83 -21.21 41.01
CA ASP E 194 -10.57 -21.09 40.31
C ASP E 194 -10.72 -20.10 39.14
N ARG E 195 -9.58 -19.77 38.53
CA ARG E 195 -9.59 -18.88 37.38
C ARG E 195 -10.31 -19.54 36.20
N HIS E 196 -10.15 -20.85 36.04
CA HIS E 196 -10.78 -21.55 34.93
C HIS E 196 -12.29 -21.66 35.13
N GLN E 197 -12.74 -21.82 36.38
CA GLN E 197 -14.17 -21.77 36.65
C GLN E 197 -14.74 -20.39 36.33
N TYR E 198 -13.97 -19.34 36.64
CA TYR E 198 -14.40 -17.99 36.29
C TYR E 198 -14.49 -17.81 34.78
N ASN E 199 -13.53 -18.35 34.03
CA ASN E 199 -13.59 -18.28 32.58
C ASN E 199 -14.78 -19.05 32.03
N TYR E 200 -15.08 -20.21 32.60
CA TYR E 200 -16.25 -20.98 32.19
C TYR E 200 -17.54 -20.20 32.45
N VAL E 201 -17.63 -19.57 33.62
CA VAL E 201 -18.80 -18.77 33.95
C VAL E 201 -18.93 -17.59 32.99
N ASP E 202 -17.81 -16.94 32.69
CA ASP E 202 -17.83 -15.82 31.74
C ASP E 202 -18.32 -16.26 30.38
N ALA E 203 -17.81 -17.39 29.89
CA ALA E 203 -18.23 -17.87 28.57
C ALA E 203 -19.70 -18.25 28.54
N VAL E 204 -20.17 -18.96 29.57
CA VAL E 204 -21.56 -19.40 29.57
C VAL E 204 -22.51 -18.23 29.71
N CYS E 205 -22.21 -17.26 30.59
CA CYS E 205 -23.10 -16.11 30.74
C CYS E 205 -22.92 -15.08 29.62
N TYR E 206 -21.84 -15.14 28.86
CA TYR E 206 -21.70 -14.35 27.65
C TYR E 206 -22.49 -14.94 26.50
N GLU E 207 -22.58 -16.28 26.43
CA GLU E 207 -23.21 -16.91 25.29
C GLU E 207 -24.69 -17.20 25.51
N ASN E 208 -25.14 -17.26 26.76
CA ASN E 208 -26.52 -17.63 27.05
C ASN E 208 -27.38 -16.48 27.55
N ARG E 209 -26.79 -15.42 28.06
CA ARG E 209 -27.64 -14.40 28.66
C ARG E 209 -27.40 -13.01 28.11
N LEU E 210 -26.21 -12.72 27.59
CA LEU E 210 -25.99 -11.45 26.92
C LEU E 210 -26.78 -11.41 25.62
N HIS E 211 -27.47 -10.29 25.37
CA HIS E 211 -28.35 -10.19 24.23
C HIS E 211 -27.56 -10.20 22.92
N TRP E 212 -28.20 -10.74 21.87
CA TRP E 212 -27.51 -10.95 20.60
C TRP E 212 -27.12 -9.64 19.94
N PHE E 213 -27.87 -8.56 20.19
CA PHE E 213 -27.54 -7.28 19.58
C PHE E 213 -26.19 -6.76 20.06
N ALA E 214 -25.92 -6.87 21.36
CA ALA E 214 -24.66 -6.40 21.90
C ALA E 214 -23.49 -7.21 21.35
N LYS E 215 -23.69 -8.50 21.12
CA LYS E 215 -22.62 -9.35 20.61
C LYS E 215 -22.40 -9.16 19.11
N TYR E 216 -23.46 -8.93 18.34
CA TYR E 216 -23.36 -8.94 16.89
C TYR E 216 -23.69 -7.59 16.25
N PHE E 217 -23.59 -6.49 17.01
CA PHE E 217 -23.78 -5.16 16.43
C PHE E 217 -22.75 -4.83 15.35
N PRO E 218 -21.43 -4.98 15.58
CA PRO E 218 -20.48 -4.62 14.51
C PRO E 218 -20.62 -5.47 13.25
N TYR E 219 -20.94 -6.75 13.40
CA TYR E 219 -21.11 -7.61 12.22
C TYR E 219 -22.35 -7.22 11.43
N LEU E 220 -23.43 -6.87 12.12
CA LEU E 220 -24.61 -6.36 11.45
C LEU E 220 -24.32 -5.04 10.74
N VAL E 221 -23.53 -4.19 11.38
CA VAL E 221 -23.15 -2.91 10.77
C VAL E 221 -22.36 -3.15 9.49
N LEU E 222 -21.40 -4.10 9.55
CA LEU E 222 -20.60 -4.43 8.37
C LEU E 222 -21.47 -5.00 7.26
N LEU E 223 -22.41 -5.89 7.61
CA LEU E 223 -23.27 -6.49 6.60
C LEU E 223 -24.16 -5.45 5.94
N HIS E 224 -24.75 -4.55 6.74
CA HIS E 224 -25.59 -3.49 6.17
C HIS E 224 -24.78 -2.52 5.33
N THR E 225 -23.57 -2.19 5.77
CA THR E 225 -22.71 -1.31 4.98
C THR E 225 -22.35 -1.95 3.65
N LEU E 226 -22.03 -3.24 3.67
CA LEU E 226 -21.70 -3.95 2.43
C LEU E 226 -22.91 -4.01 1.50
N ILE E 227 -24.11 -4.22 2.04
CA ILE E 227 -25.29 -4.26 1.19
C ILE E 227 -25.59 -2.86 0.61
N PHE E 228 -25.36 -1.81 1.41
CA PHE E 228 -25.54 -0.45 0.90
C PHE E 228 -24.55 -0.15 -0.22
N LEU E 229 -23.29 -0.55 -0.05
CA LEU E 229 -22.30 -0.36 -1.10
C LEU E 229 -22.63 -1.17 -2.35
N ALA E 230 -23.13 -2.39 -2.16
CA ALA E 230 -23.52 -3.23 -3.29
C ALA E 230 -24.72 -2.63 -4.02
N CYS E 231 -25.66 -2.04 -3.28
CA CYS E 231 -26.79 -1.38 -3.93
C CYS E 231 -26.35 -0.12 -4.66
N SER E 232 -25.32 0.56 -4.14
CA SER E 232 -24.81 1.74 -4.83
C SER E 232 -24.07 1.36 -6.12
N ASN E 233 -23.33 0.25 -6.10
CA ASN E 233 -22.50 -0.15 -7.23
C ASN E 233 -23.13 -1.24 -8.11
N PHE E 234 -24.37 -1.64 -7.83
CA PHE E 234 -25.03 -2.59 -8.73
C PHE E 234 -25.34 -1.92 -10.06
N TRP E 235 -25.56 -0.60 -10.04
CA TRP E 235 -25.59 0.17 -11.28
C TRP E 235 -24.22 0.18 -11.95
N PHE E 236 -23.16 0.11 -11.13
CA PHE E 236 -21.79 0.31 -11.57
C PHE E 236 -21.15 -0.93 -12.16
N LYS E 237 -21.60 -2.13 -11.77
CA LYS E 237 -20.96 -3.37 -12.14
C LYS E 237 -21.80 -4.24 -13.07
N PHE E 238 -23.11 -4.07 -13.08
CA PHE E 238 -23.99 -4.91 -13.88
C PHE E 238 -23.75 -4.64 -15.37
N PRO E 239 -23.34 -5.64 -16.14
CA PRO E 239 -22.77 -5.37 -17.48
C PRO E 239 -23.73 -4.76 -18.47
N ARG E 240 -25.02 -5.11 -18.40
CA ARG E 240 -25.98 -4.63 -19.40
C ARG E 240 -26.11 -3.11 -19.35
N THR E 241 -26.15 -2.54 -18.14
CA THR E 241 -26.16 -1.08 -18.03
C THR E 241 -24.74 -0.52 -18.01
N SER E 242 -23.75 -1.34 -17.62
CA SER E 242 -22.37 -0.87 -17.56
C SER E 242 -21.85 -0.52 -18.95
N SER E 243 -22.22 -1.29 -19.97
CA SER E 243 -21.79 -0.98 -21.33
C SER E 243 -22.33 0.36 -21.78
N LYS E 244 -23.60 0.62 -21.49
CA LYS E 244 -24.21 1.91 -21.83
C LYS E 244 -23.50 3.05 -21.10
N LEU E 245 -23.17 2.84 -19.82
CA LEU E 245 -22.46 3.88 -19.07
C LEU E 245 -21.08 4.14 -19.65
N GLU E 246 -20.35 3.08 -20.03
CA GLU E 246 -19.03 3.27 -20.63
C GLU E 246 -19.14 4.05 -21.94
N HIS E 247 -20.10 3.69 -22.78
CA HIS E 247 -20.24 4.36 -24.08
C HIS E 247 -20.63 5.82 -23.90
N PHE E 248 -21.55 6.09 -22.98
CA PHE E 248 -21.99 7.46 -22.73
C PHE E 248 -20.86 8.31 -22.15
N VAL E 249 -20.09 7.76 -21.21
CA VAL E 249 -18.98 8.52 -20.62
C VAL E 249 -17.90 8.76 -21.67
N SER E 250 -17.63 7.75 -22.51
CA SER E 250 -16.61 7.91 -23.55
C SER E 250 -17.00 8.99 -24.54
N ILE E 251 -18.25 9.00 -25.00
CA ILE E 251 -18.65 10.02 -25.97
C ILE E 251 -18.72 11.39 -25.31
N LEU E 252 -19.11 11.47 -24.03
CA LEU E 252 -19.11 12.76 -23.35
C LEU E 252 -17.70 13.31 -23.19
N LEU E 253 -16.74 12.44 -22.86
CA LEU E 253 -15.36 12.88 -22.71
C LEU E 253 -14.76 13.28 -24.06
N LYS E 254 -15.14 12.57 -25.12
CA LYS E 254 -14.69 12.94 -26.46
C LYS E 254 -15.27 14.30 -26.87
N CYS E 255 -16.54 14.54 -26.56
CA CYS E 255 -17.16 15.82 -26.88
C CYS E 255 -16.56 16.94 -26.04
N PHE E 256 -16.15 16.64 -24.81
CA PHE E 256 -15.54 17.66 -23.96
C PHE E 256 -14.19 18.11 -24.50
N ASP E 257 -13.44 17.18 -25.10
CA ASP E 257 -12.12 17.47 -25.62
C ASP E 257 -12.11 17.71 -27.13
N SER E 258 -13.28 17.67 -27.77
CA SER E 258 -13.32 17.90 -29.22
C SER E 258 -13.16 19.38 -29.52
N PRO E 259 -12.24 19.76 -30.41
CA PRO E 259 -12.07 21.19 -30.72
C PRO E 259 -13.25 21.80 -31.46
N TRP E 260 -13.87 21.05 -32.37
CA TRP E 260 -15.03 21.60 -33.07
C TRP E 260 -16.22 21.78 -32.15
N THR E 261 -16.28 21.03 -31.05
CA THR E 261 -17.30 21.27 -30.04
C THR E 261 -17.13 22.67 -29.44
N THR E 262 -15.89 23.03 -29.11
CA THR E 262 -15.62 24.37 -28.60
C THR E 262 -15.91 25.43 -29.66
N ARG E 263 -15.58 25.12 -30.93
CA ARG E 263 -15.85 26.06 -32.01
C ARG E 263 -17.35 26.31 -32.17
N ALA E 264 -18.15 25.25 -32.12
CA ALA E 264 -19.61 25.39 -32.22
C ALA E 264 -20.18 26.10 -31.00
N LEU E 265 -19.58 25.86 -29.83
CA LEU E 265 -19.99 26.59 -28.63
C LEU E 265 -19.67 28.07 -28.75
N SER E 266 -18.60 28.41 -29.49
CA SER E 266 -18.25 29.80 -29.70
C SER E 266 -19.27 30.52 -30.57
N GLU E 267 -19.97 29.78 -31.43
CA GLU E 267 -20.98 30.36 -32.31
C GLU E 267 -22.19 30.85 -31.50
N VAL E 323 -13.40 27.21 -41.46
CA VAL E 323 -12.01 27.17 -41.03
C VAL E 323 -11.80 26.01 -40.06
N LEU E 324 -11.28 24.90 -40.58
CA LEU E 324 -11.08 23.70 -39.78
C LEU E 324 -10.06 22.81 -40.47
N ASP E 325 -9.63 21.78 -39.74
CA ASP E 325 -8.82 20.71 -40.31
C ASP E 325 -9.73 19.67 -40.92
N LYS E 326 -9.34 19.16 -42.10
CA LYS E 326 -10.18 18.22 -42.83
C LYS E 326 -10.41 16.94 -42.04
N LYS E 327 -9.34 16.39 -41.46
CA LYS E 327 -9.48 15.20 -40.63
C LYS E 327 -10.30 15.49 -39.38
N GLU E 328 -10.13 16.67 -38.79
CA GLU E 328 -10.94 17.04 -37.63
C GLU E 328 -12.42 17.15 -38.00
N GLY E 329 -12.71 17.69 -39.19
CA GLY E 329 -14.09 17.74 -39.63
C GLY E 329 -14.69 16.37 -39.89
N GLU E 330 -13.89 15.47 -40.47
CA GLU E 330 -14.34 14.09 -40.67
C GLU E 330 -14.63 13.41 -39.34
N GLN E 331 -13.74 13.62 -38.35
CA GLN E 331 -13.98 13.04 -37.03
C GLN E 331 -15.20 13.66 -36.35
N ALA E 332 -15.45 14.95 -36.58
CA ALA E 332 -16.62 15.59 -36.01
C ALA E 332 -17.91 15.02 -36.61
N LYS E 333 -17.93 14.83 -37.93
CA LYS E 333 -19.07 14.18 -38.57
C LYS E 333 -19.25 12.75 -38.07
N ALA E 334 -18.12 12.06 -37.84
CA ALA E 334 -18.18 10.71 -37.27
C ALA E 334 -18.81 10.74 -35.88
N LEU E 335 -18.40 11.67 -35.02
CA LEU E 335 -18.97 11.73 -33.68
C LEU E 335 -20.44 12.12 -33.71
N PHE E 336 -20.84 12.94 -34.71
CA PHE E 336 -22.26 13.15 -34.96
C PHE E 336 -22.98 11.84 -35.24
N GLU E 337 -22.40 11.02 -36.11
CA GLU E 337 -23.00 9.72 -36.41
C GLU E 337 -23.06 8.83 -35.18
N LYS E 338 -22.03 8.89 -34.33
CA LYS E 338 -22.04 8.13 -33.09
C LYS E 338 -23.14 8.61 -32.16
N VAL E 339 -23.37 9.92 -32.13
CA VAL E 339 -24.45 10.47 -31.31
C VAL E 339 -25.79 9.95 -31.79
N LYS E 340 -26.03 9.95 -33.10
CA LYS E 340 -27.30 9.45 -33.62
C LYS E 340 -27.47 7.95 -33.35
N LYS E 341 -26.42 7.15 -33.60
CA LYS E 341 -26.55 5.72 -33.40
C LYS E 341 -26.67 5.37 -31.92
N PHE E 342 -26.02 6.14 -31.05
CA PHE E 342 -26.14 5.92 -29.62
C PHE E 342 -27.52 6.32 -29.12
N ARG E 343 -28.10 7.37 -29.70
CA ARG E 343 -29.49 7.70 -29.45
C ARG E 343 -30.40 6.54 -29.80
N THR E 344 -30.23 5.98 -31.00
CA THR E 344 -31.04 4.82 -31.40
C THR E 344 -30.77 3.62 -30.49
N HIS E 345 -29.56 3.55 -29.93
CA HIS E 345 -29.19 2.43 -29.09
C HIS E 345 -29.88 2.49 -27.72
N VAL E 346 -29.89 3.67 -27.09
CA VAL E 346 -30.30 3.77 -25.69
C VAL E 346 -31.73 4.27 -25.54
N GLU E 347 -32.27 4.96 -26.54
CA GLU E 347 -33.65 5.46 -26.40
C GLU E 347 -34.66 4.32 -26.46
N GLU E 348 -34.28 3.18 -27.01
CA GLU E 348 -35.23 2.07 -27.14
C GLU E 348 -35.49 1.38 -25.81
N GLY E 349 -34.59 1.56 -24.84
CA GLY E 349 -34.75 0.90 -23.55
C GLY E 349 -34.70 1.84 -22.37
N ASP E 350 -35.19 1.39 -21.22
CA ASP E 350 -35.17 2.17 -20.00
C ASP E 350 -34.67 1.37 -18.80
N ILE E 351 -33.72 0.45 -19.03
CA ILE E 351 -33.23 -0.39 -17.95
C ILE E 351 -32.38 0.42 -16.98
N VAL E 352 -31.68 1.44 -17.49
CA VAL E 352 -30.79 2.25 -16.64
C VAL E 352 -31.58 3.00 -15.57
N TYR E 353 -32.63 3.71 -16.00
CA TYR E 353 -33.47 4.46 -15.06
C TYR E 353 -34.20 3.53 -14.12
N ARG E 354 -34.70 2.40 -14.65
CA ARG E 354 -35.36 1.41 -13.81
C ARG E 354 -34.41 0.83 -12.78
N LEU E 355 -33.16 0.55 -13.18
CA LEU E 355 -32.17 0.05 -12.25
C LEU E 355 -31.89 1.06 -11.14
N TYR E 356 -31.68 2.32 -11.51
CA TYR E 356 -31.36 3.34 -10.51
C TYR E 356 -32.52 3.53 -9.53
N MET E 357 -33.75 3.55 -10.05
CA MET E 357 -34.93 3.65 -9.18
C MET E 357 -35.05 2.45 -8.27
N ARG E 358 -34.72 1.25 -8.77
CA ARG E 358 -34.82 0.04 -7.96
C ARG E 358 -33.83 0.07 -6.81
N GLN E 359 -32.58 0.48 -7.08
CA GLN E 359 -31.59 0.57 -6.00
C GLN E 359 -31.96 1.67 -5.01
N THR E 360 -32.53 2.78 -5.48
CA THR E 360 -32.99 3.81 -4.56
C THR E 360 -34.09 3.30 -3.64
N ILE E 361 -35.05 2.56 -4.20
CA ILE E 361 -36.14 2.01 -3.40
C ILE E 361 -35.61 0.98 -2.40
N ILE E 362 -34.68 0.14 -2.84
CA ILE E 362 -34.10 -0.86 -1.94
C ILE E 362 -33.33 -0.19 -0.81
N LYS E 363 -32.59 0.88 -1.11
CA LYS E 363 -31.87 1.60 -0.07
C LYS E 363 -32.81 2.24 0.93
N VAL E 364 -33.92 2.81 0.45
CA VAL E 364 -34.89 3.42 1.36
C VAL E 364 -35.52 2.37 2.27
N ILE E 365 -35.92 1.23 1.69
CA ILE E 365 -36.54 0.17 2.48
C ILE E 365 -35.56 -0.39 3.50
N LYS E 366 -34.31 -0.60 3.08
CA LYS E 366 -33.30 -1.10 3.99
C LYS E 366 -33.03 -0.11 5.11
N PHE E 367 -32.95 1.19 4.80
CA PHE E 367 -32.73 2.19 5.84
C PHE E 367 -33.86 2.19 6.85
N ALA E 368 -35.11 2.05 6.38
CA ALA E 368 -36.24 1.96 7.29
C ALA E 368 -36.11 0.75 8.21
N LEU E 369 -35.72 -0.40 7.65
CA LEU E 369 -35.56 -1.61 8.46
C LEU E 369 -34.45 -1.45 9.49
N ILE E 370 -33.30 -0.90 9.09
CA ILE E 370 -32.19 -0.68 10.01
C ILE E 370 -32.61 0.23 11.14
N ILE E 371 -33.23 1.36 10.81
CA ILE E 371 -33.65 2.30 11.84
C ILE E 371 -34.63 1.66 12.80
N CYS E 372 -35.62 0.92 12.29
CA CYS E 372 -36.62 0.30 13.17
C CYS E 372 -35.99 -0.70 14.12
N TYR E 373 -35.22 -1.65 13.59
CA TYR E 373 -34.72 -2.71 14.48
C TYR E 373 -33.64 -2.16 15.40
N THR E 374 -32.89 -1.16 14.96
CA THR E 374 -31.84 -0.61 15.81
C THR E 374 -32.41 0.23 16.94
N VAL E 375 -33.46 1.01 16.67
CA VAL E 375 -34.05 1.78 17.77
C VAL E 375 -34.80 0.86 18.71
N TYR E 376 -35.26 -0.29 18.20
CA TYR E 376 -35.84 -1.29 19.10
C TYR E 376 -34.76 -1.86 20.03
N TYR E 377 -33.63 -2.29 19.48
CA TYR E 377 -32.68 -3.10 20.23
C TYR E 377 -31.50 -2.33 20.80
N VAL E 378 -31.42 -1.01 20.63
CA VAL E 378 -30.26 -0.29 21.11
C VAL E 378 -30.27 -0.16 22.63
N HIS E 379 -31.43 -0.36 23.27
CA HIS E 379 -31.47 -0.31 24.72
C HIS E 379 -31.08 -1.63 25.36
N ASN E 380 -30.92 -2.69 24.56
CA ASN E 380 -30.50 -3.98 25.10
C ASN E 380 -29.02 -4.03 25.40
N ILE E 381 -28.24 -3.08 24.89
CA ILE E 381 -26.81 -3.01 25.20
C ILE E 381 -26.69 -2.35 26.57
N LYS E 382 -26.40 -3.16 27.59
CA LYS E 382 -26.30 -2.68 28.96
C LYS E 382 -24.97 -3.09 29.55
N PHE E 383 -24.54 -2.35 30.59
CA PHE E 383 -23.31 -2.68 31.28
C PHE E 383 -23.52 -3.85 32.23
N ASP E 384 -24.41 -3.69 33.21
CA ASP E 384 -24.63 -4.71 34.23
C ASP E 384 -25.78 -5.61 33.77
N VAL E 385 -25.47 -6.90 33.60
CA VAL E 385 -26.44 -7.90 33.15
C VAL E 385 -26.45 -9.04 34.16
N ASP E 386 -27.63 -9.37 34.66
CA ASP E 386 -27.76 -10.53 35.53
C ASP E 386 -27.98 -11.79 34.70
N CYS E 387 -27.24 -12.84 35.01
CA CYS E 387 -27.33 -14.09 34.26
C CYS E 387 -27.69 -15.22 35.20
N THR E 388 -28.52 -16.14 34.72
CA THR E 388 -28.92 -17.34 35.45
C THR E 388 -28.85 -18.50 34.47
N VAL E 389 -27.76 -19.27 34.57
CA VAL E 389 -27.43 -20.25 33.54
C VAL E 389 -27.50 -21.69 34.03
N ASP E 390 -27.68 -21.90 35.33
CA ASP E 390 -27.81 -23.24 35.92
C ASP E 390 -26.60 -24.12 35.61
N ILE E 391 -25.43 -23.68 36.09
CA ILE E 391 -24.22 -24.48 36.00
C ILE E 391 -23.74 -24.76 37.42
N GLU E 392 -24.69 -24.89 38.34
CA GLU E 392 -24.36 -25.14 39.74
C GLU E 392 -23.64 -26.46 39.93
N SER E 393 -23.84 -27.41 39.01
CA SER E 393 -23.15 -28.69 39.12
C SER E 393 -21.66 -28.56 38.83
N LEU E 394 -21.26 -27.55 38.05
CA LEU E 394 -19.87 -27.37 37.67
C LEU E 394 -19.17 -26.26 38.44
N THR E 395 -19.88 -25.23 38.88
CA THR E 395 -19.24 -24.13 39.58
C THR E 395 -19.72 -24.00 41.02
N GLY E 396 -20.95 -24.40 41.32
CA GLY E 396 -21.50 -24.27 42.65
C GLY E 396 -22.42 -23.09 42.85
N TYR E 397 -22.60 -22.25 41.84
CA TYR E 397 -23.45 -21.07 41.93
C TYR E 397 -24.50 -21.10 40.84
N ARG E 398 -25.67 -20.55 41.14
CA ARG E 398 -26.79 -20.54 40.20
C ARG E 398 -26.87 -19.23 39.43
N THR E 399 -26.92 -18.09 40.13
CA THR E 399 -27.08 -16.79 39.50
C THR E 399 -25.81 -15.98 39.67
N TYR E 400 -25.43 -15.25 38.62
CA TYR E 400 -24.25 -14.41 38.63
C TYR E 400 -24.62 -13.04 38.08
N ARG E 401 -23.78 -12.04 38.38
CA ARG E 401 -23.96 -10.72 37.82
C ARG E 401 -22.71 -10.38 37.01
N CYS E 402 -22.88 -10.15 35.72
CA CYS E 402 -21.80 -9.81 34.81
C CYS E 402 -21.81 -8.31 34.51
N ALA E 403 -20.64 -7.81 34.14
CA ALA E 403 -20.50 -6.44 33.68
C ALA E 403 -19.78 -6.48 32.33
N HIS E 404 -20.52 -6.22 31.27
CA HIS E 404 -19.96 -6.26 29.92
C HIS E 404 -19.08 -5.04 29.70
N PRO E 405 -17.78 -5.20 29.46
CA PRO E 405 -16.88 -4.02 29.40
C PRO E 405 -17.20 -3.07 28.26
N LEU E 406 -17.21 -3.56 27.02
CA LEU E 406 -17.51 -2.73 25.87
C LEU E 406 -19.02 -2.69 25.63
N ALA E 407 -19.74 -2.15 26.62
CA ALA E 407 -21.16 -1.89 26.48
C ALA E 407 -21.46 -0.43 26.18
N THR E 408 -21.03 0.48 27.06
CA THR E 408 -21.25 1.90 26.83
C THR E 408 -20.57 2.37 25.55
N LEU E 409 -19.36 1.89 25.30
CA LEU E 409 -18.69 2.24 24.05
C LEU E 409 -19.35 1.55 22.86
N PHE E 410 -20.01 0.41 23.09
CA PHE E 410 -20.89 -0.14 22.05
C PHE E 410 -22.22 0.58 22.02
N LYS E 411 -22.59 1.25 23.10
CA LYS E 411 -23.85 2.01 23.10
C LYS E 411 -23.72 3.25 22.22
N ILE E 412 -22.82 4.16 22.59
CA ILE E 412 -22.70 5.45 21.91
C ILE E 412 -22.40 5.24 20.43
N LEU E 413 -21.47 4.33 20.10
CA LEU E 413 -21.20 4.00 18.71
C LEU E 413 -22.48 3.65 17.97
N ALA E 414 -23.28 2.74 18.54
CA ALA E 414 -24.55 2.39 17.94
C ALA E 414 -25.40 3.63 17.72
N SER E 415 -25.54 4.45 18.77
CA SER E 415 -26.30 5.69 18.63
C SER E 415 -25.71 6.55 17.53
N PHE E 416 -24.39 6.73 17.53
CA PHE E 416 -23.78 7.54 16.49
C PHE E 416 -23.94 6.87 15.14
N TYR E 417 -23.83 5.53 15.11
CA TYR E 417 -24.12 4.79 13.89
C TYR E 417 -25.52 5.10 13.40
N ILE E 418 -26.50 5.09 14.33
CA ILE E 418 -27.88 5.40 13.97
C ILE E 418 -27.94 6.75 13.29
N SER E 419 -27.24 7.74 13.86
CA SER E 419 -27.25 9.08 13.29
C SER E 419 -26.84 9.05 11.82
N LEU E 420 -25.73 8.36 11.52
CA LEU E 420 -25.27 8.29 10.14
C LEU E 420 -26.33 7.68 9.25
N VAL E 421 -26.94 6.59 9.71
CA VAL E 421 -27.98 5.92 8.94
C VAL E 421 -29.11 6.88 8.63
N ILE E 422 -29.52 7.67 9.63
CA ILE E 422 -30.60 8.63 9.41
C ILE E 422 -30.24 9.58 8.28
N PHE E 423 -29.01 10.12 8.33
CA PHE E 423 -28.58 11.03 7.27
C PHE E 423 -28.63 10.33 5.93
N TYR E 424 -28.12 9.10 5.88
CA TYR E 424 -28.19 8.28 4.68
C TYR E 424 -29.63 8.19 4.19
N GLY E 425 -30.53 7.82 5.09
CA GLY E 425 -31.93 7.71 4.71
C GLY E 425 -32.48 9.03 4.22
N LEU E 426 -32.17 10.12 4.91
CA LEU E 426 -32.63 11.43 4.47
C LEU E 426 -32.16 11.70 3.06
N ILE E 427 -30.87 11.45 2.79
CA ILE E 427 -30.35 11.65 1.45
C ILE E 427 -31.08 10.76 0.47
N CYS E 428 -31.26 9.48 0.83
CA CYS E 428 -31.98 8.56 -0.03
C CYS E 428 -33.40 9.04 -0.28
N MET E 429 -34.07 9.53 0.77
CA MET E 429 -35.43 10.00 0.59
C MET E 429 -35.47 11.17 -0.38
N TYR E 430 -34.48 12.06 -0.31
CA TYR E 430 -34.42 13.16 -1.26
C TYR E 430 -34.32 12.62 -2.67
N THR E 431 -33.48 11.59 -2.86
CA THR E 431 -33.37 10.95 -4.17
C THR E 431 -34.71 10.40 -4.60
N LEU E 432 -35.45 9.79 -3.66
CA LEU E 432 -36.79 9.31 -3.97
C LEU E 432 -37.69 10.46 -4.39
N TRP E 433 -37.59 11.60 -3.71
CA TRP E 433 -38.31 12.78 -4.13
C TRP E 433 -37.86 13.22 -5.52
N TRP E 434 -36.56 13.14 -5.78
CA TRP E 434 -36.04 13.50 -7.09
C TRP E 434 -36.48 12.49 -8.15
N MET E 435 -36.96 11.31 -7.72
CA MET E 435 -37.52 10.37 -8.67
C MET E 435 -38.90 10.81 -9.13
N LEU E 436 -39.64 11.54 -8.29
CA LEU E 436 -41.03 11.83 -8.58
C LEU E 436 -41.33 13.31 -8.78
N ARG E 437 -40.38 14.19 -8.47
CA ARG E 437 -40.59 15.62 -8.71
C ARG E 437 -40.66 15.90 -10.21
N ARG E 438 -39.77 15.31 -10.99
CA ARG E 438 -39.73 15.48 -12.43
C ARG E 438 -39.67 14.11 -13.10
N SER E 439 -40.31 14.00 -14.25
CA SER E 439 -40.28 12.77 -15.03
C SER E 439 -38.91 12.67 -15.71
N LEU E 440 -38.04 11.80 -15.18
CA LEU E 440 -36.70 11.68 -15.71
C LEU E 440 -36.66 10.97 -17.05
N LYS E 441 -37.76 10.38 -17.49
CA LYS E 441 -37.81 9.72 -18.79
C LYS E 441 -37.98 10.70 -19.95
N LYS E 442 -38.26 11.97 -19.66
CA LYS E 442 -38.31 13.02 -20.69
C LYS E 442 -37.56 14.22 -20.13
N TYR E 443 -36.44 14.58 -20.75
CA TYR E 443 -35.64 15.71 -20.29
C TYR E 443 -35.59 16.71 -21.43
N SER E 444 -36.23 17.86 -21.23
CA SER E 444 -36.42 18.84 -22.30
C SER E 444 -35.16 19.67 -22.52
N PHE E 445 -35.01 20.17 -23.74
CA PHE E 445 -33.88 21.02 -24.11
C PHE E 445 -34.27 22.49 -24.25
N GLU E 446 -35.38 22.91 -23.63
CA GLU E 446 -35.95 24.23 -23.90
C GLU E 446 -35.01 25.35 -23.45
N SER E 447 -34.35 25.15 -22.30
CA SER E 447 -33.41 26.16 -21.81
C SER E 447 -32.17 26.23 -22.70
N ILE E 448 -31.73 25.07 -23.23
CA ILE E 448 -30.49 25.01 -23.99
C ILE E 448 -30.65 25.71 -25.34
N ARG E 449 -31.76 25.43 -26.03
CA ARG E 449 -31.92 25.97 -27.38
C ARG E 449 -32.23 27.45 -27.36
N GLU E 450 -32.86 27.94 -26.29
CA GLU E 450 -33.18 29.36 -26.19
C GLU E 450 -31.91 30.20 -26.02
N GLU E 451 -30.98 29.74 -25.18
CA GLU E 451 -29.76 30.50 -24.95
C GLU E 451 -28.78 30.34 -26.11
N SER E 452 -28.86 29.23 -26.83
CA SER E 452 -27.96 28.98 -27.94
C SER E 452 -28.58 29.45 -29.26
N SER E 453 -27.74 29.49 -30.30
CA SER E 453 -28.22 29.92 -31.60
C SER E 453 -29.08 28.85 -32.27
N TYR E 454 -28.81 27.59 -31.97
CA TYR E 454 -29.53 26.47 -32.61
C TYR E 454 -30.80 26.19 -31.81
N SER E 455 -31.88 26.88 -32.17
CA SER E 455 -33.19 26.68 -31.52
C SER E 455 -34.04 25.71 -32.35
N ASP E 456 -33.50 24.50 -32.51
CA ASP E 456 -34.14 23.47 -33.32
C ASP E 456 -34.14 22.09 -32.69
N ILE E 457 -33.45 21.87 -31.59
CA ILE E 457 -33.17 20.54 -31.06
C ILE E 457 -34.45 19.87 -30.53
N PRO E 458 -34.67 18.60 -30.83
CA PRO E 458 -35.77 17.87 -30.20
C PRO E 458 -35.35 17.26 -28.86
N ASP E 459 -36.35 16.95 -28.05
CA ASP E 459 -36.10 16.42 -26.72
C ASP E 459 -35.62 14.98 -26.79
N VAL E 460 -34.99 14.52 -25.72
CA VAL E 460 -34.55 13.14 -25.59
C VAL E 460 -35.49 12.40 -24.66
N LYS E 461 -35.36 11.07 -24.62
CA LYS E 461 -36.27 10.25 -23.84
C LYS E 461 -35.54 9.09 -23.19
N ASN E 462 -36.16 8.55 -22.15
CA ASN E 462 -35.81 7.28 -21.49
C ASN E 462 -34.40 7.37 -20.91
N ASP E 463 -33.50 6.44 -21.24
CA ASP E 463 -32.21 6.37 -20.58
C ASP E 463 -31.35 7.57 -20.91
N PHE E 464 -31.42 8.05 -22.16
CA PHE E 464 -30.72 9.28 -22.52
C PHE E 464 -31.21 10.45 -21.69
N ALA E 465 -32.53 10.56 -21.49
CA ALA E 465 -33.08 11.66 -20.70
C ALA E 465 -32.62 11.58 -19.25
N PHE E 466 -32.67 10.39 -18.66
CA PHE E 466 -32.25 10.24 -17.27
C PHE E 466 -30.75 10.51 -17.11
N MET E 467 -29.95 10.02 -18.06
CA MET E 467 -28.47 10.22 -17.98
C MET E 467 -28.16 11.71 -18.16
N LEU E 468 -28.86 12.41 -19.05
CA LEU E 468 -28.66 13.84 -19.19
C LEU E 468 -29.12 14.60 -17.95
N HIS E 469 -30.18 14.11 -17.28
CA HIS E 469 -30.55 14.68 -15.99
C HIS E 469 -29.42 14.54 -14.97
N LEU E 470 -28.80 13.37 -14.90
CA LEU E 470 -27.68 13.17 -13.98
C LEU E 470 -26.50 14.08 -14.35
N ILE E 471 -26.26 14.25 -15.65
CA ILE E 471 -25.21 15.16 -16.10
C ILE E 471 -25.50 16.59 -15.63
N ASP E 472 -26.76 17.02 -15.76
CA ASP E 472 -27.16 18.33 -15.25
C ASP E 472 -26.99 18.41 -13.74
N GLN E 473 -27.22 17.29 -13.04
CA GLN E 473 -27.00 17.28 -11.60
C GLN E 473 -25.55 17.53 -11.26
N TYR E 474 -24.62 16.96 -12.01
CA TYR E 474 -23.19 17.21 -11.75
C TYR E 474 -22.82 18.58 -12.32
N ASP E 475 -23.01 18.77 -13.63
CA ASP E 475 -22.71 20.06 -14.25
C ASP E 475 -23.52 20.25 -15.53
N PRO E 476 -24.37 21.27 -15.60
CA PRO E 476 -25.13 21.51 -16.84
C PRO E 476 -24.25 21.86 -18.04
N LEU E 477 -23.01 22.30 -17.82
CA LEU E 477 -22.14 22.69 -18.92
C LEU E 477 -21.85 21.50 -19.83
N TYR E 478 -21.68 20.31 -19.26
CA TYR E 478 -21.45 19.12 -20.07
C TYR E 478 -22.64 18.84 -20.99
N SER E 479 -23.86 18.94 -20.46
CA SER E 479 -25.05 18.70 -21.28
C SER E 479 -25.23 19.77 -22.35
N LYS E 480 -25.00 21.04 -22.00
CA LYS E 480 -25.13 22.11 -22.98
C LYS E 480 -24.10 21.99 -24.08
N ARG E 481 -22.87 21.58 -23.72
CA ARG E 481 -21.83 21.37 -24.72
C ARG E 481 -22.14 20.15 -25.59
N PHE E 482 -22.70 19.09 -25.01
CA PHE E 482 -23.07 17.93 -25.79
C PHE E 482 -24.30 18.19 -26.65
N ALA E 483 -25.05 19.25 -26.35
CA ALA E 483 -26.24 19.59 -27.12
C ALA E 483 -25.91 20.01 -28.55
N VAL E 484 -24.70 20.52 -28.80
CA VAL E 484 -24.36 20.96 -30.14
C VAL E 484 -24.03 19.78 -31.05
N PHE E 485 -23.84 18.59 -30.49
CA PHE E 485 -23.60 17.39 -31.27
C PHE E 485 -24.86 16.55 -31.46
N LEU E 486 -26.02 17.06 -31.07
CA LEU E 486 -27.26 16.31 -31.15
C LEU E 486 -28.27 16.92 -32.13
N SER E 487 -28.03 18.14 -32.60
CA SER E 487 -29.01 18.84 -33.42
C SER E 487 -28.76 18.65 -34.91
N GLU E 488 -29.80 18.86 -35.70
CA GLU E 488 -29.72 18.71 -37.15
C GLU E 488 -29.27 20.00 -37.83
N VAL E 489 -29.59 21.16 -37.26
CA VAL E 489 -29.09 22.42 -37.81
C VAL E 489 -27.58 22.49 -37.67
N SER E 490 -27.05 22.01 -36.53
CA SER E 490 -25.60 21.92 -36.36
C SER E 490 -25.00 20.93 -37.35
N GLU E 491 -25.73 19.85 -37.65
CA GLU E 491 -25.26 18.89 -38.66
C GLU E 491 -25.16 19.55 -40.03
N ASN E 492 -26.18 20.34 -40.40
CA ASN E 492 -26.14 21.04 -41.68
C ASN E 492 -25.04 22.09 -41.71
N LYS E 493 -24.83 22.78 -40.59
CA LYS E 493 -23.76 23.78 -40.50
C LYS E 493 -22.40 23.12 -40.65
N LEU E 494 -22.20 21.97 -40.02
CA LEU E 494 -20.93 21.26 -40.14
C LEU E 494 -20.74 20.72 -41.55
N ARG E 495 -21.83 20.26 -42.19
CA ARG E 495 -21.74 19.81 -43.57
C ARG E 495 -21.33 20.94 -44.50
N GLN E 496 -21.93 22.12 -44.33
CA GLN E 496 -21.55 23.27 -45.14
C GLN E 496 -20.11 23.70 -44.86
N LEU E 497 -19.70 23.66 -43.59
CA LEU E 497 -18.33 24.03 -43.23
C LEU E 497 -17.32 23.06 -43.84
N ASN E 498 -17.62 21.76 -43.78
CA ASN E 498 -16.74 20.77 -44.39
C ASN E 498 -16.71 20.89 -45.90
N LEU E 499 -17.82 21.32 -46.51
CA LEU E 499 -17.80 21.67 -47.92
C LEU E 499 -16.84 22.83 -48.17
N ASN E 500 -16.88 23.84 -47.29
CA ASN E 500 -15.89 24.91 -47.37
C ASN E 500 -14.50 24.40 -46.96
N ASN E 501 -14.43 23.55 -45.96
CA ASN E 501 -13.17 23.00 -45.48
C ASN E 501 -12.66 21.92 -46.44
N ALA F 16 -5.79 23.31 -10.59
CA ALA F 16 -5.40 23.28 -9.19
C ALA F 16 -5.76 24.60 -8.50
N PHE F 17 -6.46 24.50 -7.37
CA PHE F 17 -6.88 25.66 -6.60
C PHE F 17 -5.94 25.99 -5.45
N ARG F 18 -4.77 25.33 -5.40
CA ARG F 18 -3.79 25.66 -4.36
C ARG F 18 -3.26 27.08 -4.51
N VAL F 19 -3.33 27.63 -5.72
CA VAL F 19 -2.92 29.01 -5.95
C VAL F 19 -3.84 29.97 -5.18
N LEU F 20 -5.14 29.68 -5.16
CA LEU F 20 -6.06 30.51 -4.40
C LEU F 20 -5.96 30.24 -2.91
N LYS F 21 -5.38 29.11 -2.53
CA LYS F 21 -5.17 28.80 -1.11
C LYS F 21 -4.05 29.66 -0.54
N PRO F 22 -4.32 30.47 0.47
CA PRO F 22 -3.24 31.26 1.10
C PRO F 22 -2.48 30.41 2.09
N TRP F 23 -1.56 31.05 2.82
CA TRP F 23 -0.68 30.30 3.71
C TRP F 23 -1.43 29.85 4.95
N TRP F 24 -2.43 30.62 5.39
CA TRP F 24 -3.18 30.23 6.58
C TRP F 24 -4.01 28.99 6.33
N ASP F 25 -4.57 28.86 5.12
CA ASP F 25 -5.40 27.69 4.82
C ASP F 25 -4.56 26.41 4.81
N VAL F 26 -3.39 26.46 4.20
CA VAL F 26 -2.53 25.27 4.17
C VAL F 26 -1.93 25.01 5.56
N PHE F 27 -1.70 26.08 6.33
CA PHE F 27 -1.21 25.91 7.70
C PHE F 27 -2.25 25.18 8.55
N THR F 28 -3.52 25.59 8.41
CA THR F 28 -4.60 24.90 9.11
C THR F 28 -4.78 23.49 8.58
N ASP F 29 -4.47 23.26 7.30
CA ASP F 29 -4.58 21.92 6.74
C ASP F 29 -3.57 20.96 7.38
N TYR F 30 -2.31 21.37 7.47
CA TYR F 30 -1.33 20.53 8.15
C TYR F 30 -1.59 20.44 9.66
N LEU F 31 -2.12 21.50 10.26
CA LEU F 31 -2.52 21.41 11.66
C LEU F 31 -3.62 20.39 11.86
N SER F 32 -4.59 20.35 10.94
CA SER F 32 -5.68 19.38 11.02
C SER F 32 -5.16 17.96 10.79
N VAL F 33 -4.18 17.80 9.90
CA VAL F 33 -3.57 16.49 9.69
C VAL F 33 -2.87 16.01 10.96
N ALA F 34 -2.13 16.91 11.60
CA ALA F 34 -1.46 16.57 12.86
C ALA F 34 -2.48 16.24 13.94
N MET F 35 -3.58 16.98 13.99
CA MET F 35 -4.64 16.72 14.95
C MET F 35 -5.26 15.35 14.72
N LEU F 36 -5.48 14.98 13.46
CA LEU F 36 -6.00 13.66 13.13
C LEU F 36 -5.03 12.56 13.53
N MET F 37 -3.73 12.80 13.33
CA MET F 37 -2.73 11.84 13.78
C MET F 37 -2.75 11.67 15.29
N ILE F 38 -2.90 12.78 16.02
CA ILE F 38 -2.98 12.73 17.48
C ILE F 38 -4.21 11.94 17.90
N GLY F 39 -5.34 12.17 17.24
CA GLY F 39 -6.56 11.45 17.56
C GLY F 39 -6.44 9.96 17.28
N VAL F 40 -5.80 9.60 16.17
CA VAL F 40 -5.61 8.20 15.83
C VAL F 40 -4.71 7.52 16.85
N PHE F 41 -3.63 8.20 17.25
CA PHE F 41 -2.74 7.65 18.26
C PHE F 41 -3.46 7.48 19.59
N GLY F 42 -4.27 8.46 19.98
CA GLY F 42 -5.02 8.34 21.22
C GLY F 42 -6.04 7.22 21.17
N CYS F 43 -6.68 7.02 20.02
CA CYS F 43 -7.64 5.94 19.88
C CYS F 43 -6.95 4.59 19.98
N THR F 44 -5.76 4.47 19.38
CA THR F 44 -5.01 3.22 19.49
C THR F 44 -4.57 2.97 20.92
N LEU F 45 -4.20 4.04 21.66
CA LEU F 45 -3.89 3.89 23.07
C LEU F 45 -5.12 3.44 23.86
N GLN F 46 -6.28 4.01 23.55
CA GLN F 46 -7.51 3.66 24.26
C GLN F 46 -7.93 2.23 23.97
N VAL F 47 -7.61 1.74 22.78
CA VAL F 47 -8.05 0.40 22.38
C VAL F 47 -7.31 -0.67 23.18
N MET F 48 -6.00 -0.54 23.33
CA MET F 48 -5.21 -1.65 23.87
C MET F 48 -4.49 -1.30 25.17
N GLN F 49 -4.00 -0.07 25.31
CA GLN F 49 -3.18 0.25 26.48
C GLN F 49 -3.99 0.92 27.59
N ASP F 50 -5.25 1.25 27.33
CA ASP F 50 -6.05 1.91 28.35
C ASP F 50 -6.53 0.88 29.36
N LYS F 51 -6.11 1.04 30.60
CA LYS F 51 -6.56 0.18 31.69
C LYS F 51 -6.45 0.94 33.00
N ILE F 52 -7.31 0.58 33.94
CA ILE F 52 -7.32 1.17 35.27
C ILE F 52 -7.01 0.08 36.28
N ILE F 53 -6.35 0.43 37.37
CA ILE F 53 -5.92 -0.52 38.38
C ILE F 53 -6.45 -0.06 39.72
N CYS F 54 -7.33 -0.84 40.33
CA CYS F 54 -8.04 -0.45 41.53
C CYS F 54 -7.70 -1.39 42.68
N LEU F 55 -7.34 -0.83 43.83
CA LEU F 55 -7.09 -1.59 45.04
C LEU F 55 -8.05 -1.13 46.12
N PRO F 56 -8.64 -2.06 46.88
CA PRO F 56 -9.58 -1.67 47.92
C PRO F 56 -8.94 -0.80 48.99
N LYS F 57 -9.69 0.18 49.48
CA LYS F 57 -9.25 1.01 50.57
C LYS F 57 -9.68 0.42 51.91
N ARG F 58 -8.85 0.64 52.93
CA ARG F 58 -9.06 0.11 54.27
C ARG F 58 -9.18 -1.42 54.26
N VAL F 59 -8.08 -2.06 53.85
CA VAL F 59 -8.05 -3.51 53.76
C VAL F 59 -8.03 -4.12 55.16
N GLN F 60 -8.95 -5.03 55.41
CA GLN F 60 -9.05 -5.80 56.66
C GLN F 60 -9.15 -4.90 57.88
N THR F 93 15.23 -0.90 61.81
CA THR F 93 14.98 -2.01 60.91
C THR F 93 13.71 -2.75 61.34
N VAL F 94 12.62 -2.50 60.62
CA VAL F 94 11.34 -3.13 60.92
C VAL F 94 11.00 -4.15 59.83
N GLU F 95 10.05 -5.04 60.14
CA GLU F 95 9.54 -5.99 59.15
C GLU F 95 8.24 -5.45 58.58
N MET F 96 8.10 -5.50 57.26
CA MET F 96 6.87 -5.08 56.61
C MET F 96 6.17 -6.27 55.97
N LYS F 97 4.87 -6.37 56.22
CA LYS F 97 4.06 -7.46 55.70
C LYS F 97 2.96 -6.89 54.81
N GLY F 98 2.74 -7.55 53.68
CA GLY F 98 1.75 -7.08 52.73
C GLY F 98 0.33 -7.24 53.24
N LEU F 99 -0.53 -6.31 52.82
CA LEU F 99 -1.93 -6.38 53.18
C LEU F 99 -2.65 -7.35 52.25
N LYS F 100 -3.38 -8.29 52.85
CA LYS F 100 -4.10 -9.32 52.10
C LYS F 100 -5.54 -8.89 51.91
N THR F 101 -5.96 -8.74 50.65
CA THR F 101 -7.31 -8.32 50.35
C THR F 101 -8.30 -9.48 50.24
N ASP F 102 -7.81 -10.71 50.17
CA ASP F 102 -8.63 -11.92 50.05
C ASP F 102 -9.55 -11.88 48.83
N LEU F 103 -9.07 -11.32 47.73
CA LEU F 103 -9.85 -11.18 46.50
C LEU F 103 -9.24 -12.00 45.38
N ASP F 104 -10.09 -12.60 44.57
CA ASP F 104 -9.63 -13.39 43.43
C ASP F 104 -9.23 -12.44 42.30
N LEU F 105 -8.76 -13.00 41.19
CA LEU F 105 -8.42 -12.17 40.03
C LEU F 105 -9.68 -11.64 39.36
N GLN F 106 -10.76 -12.43 39.37
CA GLN F 106 -11.99 -11.98 38.72
C GLN F 106 -12.68 -10.87 39.51
N GLN F 107 -12.64 -10.94 40.83
CA GLN F 107 -13.13 -9.82 41.63
C GLN F 107 -12.33 -8.56 41.36
N TYR F 108 -11.01 -8.71 41.21
CA TYR F 108 -10.17 -7.56 40.89
C TYR F 108 -10.51 -6.96 39.54
N SER F 109 -10.74 -7.81 38.52
CA SER F 109 -11.13 -7.31 37.21
C SER F 109 -12.51 -6.66 37.25
N PHE F 110 -13.44 -7.23 38.01
CA PHE F 110 -14.76 -6.64 38.18
C PHE F 110 -14.67 -5.27 38.82
N ILE F 111 -13.82 -5.12 39.85
CA ILE F 111 -13.62 -3.82 40.48
C ILE F 111 -13.01 -2.85 39.48
N ASN F 112 -12.02 -3.31 38.71
CA ASN F 112 -11.39 -2.46 37.71
C ASN F 112 -12.40 -1.88 36.75
N GLN F 113 -13.22 -2.72 36.14
CA GLN F 113 -14.12 -2.20 35.12
C GLN F 113 -15.34 -1.52 35.70
N MET F 114 -15.77 -1.91 36.90
CA MET F 114 -16.83 -1.19 37.59
C MET F 114 -16.41 0.22 37.98
N CYS F 115 -15.14 0.44 38.28
CA CYS F 115 -14.64 1.79 38.54
C CYS F 115 -14.25 2.52 37.28
N TYR F 116 -13.87 1.80 36.22
CA TYR F 116 -13.60 2.43 34.94
C TYR F 116 -14.87 3.02 34.34
N GLU F 117 -15.97 2.27 34.43
CA GLU F 117 -17.22 2.74 33.85
C GLU F 117 -17.76 3.96 34.61
N ARG F 118 -17.63 3.95 35.94
CA ARG F 118 -18.32 4.93 36.77
C ARG F 118 -17.40 6.03 37.29
N ALA F 119 -16.31 5.66 37.96
CA ALA F 119 -15.50 6.64 38.67
C ALA F 119 -14.72 7.53 37.71
N LEU F 120 -14.21 6.96 36.62
CA LEU F 120 -13.41 7.73 35.69
C LEU F 120 -14.26 8.78 34.99
N HIS F 121 -13.70 9.97 34.81
CA HIS F 121 -14.39 11.04 34.10
C HIS F 121 -14.56 10.67 32.63
N TRP F 122 -15.65 11.14 32.04
CA TRP F 122 -15.95 10.81 30.65
C TRP F 122 -14.92 11.42 29.70
N TYR F 123 -14.31 12.54 30.10
CA TYR F 123 -13.27 13.14 29.25
C TYR F 123 -12.06 12.22 29.13
N ALA F 124 -11.63 11.62 30.23
CA ALA F 124 -10.46 10.76 30.19
C ALA F 124 -10.72 9.50 29.36
N LYS F 125 -11.98 9.11 29.23
CA LYS F 125 -12.31 7.92 28.45
C LYS F 125 -12.59 8.23 26.98
N TYR F 126 -13.10 9.42 26.68
CA TYR F 126 -13.52 9.74 25.31
C TYR F 126 -12.80 10.97 24.75
N PHE F 127 -11.63 11.30 25.26
CA PHE F 127 -10.83 12.37 24.66
C PHE F 127 -10.39 12.07 23.23
N PRO F 128 -9.82 10.89 22.91
CA PRO F 128 -9.42 10.67 21.50
C PRO F 128 -10.57 10.68 20.52
N TYR F 129 -11.73 10.15 20.91
CA TYR F 129 -12.88 10.14 20.00
C TYR F 129 -13.39 11.56 19.77
N LEU F 130 -13.40 12.39 20.81
CA LEU F 130 -13.76 13.79 20.65
C LEU F 130 -12.76 14.51 19.75
N VAL F 131 -11.47 14.21 19.90
CA VAL F 131 -10.46 14.79 19.05
C VAL F 131 -10.68 14.40 17.59
N LEU F 132 -10.98 13.13 17.35
CA LEU F 132 -11.26 12.66 15.99
C LEU F 132 -12.47 13.36 15.40
N ILE F 133 -13.55 13.48 16.17
CA ILE F 133 -14.75 14.13 15.66
C ILE F 133 -14.48 15.59 15.34
N HIS F 134 -13.81 16.29 16.25
CA HIS F 134 -13.56 17.72 16.04
C HIS F 134 -12.62 17.95 14.88
N THR F 135 -11.62 17.09 14.70
CA THR F 135 -10.68 17.29 13.60
C THR F 135 -11.31 16.91 12.26
N LEU F 136 -12.25 15.95 12.25
CA LEU F 136 -12.97 15.67 11.01
C LEU F 136 -13.89 16.82 10.65
N VAL F 137 -14.54 17.44 11.63
CA VAL F 137 -15.36 18.61 11.35
C VAL F 137 -14.50 19.76 10.86
N PHE F 138 -13.30 19.92 11.45
CA PHE F 138 -12.38 20.96 11.00
C PHE F 138 -11.94 20.73 9.56
N MET F 139 -11.62 19.48 9.21
CA MET F 139 -11.18 19.17 7.86
C MET F 139 -12.30 19.36 6.86
N LEU F 140 -13.53 18.98 7.22
CA LEU F 140 -14.66 19.18 6.32
C LEU F 140 -14.97 20.66 6.14
N CYS F 141 -14.83 21.45 7.21
CA CYS F 141 -15.08 22.88 7.16
C CYS F 141 -13.93 23.67 6.54
N SER F 142 -12.73 23.07 6.47
CA SER F 142 -11.57 23.80 5.97
C SER F 142 -11.71 24.14 4.49
N ASN F 143 -12.45 23.32 3.73
CA ASN F 143 -12.64 23.52 2.30
C ASN F 143 -14.10 23.80 1.98
N PHE F 144 -14.81 24.48 2.87
CA PHE F 144 -16.18 24.90 2.59
C PHE F 144 -16.22 25.87 1.42
N TRP F 145 -15.41 26.93 1.50
CA TRP F 145 -15.22 27.93 0.46
C TRP F 145 -14.60 27.36 -0.81
N PHE F 146 -14.01 26.16 -0.74
CA PHE F 146 -13.45 25.50 -1.91
C PHE F 146 -14.42 24.56 -2.59
N LYS F 147 -15.34 23.93 -1.84
CA LYS F 147 -16.18 22.86 -2.39
C LYS F 147 -17.50 23.35 -3.01
N PHE F 148 -17.83 24.62 -2.87
CA PHE F 148 -19.10 25.12 -3.40
C PHE F 148 -19.08 25.10 -4.93
N PRO F 149 -20.15 24.64 -5.58
CA PRO F 149 -20.11 24.50 -7.05
C PRO F 149 -19.97 25.82 -7.80
N GLY F 150 -20.85 26.79 -7.54
CA GLY F 150 -20.74 28.07 -8.21
C GLY F 150 -19.48 28.82 -7.82
N SER F 151 -19.11 28.73 -6.55
CA SER F 151 -17.87 29.36 -6.09
C SER F 151 -16.66 28.75 -6.78
N SER F 152 -16.63 27.42 -6.91
CA SER F 152 -15.50 26.77 -7.59
C SER F 152 -15.48 27.11 -9.08
N SER F 153 -16.66 27.25 -9.69
CA SER F 153 -16.70 27.69 -11.09
C SER F 153 -16.13 29.09 -11.24
N LYS F 154 -16.49 30.00 -10.31
CA LYS F 154 -15.93 31.35 -10.33
C LYS F 154 -14.42 31.32 -10.12
N ILE F 155 -13.95 30.47 -9.21
CA ILE F 155 -12.52 30.40 -8.91
C ILE F 155 -11.75 29.88 -10.13
N GLU F 156 -12.29 28.84 -10.78
CA GLU F 156 -11.65 28.30 -11.97
C GLU F 156 -11.61 29.34 -13.08
N HIS F 157 -12.72 30.06 -13.28
CA HIS F 157 -12.73 31.13 -14.28
C HIS F 157 -11.69 32.20 -13.96
N PHE F 158 -11.60 32.60 -12.70
CA PHE F 158 -10.68 33.67 -12.32
C PHE F 158 -9.23 33.25 -12.48
N ILE F 159 -8.89 32.04 -12.05
CA ILE F 159 -7.52 31.58 -12.20
C ILE F 159 -7.20 31.38 -13.67
N SER F 160 -8.19 30.97 -14.48
CA SER F 160 -7.96 30.81 -15.92
C SER F 160 -7.64 32.15 -16.58
N ILE F 161 -8.43 33.18 -16.30
CA ILE F 161 -8.20 34.47 -16.95
C ILE F 161 -6.90 35.09 -16.44
N LEU F 162 -6.61 34.92 -15.15
CA LEU F 162 -5.38 35.52 -14.61
C LEU F 162 -4.15 34.82 -15.15
N GLY F 163 -4.19 33.49 -15.28
CA GLY F 163 -3.07 32.79 -15.89
C GLY F 163 -2.94 33.11 -17.36
N LYS F 164 -4.06 33.29 -18.06
CA LYS F 164 -4.01 33.64 -19.48
C LYS F 164 -3.39 35.02 -19.68
N CYS F 165 -3.76 36.00 -18.86
CA CYS F 165 -3.20 37.34 -19.02
C CYS F 165 -1.76 37.39 -18.53
N PHE F 166 -1.41 36.57 -17.53
CA PHE F 166 -0.01 36.45 -17.14
C PHE F 166 0.81 35.83 -18.27
N ASP F 167 0.26 34.84 -18.97
CA ASP F 167 0.97 34.26 -20.10
C ASP F 167 0.87 35.14 -21.34
N SER F 168 -0.06 36.09 -21.35
CA SER F 168 -0.24 36.97 -22.49
C SER F 168 0.93 37.94 -22.59
N PRO F 169 1.60 38.01 -23.74
CA PRO F 169 2.73 38.96 -23.89
C PRO F 169 2.30 40.42 -23.83
N TRP F 170 1.03 40.72 -24.12
CA TRP F 170 0.60 42.11 -24.20
C TRP F 170 0.60 42.78 -22.84
N THR F 171 0.45 42.02 -21.76
CA THR F 171 0.55 42.59 -20.42
C THR F 171 1.92 43.21 -20.18
N THR F 172 2.98 42.42 -20.39
CA THR F 172 4.33 42.92 -20.22
C THR F 172 4.66 43.98 -21.26
N ARG F 173 4.16 43.81 -22.49
CA ARG F 173 4.42 44.78 -23.54
C ARG F 173 3.84 46.15 -23.20
N ALA F 174 2.59 46.17 -22.72
CA ALA F 174 1.96 47.44 -22.35
C ALA F 174 2.59 48.03 -21.09
N LEU F 175 2.99 47.17 -20.16
CA LEU F 175 3.66 47.65 -18.95
C LEU F 175 4.99 48.32 -19.29
N SER F 176 5.73 47.74 -20.23
CA SER F 176 6.99 48.35 -20.66
C SER F 176 6.75 49.58 -21.52
N GLU F 177 5.68 49.59 -22.31
CA GLU F 177 5.40 50.71 -23.19
C GLU F 177 4.99 51.95 -22.39
N VAL F 178 4.06 51.78 -21.45
CA VAL F 178 3.63 52.90 -20.63
C VAL F 178 4.75 53.31 -19.66
N SER F 179 5.39 52.33 -19.04
CA SER F 179 6.49 52.60 -18.12
C SER F 179 7.80 52.02 -18.64
N LYS F 232 -0.78 42.54 -34.91
CA LYS F 232 -0.46 41.17 -35.30
C LYS F 232 -1.37 40.17 -34.59
N LYS F 233 -0.96 38.90 -34.56
CA LYS F 233 -1.77 37.85 -33.96
C LYS F 233 -1.92 38.05 -32.46
N GLU F 234 -0.81 38.39 -31.78
CA GLU F 234 -0.86 38.55 -30.33
C GLU F 234 -1.73 39.74 -29.93
N GLY F 235 -1.84 40.76 -30.78
CA GLY F 235 -2.79 41.83 -30.52
C GLY F 235 -4.23 41.34 -30.59
N GLU F 236 -4.53 40.46 -31.54
CA GLU F 236 -5.85 39.87 -31.61
C GLU F 236 -6.15 39.03 -30.37
N GLN F 237 -5.17 38.25 -29.91
CA GLN F 237 -5.35 37.47 -28.69
C GLN F 237 -5.50 38.38 -27.48
N ALA F 238 -4.81 39.52 -27.48
CA ALA F 238 -4.96 40.49 -26.40
C ALA F 238 -6.36 41.09 -26.37
N LYS F 239 -6.91 41.39 -27.55
CA LYS F 239 -8.28 41.93 -27.61
C LYS F 239 -9.29 40.88 -27.17
N ALA F 240 -9.08 39.62 -27.56
CA ALA F 240 -9.94 38.54 -27.08
C ALA F 240 -9.85 38.38 -25.57
N LEU F 241 -8.64 38.49 -25.02
CA LEU F 241 -8.48 38.40 -23.57
C LEU F 241 -9.12 39.60 -22.87
N PHE F 242 -9.12 40.76 -23.53
CA PHE F 242 -9.73 41.95 -22.93
C PHE F 242 -11.25 41.83 -22.90
N GLU F 243 -11.84 41.30 -23.98
CA GLU F 243 -13.28 41.06 -23.92
C GLU F 243 -13.62 39.93 -22.95
N LYS F 244 -12.71 38.97 -22.75
CA LYS F 244 -12.87 38.01 -21.67
C LYS F 244 -12.83 38.69 -20.30
N VAL F 245 -11.96 39.69 -20.15
CA VAL F 245 -11.92 40.47 -18.91
C VAL F 245 -13.26 41.16 -18.67
N LYS F 246 -13.82 41.76 -19.73
CA LYS F 246 -15.12 42.43 -19.61
C LYS F 246 -16.22 41.43 -19.28
N LYS F 247 -16.19 40.25 -19.88
CA LYS F 247 -17.17 39.21 -19.59
C LYS F 247 -17.08 38.76 -18.13
N PHE F 248 -15.85 38.59 -17.64
CA PHE F 248 -15.66 38.23 -16.23
C PHE F 248 -16.13 39.33 -15.29
N ARG F 249 -15.91 40.59 -15.66
CA ARG F 249 -16.42 41.71 -14.87
C ARG F 249 -17.94 41.68 -14.81
N LEU F 250 -18.59 41.42 -15.93
CA LEU F 250 -20.05 41.35 -15.96
C LEU F 250 -20.60 40.08 -15.31
N HIS F 251 -19.79 39.05 -15.15
CA HIS F 251 -20.25 37.76 -14.62
C HIS F 251 -19.98 37.56 -13.14
N VAL F 252 -18.95 38.20 -12.58
CA VAL F 252 -18.51 37.85 -11.22
C VAL F 252 -18.66 39.02 -10.27
N GLU F 253 -18.34 40.23 -10.75
CA GLU F 253 -18.22 41.39 -9.86
C GLU F 253 -19.56 41.74 -9.20
N GLU F 254 -20.68 41.45 -9.87
CA GLU F 254 -21.97 41.85 -9.33
C GLU F 254 -22.41 40.94 -8.19
N GLY F 255 -21.82 39.75 -8.10
CA GLY F 255 -22.22 38.82 -7.05
C GLY F 255 -21.59 39.19 -5.71
N ASP F 256 -22.09 38.53 -4.65
CA ASP F 256 -21.62 38.83 -3.29
C ASP F 256 -21.53 37.58 -2.43
N ILE F 257 -21.27 36.42 -3.03
CA ILE F 257 -21.31 35.17 -2.25
C ILE F 257 -19.94 34.84 -1.68
N LEU F 258 -18.87 35.26 -2.36
CA LEU F 258 -17.54 34.72 -2.05
C LEU F 258 -17.01 35.26 -0.72
N TYR F 259 -16.93 36.59 -0.61
CA TYR F 259 -16.42 37.20 0.63
C TYR F 259 -17.32 36.85 1.81
N ALA F 260 -18.64 36.90 1.59
CA ALA F 260 -19.56 36.60 2.68
C ALA F 260 -19.41 35.17 3.18
N MET F 261 -19.32 34.20 2.27
CA MET F 261 -19.27 32.81 2.70
C MET F 261 -17.88 32.48 3.26
N TYR F 262 -16.84 33.16 2.77
CA TYR F 262 -15.54 33.06 3.43
C TYR F 262 -15.58 33.58 4.85
N VAL F 263 -16.30 34.69 5.07
CA VAL F 263 -16.47 35.23 6.42
C VAL F 263 -17.24 34.23 7.29
N ARG F 264 -18.26 33.59 6.73
CA ARG F 264 -18.98 32.55 7.48
C ARG F 264 -18.05 31.40 7.87
N GLN F 265 -17.20 30.96 6.95
CA GLN F 265 -16.28 29.87 7.25
C GLN F 265 -15.29 30.26 8.35
N THR F 266 -14.74 31.48 8.27
CA THR F 266 -13.81 31.94 9.28
C THR F 266 -14.48 32.09 10.64
N VAL F 267 -15.72 32.61 10.65
CA VAL F 267 -16.46 32.76 11.91
C VAL F 267 -16.76 31.39 12.51
N LEU F 268 -17.13 30.43 11.68
CA LEU F 268 -17.39 29.08 12.17
C LEU F 268 -16.13 28.46 12.76
N LYS F 269 -14.98 28.64 12.09
CA LYS F 269 -13.73 28.12 12.63
C LYS F 269 -13.38 28.77 13.96
N VAL F 270 -13.56 30.09 14.05
CA VAL F 270 -13.24 30.80 15.29
C VAL F 270 -14.14 30.34 16.43
N ILE F 271 -15.43 30.18 16.15
CA ILE F 271 -16.38 29.74 17.18
C ILE F 271 -16.05 28.32 17.64
N LYS F 272 -15.76 27.42 16.68
CA LYS F 272 -15.43 26.05 17.04
C LYS F 272 -14.15 25.99 17.84
N PHE F 273 -13.16 26.80 17.48
CA PHE F 273 -11.93 26.91 18.25
C PHE F 273 -12.20 27.39 19.67
N LEU F 274 -13.06 28.40 19.83
CA LEU F 274 -13.36 28.92 21.16
C LEU F 274 -14.05 27.86 22.02
N ILE F 275 -15.02 27.14 21.43
CA ILE F 275 -15.72 26.10 22.17
C ILE F 275 -14.76 24.99 22.58
N ILE F 276 -13.90 24.57 21.65
CA ILE F 276 -12.95 23.49 21.93
C ILE F 276 -12.01 23.89 23.06
N ILE F 277 -11.45 25.11 22.98
CA ILE F 277 -10.53 25.58 24.00
C ILE F 277 -11.23 25.68 25.34
N ALA F 278 -12.45 26.21 25.37
CA ALA F 278 -13.18 26.37 26.62
C ALA F 278 -13.43 25.03 27.29
N TYR F 279 -13.97 24.07 26.53
CA TYR F 279 -14.34 22.76 27.14
C TYR F 279 -13.07 21.97 27.49
N ASN F 280 -12.02 22.06 26.67
CA ASN F 280 -10.78 21.35 26.97
C ASN F 280 -10.10 21.91 28.21
N SER F 281 -10.09 23.24 28.37
CA SER F 281 -9.50 23.82 29.57
C SER F 281 -10.35 23.55 30.79
N ALA F 282 -11.67 23.44 30.62
CA ALA F 282 -12.53 23.10 31.75
C ALA F 282 -12.38 21.66 32.20
N LEU F 283 -12.18 20.73 31.26
CA LEU F 283 -12.15 19.31 31.59
C LEU F 283 -10.75 18.69 31.51
N VAL F 284 -9.70 19.50 31.39
CA VAL F 284 -8.36 18.94 31.35
C VAL F 284 -7.84 18.62 32.75
N SER F 285 -8.46 19.21 33.78
CA SER F 285 -8.06 18.87 35.14
C SER F 285 -8.69 17.58 35.60
N LYS F 286 -9.71 17.10 34.87
CA LYS F 286 -10.34 15.82 35.23
C LYS F 286 -9.42 14.64 34.94
N VAL F 287 -8.57 14.74 33.91
CA VAL F 287 -7.62 13.68 33.61
C VAL F 287 -6.53 13.70 34.66
N GLN F 288 -6.58 12.74 35.59
CA GLN F 288 -5.62 12.64 36.67
C GLN F 288 -5.24 11.18 36.87
N PHE F 289 -4.08 10.96 37.46
CA PHE F 289 -3.56 9.61 37.64
C PHE F 289 -4.36 8.84 38.68
N THR F 290 -4.36 9.31 39.92
CA THR F 290 -5.03 8.61 41.00
C THR F 290 -6.46 9.14 41.14
N VAL F 291 -7.43 8.23 41.20
CA VAL F 291 -8.84 8.55 41.35
C VAL F 291 -9.39 7.74 42.51
N ASP F 292 -10.52 8.17 43.07
CA ASP F 292 -11.20 7.43 44.11
C ASP F 292 -12.53 6.92 43.59
N CYS F 293 -12.77 5.62 43.75
CA CYS F 293 -13.96 4.97 43.22
C CYS F 293 -14.81 4.49 44.38
N ASN F 294 -16.07 4.91 44.41
CA ASN F 294 -16.94 4.58 45.54
C ASN F 294 -18.18 3.83 45.09
N VAL F 295 -18.02 2.85 44.19
CA VAL F 295 -19.15 2.05 43.74
C VAL F 295 -19.59 1.13 44.87
N ASP F 296 -20.87 0.76 44.87
CA ASP F 296 -21.42 -0.10 45.90
C ASP F 296 -21.50 -1.53 45.38
N ILE F 297 -20.36 -2.22 45.45
CA ILE F 297 -20.29 -3.64 45.11
C ILE F 297 -19.90 -4.40 46.35
N GLN F 298 -20.31 -3.91 47.52
CA GLN F 298 -19.99 -4.55 48.79
C GLN F 298 -20.55 -5.96 48.88
N ASP F 299 -21.70 -6.23 48.27
CA ASP F 299 -22.25 -7.57 48.26
C ASP F 299 -21.49 -8.52 47.34
N MET F 300 -20.61 -7.99 46.48
CA MET F 300 -19.87 -8.82 45.55
C MET F 300 -18.39 -8.95 45.89
N THR F 301 -17.74 -7.90 46.37
CA THR F 301 -16.32 -7.96 46.67
C THR F 301 -15.98 -7.68 48.13
N GLY F 302 -16.96 -7.37 48.97
CA GLY F 302 -16.73 -7.09 50.37
C GLY F 302 -16.34 -5.65 50.65
N TYR F 303 -15.77 -4.95 49.67
CA TYR F 303 -15.35 -3.58 49.83
C TYR F 303 -16.27 -2.66 49.04
N LYS F 304 -16.31 -1.39 49.47
CA LYS F 304 -17.10 -0.38 48.78
C LYS F 304 -16.29 0.83 48.35
N ASN F 305 -15.11 1.04 48.95
CA ASN F 305 -14.25 2.16 48.60
C ASN F 305 -12.95 1.63 48.02
N PHE F 306 -12.57 2.14 46.86
CA PHE F 306 -11.38 1.70 46.15
C PHE F 306 -10.55 2.91 45.75
N SER F 307 -9.24 2.75 45.76
CA SER F 307 -8.33 3.74 45.20
C SER F 307 -7.79 3.18 43.89
N CYS F 308 -8.00 3.91 42.79
CA CYS F 308 -7.59 3.45 41.48
C CYS F 308 -6.53 4.38 40.92
N ASN F 309 -5.75 3.85 39.98
CA ASN F 309 -4.89 4.68 39.15
C ASN F 309 -5.19 4.39 37.69
N HIS F 310 -5.26 5.44 36.89
CA HIS F 310 -5.43 5.30 35.46
C HIS F 310 -4.04 5.31 34.82
N THR F 311 -3.64 4.16 34.29
CA THR F 311 -2.24 3.99 33.85
C THR F 311 -1.88 4.90 32.70
N MET F 312 -2.85 5.24 31.84
CA MET F 312 -2.58 6.11 30.71
C MET F 312 -3.04 7.54 30.94
N ALA F 313 -3.16 7.96 32.21
CA ALA F 313 -3.61 9.33 32.48
C ALA F 313 -2.53 10.34 32.15
N HIS F 314 -1.26 10.00 32.38
CA HIS F 314 -0.18 10.94 32.08
C HIS F 314 -0.03 11.15 30.58
N LEU F 315 -0.10 10.07 29.81
CA LEU F 315 0.01 10.20 28.36
C LEU F 315 -1.20 10.92 27.77
N PHE F 316 -2.39 10.66 28.33
CA PHE F 316 -3.57 11.37 27.85
C PHE F 316 -3.52 12.84 28.23
N SER F 317 -2.92 13.17 29.38
CA SER F 317 -2.73 14.57 29.75
C SER F 317 -1.76 15.25 28.79
N LYS F 318 -0.66 14.59 28.44
CA LYS F 318 0.28 15.16 27.49
C LYS F 318 -0.37 15.32 26.12
N LEU F 319 -1.16 14.34 25.68
CA LEU F 319 -1.85 14.45 24.40
C LEU F 319 -2.88 15.56 24.43
N SER F 320 -3.57 15.74 25.57
CA SER F 320 -4.55 16.81 25.68
C SER F 320 -3.89 18.17 25.63
N PHE F 321 -2.73 18.33 26.28
CA PHE F 321 -2.02 19.60 26.20
C PHE F 321 -1.47 19.85 24.79
N CYS F 322 -0.99 18.80 24.11
CA CYS F 322 -0.52 18.96 22.74
C CYS F 322 -1.66 19.36 21.81
N TYR F 323 -2.82 18.72 21.94
CA TYR F 323 -3.97 19.08 21.12
C TYR F 323 -4.47 20.46 21.48
N LEU F 324 -4.39 20.85 22.76
CA LEU F 324 -4.79 22.19 23.16
C LEU F 324 -3.88 23.24 22.55
N CYS F 325 -2.57 22.99 22.51
CA CYS F 325 -1.67 23.97 21.89
C CYS F 325 -1.87 24.02 20.38
N PHE F 326 -2.15 22.88 19.76
CA PHE F 326 -2.46 22.87 18.33
C PHE F 326 -3.73 23.67 18.04
N VAL F 327 -4.77 23.49 18.86
CA VAL F 327 -6.00 24.24 18.68
C VAL F 327 -5.76 25.73 18.95
N SER F 328 -4.88 26.05 19.90
CA SER F 328 -4.54 27.45 20.15
C SER F 328 -3.86 28.08 18.94
N ILE F 329 -2.93 27.35 18.31
CA ILE F 329 -2.28 27.87 17.10
C ILE F 329 -3.29 28.04 15.97
N TYR F 330 -4.17 27.05 15.81
CA TYR F 330 -5.25 27.13 14.83
C TYR F 330 -6.13 28.36 15.08
N GLY F 331 -6.38 28.64 16.36
CA GLY F 331 -7.23 29.77 16.71
C GLY F 331 -6.56 31.11 16.47
N LEU F 332 -5.25 31.20 16.74
CA LEU F 332 -4.53 32.42 16.40
C LEU F 332 -4.52 32.64 14.89
N THR F 333 -4.35 31.55 14.12
CA THR F 333 -4.42 31.66 12.67
C THR F 333 -5.78 32.18 12.21
N CYS F 334 -6.86 31.60 12.75
CA CYS F 334 -8.20 32.03 12.35
C CYS F 334 -8.52 33.43 12.86
N LEU F 335 -8.00 33.82 14.02
CA LEU F 335 -8.21 35.16 14.52
C LEU F 335 -7.51 36.20 13.64
N TYR F 336 -6.28 35.89 13.21
CA TYR F 336 -5.60 36.81 12.30
C TYR F 336 -6.31 36.86 10.95
N THR F 337 -6.86 35.72 10.50
CA THR F 337 -7.66 35.72 9.29
C THR F 337 -8.90 36.61 9.43
N LEU F 338 -9.58 36.53 10.58
CA LEU F 338 -10.72 37.40 10.85
C LEU F 338 -10.29 38.87 10.85
N TYR F 339 -9.13 39.15 11.45
CA TYR F 339 -8.61 40.52 11.48
C TYR F 339 -8.32 41.03 10.08
N TRP F 340 -7.77 40.18 9.22
CA TRP F 340 -7.48 40.62 7.86
C TRP F 340 -8.76 40.80 7.05
N LEU F 341 -9.76 39.95 7.30
CA LEU F 341 -11.05 40.06 6.61
C LEU F 341 -11.78 41.35 7.01
N PHE F 342 -11.73 41.72 8.29
CA PHE F 342 -12.56 42.81 8.79
C PHE F 342 -11.84 44.15 8.84
N TYR F 343 -10.51 44.15 8.97
CA TYR F 343 -9.77 45.42 9.10
C TYR F 343 -9.76 46.18 7.78
N ARG F 344 -9.45 45.52 6.69
CA ARG F 344 -9.46 46.12 5.36
C ARG F 344 -10.68 45.61 4.60
N SER F 345 -11.42 46.54 4.00
CA SER F 345 -12.63 46.15 3.26
C SER F 345 -12.25 45.46 1.97
N LEU F 346 -12.55 44.18 1.87
CA LEU F 346 -12.30 43.42 0.66
C LEU F 346 -13.46 43.51 -0.32
N ARG F 347 -14.45 44.36 -0.04
CA ARG F 347 -15.48 44.74 -0.99
C ARG F 347 -14.98 45.69 -2.05
N GLU F 348 -13.78 46.24 -1.87
CA GLU F 348 -13.23 47.27 -2.76
C GLU F 348 -11.72 47.11 -2.79
N TYR F 349 -11.15 46.99 -3.99
CA TYR F 349 -9.70 46.88 -4.17
C TYR F 349 -9.23 48.17 -4.84
N SER F 350 -8.36 48.90 -4.15
CA SER F 350 -7.80 50.11 -4.72
C SER F 350 -6.58 49.77 -5.58
N PHE F 351 -6.62 50.20 -6.84
CA PHE F 351 -5.50 50.03 -7.77
C PHE F 351 -4.63 51.28 -7.85
N GLU F 352 -4.55 52.04 -6.75
CA GLU F 352 -3.74 53.25 -6.74
C GLU F 352 -2.24 52.95 -6.77
N TYR F 353 -1.83 51.77 -6.34
CA TYR F 353 -0.42 51.41 -6.45
C TYR F 353 -0.03 51.19 -7.91
N VAL F 354 -0.92 50.59 -8.69
CA VAL F 354 -0.69 50.50 -10.13
C VAL F 354 -0.75 51.88 -10.77
N ARG F 355 -1.62 52.75 -10.26
CA ARG F 355 -1.69 54.12 -10.76
C ARG F 355 -0.39 54.86 -10.50
N GLN F 356 0.28 54.56 -9.39
CA GLN F 356 1.59 55.14 -9.14
C GLN F 356 2.66 54.51 -10.02
N GLU F 357 2.60 53.19 -10.21
CA GLU F 357 3.61 52.51 -11.01
C GLU F 357 3.37 52.71 -12.50
N THR F 358 2.19 52.33 -12.98
CA THR F 358 1.83 52.51 -14.39
C THR F 358 1.27 53.91 -14.59
N GLY F 359 1.65 54.54 -15.71
CA GLY F 359 1.26 55.92 -15.94
C GLY F 359 -0.23 56.09 -16.18
N ILE F 360 -0.94 55.00 -16.48
CA ILE F 360 -2.37 55.08 -16.71
C ILE F 360 -3.08 55.40 -15.39
N ASP F 361 -4.15 56.20 -15.48
CA ASP F 361 -4.90 56.61 -14.30
C ASP F 361 -6.39 56.33 -14.40
N ASP F 362 -6.91 56.01 -15.57
CA ASP F 362 -8.33 55.68 -15.73
C ASP F 362 -8.55 54.19 -15.49
N ILE F 363 -8.18 53.76 -14.28
CA ILE F 363 -8.36 52.38 -13.86
C ILE F 363 -9.51 52.36 -12.86
N PRO F 364 -10.69 51.76 -13.23
CA PRO F 364 -11.81 51.65 -12.31
C PRO F 364 -11.50 50.64 -11.20
N ASP F 365 -11.73 51.04 -9.95
CA ASP F 365 -11.49 50.14 -8.79
C ASP F 365 -12.48 48.96 -8.85
N VAL F 366 -11.97 47.73 -8.70
CA VAL F 366 -12.85 46.53 -8.70
C VAL F 366 -13.71 46.54 -7.43
N LYS F 367 -14.80 45.76 -7.41
CA LYS F 367 -15.73 45.82 -6.30
C LYS F 367 -16.24 44.41 -5.99
N ASN F 368 -16.44 44.17 -4.70
CA ASN F 368 -17.10 42.98 -4.14
C ASN F 368 -16.20 41.76 -4.40
N ASP F 369 -16.70 40.68 -5.02
CA ASP F 369 -15.91 39.46 -5.12
C ASP F 369 -14.67 39.63 -5.98
N PHE F 370 -14.72 40.54 -6.96
CA PHE F 370 -13.51 40.84 -7.73
C PHE F 370 -12.43 41.39 -6.83
N ALA F 371 -12.79 42.32 -5.96
CA ALA F 371 -11.85 42.87 -4.99
C ALA F 371 -11.35 41.81 -4.03
N PHE F 372 -12.26 40.94 -3.57
CA PHE F 372 -11.90 39.90 -2.61
C PHE F 372 -10.90 38.91 -3.22
N MET F 373 -11.17 38.45 -4.44
CA MET F 373 -10.27 37.49 -5.07
C MET F 373 -8.96 38.12 -5.48
N LEU F 374 -8.97 39.41 -5.85
CA LEU F 374 -7.71 40.08 -6.10
C LEU F 374 -6.91 40.27 -4.80
N HIS F 375 -7.61 40.43 -3.68
CA HIS F 375 -6.92 40.42 -2.39
C HIS F 375 -6.30 39.05 -2.11
N MET F 376 -7.03 37.98 -2.42
CA MET F 376 -6.48 36.62 -2.32
C MET F 376 -5.20 36.47 -3.13
N ILE F 377 -5.23 36.89 -4.40
CA ILE F 377 -4.06 36.67 -5.24
C ILE F 377 -2.94 37.65 -4.89
N ASP F 378 -3.28 38.80 -4.29
CA ASP F 378 -2.25 39.71 -3.81
C ASP F 378 -1.53 39.09 -2.62
N GLN F 379 -2.29 38.44 -1.73
CA GLN F 379 -1.67 37.65 -0.67
C GLN F 379 -0.81 36.54 -1.25
N TYR F 380 -1.25 35.95 -2.36
CA TYR F 380 -0.44 34.93 -3.03
C TYR F 380 0.73 35.58 -3.78
N ASP F 381 0.43 36.45 -4.75
CA ASP F 381 1.44 37.12 -5.55
C ASP F 381 0.92 38.45 -6.10
N PRO F 382 1.34 39.58 -5.53
CA PRO F 382 0.81 40.88 -5.98
C PRO F 382 1.19 41.25 -7.40
N LEU F 383 2.22 40.60 -7.96
CA LEU F 383 2.62 40.86 -9.34
C LEU F 383 1.49 40.57 -10.31
N TYR F 384 0.74 39.50 -10.06
CA TYR F 384 -0.41 39.16 -10.91
C TYR F 384 -1.44 40.27 -10.88
N SER F 385 -1.71 40.83 -9.70
CA SER F 385 -2.72 41.89 -9.59
C SER F 385 -2.27 43.16 -10.30
N LYS F 386 -1.02 43.58 -10.07
CA LYS F 386 -0.57 44.82 -10.70
C LYS F 386 -0.41 44.64 -12.21
N ARG F 387 -0.22 43.41 -12.67
CA ARG F 387 -0.13 43.17 -14.10
C ARG F 387 -1.52 43.06 -14.74
N PHE F 388 -2.51 42.60 -13.96
CA PHE F 388 -3.88 42.52 -14.47
C PHE F 388 -4.55 43.89 -14.48
N ALA F 389 -4.10 44.80 -13.61
CA ALA F 389 -4.76 46.10 -13.50
C ALA F 389 -4.67 46.90 -14.80
N VAL F 390 -3.60 46.74 -15.57
CA VAL F 390 -3.51 47.42 -16.85
C VAL F 390 -4.43 46.77 -17.87
N PHE F 391 -4.75 45.49 -17.67
CA PHE F 391 -5.76 44.82 -18.49
C PHE F 391 -7.17 45.10 -18.00
N LEU F 392 -7.32 45.86 -16.92
CA LEU F 392 -8.68 46.19 -16.41
C LEU F 392 -9.12 47.57 -16.90
N SER F 393 -8.17 48.43 -17.29
CA SER F 393 -8.54 49.80 -17.65
C SER F 393 -9.11 49.88 -19.07
N GLU F 394 -10.22 50.59 -19.20
CA GLU F 394 -10.85 50.77 -20.51
C GLU F 394 -10.08 51.75 -21.39
N VAL F 395 -9.31 52.66 -20.81
CA VAL F 395 -8.44 53.52 -21.61
C VAL F 395 -7.32 52.69 -22.24
N SER F 396 -6.81 51.70 -21.50
CA SER F 396 -5.89 50.74 -22.08
C SER F 396 -6.56 49.96 -23.21
N GLU F 397 -7.85 49.65 -23.07
CA GLU F 397 -8.58 48.99 -24.15
C GLU F 397 -8.66 49.88 -25.38
N ASN F 398 -8.93 51.18 -25.18
CA ASN F 398 -8.99 52.11 -26.31
C ASN F 398 -7.64 52.22 -27.01
N LYS F 399 -6.56 52.27 -26.23
CA LYS F 399 -5.22 52.32 -26.81
C LYS F 399 -4.90 51.03 -27.57
N LEU F 400 -5.30 49.88 -27.01
CA LEU F 400 -5.11 48.62 -27.71
C LEU F 400 -5.90 48.56 -29.01
N LYS F 401 -7.12 49.09 -29.00
CA LYS F 401 -7.91 49.17 -30.22
C LYS F 401 -7.23 50.07 -31.25
N GLN F 402 -6.66 51.19 -30.81
CA GLN F 402 -5.96 52.09 -31.71
C GLN F 402 -4.75 51.41 -32.35
N LEU F 403 -3.96 50.70 -31.54
CA LEU F 403 -2.79 50.02 -32.08
C LEU F 403 -3.19 48.87 -33.00
N ASN F 404 -4.27 48.16 -32.66
CA ASN F 404 -4.76 47.09 -33.52
C ASN F 404 -5.25 47.63 -34.86
N LEU F 405 -5.92 48.78 -34.85
CA LEU F 405 -6.36 49.40 -36.09
C LEU F 405 -5.17 49.89 -36.90
N ASN F 406 -4.14 50.41 -36.24
CA ASN F 406 -2.93 50.83 -36.94
C ASN F 406 -2.23 49.65 -37.60
N ASN F 407 -2.14 48.51 -36.89
CA ASN F 407 -1.52 47.32 -37.45
C ASN F 407 -2.37 46.73 -38.57
N GLU F 408 -3.70 46.85 -38.45
CA GLU F 408 -4.62 46.30 -39.45
C GLU F 408 -4.59 47.10 -40.74
C23 PEE G . 1.89 11.05 18.23
C22 PEE G . 1.70 12.36 19.00
C21 PEE G . 2.44 12.44 20.32
C20 PEE G . 2.52 13.85 20.92
C19 PEE G . 2.78 13.83 22.43
C18 PEE G . 3.92 14.77 22.82
C17 PEE G . 4.81 14.17 23.90
C16 PEE G . 5.67 15.28 24.51
C15 PEE G . 6.55 14.76 25.65
C14 PEE G . 6.97 15.89 26.58
C13 PEE G . 6.97 15.48 28.04
C12 PEE G . 7.41 16.63 28.95
C11 PEE G . 7.99 16.11 30.26
C10 PEE G . 7.22 16.67 31.41
O4 PEE G . 6.08 17.08 31.35
O2 PEE G . 7.89 16.67 32.60
C2 PEE G . 7.16 16.33 33.76
C1 PEE G . 6.82 14.82 33.60
O3P PEE G . 5.86 14.52 34.56
P PEE G . 5.36 12.99 34.93
O2P PEE G . 5.69 12.07 33.80
O1P PEE G . 4.18 13.09 35.84
O4P PEE G . 6.73 12.78 36.05
C4 PEE G . 7.72 11.92 35.71
C5 PEE G . 8.76 11.94 36.88
N PEE G . 9.90 12.87 36.48
C20 PEE H . 30.23 11.27 16.33
C19 PEE H . 29.10 10.49 16.99
C18 PEE H . 29.18 10.54 18.51
C17 PEE H . 28.43 9.38 19.16
C16 PEE H . 28.44 9.57 20.68
C15 PEE H . 27.25 8.91 21.37
C14 PEE H . 27.57 8.57 22.84
C13 PEE H . 26.38 8.79 23.77
C12 PEE H . 26.71 8.34 25.20
C11 PEE H . 25.55 7.60 25.84
C10 PEE H . 25.72 7.56 27.33
O4 PEE H . 25.83 8.55 28.03
O2 PEE H . 25.76 6.32 27.87
C20 PEE I . 27.03 4.55 15.20
C19 PEE I . 25.93 4.02 16.11
C18 PEE I . 26.31 4.14 17.59
C17 PEE I . 25.67 3.03 18.44
C16 PEE I . 26.23 3.12 19.86
C15 PEE I . 25.50 2.18 20.82
C14 PEE I . 26.30 2.00 22.12
C13 PEE I . 25.44 2.22 23.36
C12 PEE I . 26.02 1.48 24.58
C11 PEE I . 24.92 1.15 25.60
C10 PEE I . 25.54 0.93 26.95
O4 PEE I . 26.41 1.63 27.43
O2 PEE I . 25.04 -0.14 27.63
C23 PEE J . 14.98 0.95 14.45
C22 PEE J . 16.47 0.69 14.32
C21 PEE J . 17.27 0.82 15.61
C20 PEE J . 18.61 0.08 15.61
C19 PEE J . 19.06 -0.30 17.03
C18 PEE J . 20.58 -0.41 17.15
C17 PEE J . 21.02 -1.73 17.77
C16 PEE J . 22.48 -1.66 18.21
C15 PEE J . 22.83 -2.76 19.21
C14 PEE J . 23.94 -2.31 20.18
C13 PEE J . 24.93 -3.43 20.51
C12 PEE J . 25.71 -3.13 21.79
C11 PEE J . 25.21 -3.98 22.96
C10 PEE J . 25.72 -3.40 24.25
O4 PEE J . 25.57 -2.24 24.60
O2 PEE J . 26.39 -4.27 25.04
C2 PEE J . 27.13 -3.77 26.13
C1 PEE J . 26.22 -3.94 27.38
O3P PEE J . 25.27 -4.90 27.06
P PEE J . 24.21 -5.57 28.14
O2P PEE J . 22.91 -5.83 27.45
O1P PEE J . 24.56 -5.11 29.50
O4P PEE J . 25.05 -7.13 28.02
C4 PEE J . 25.70 -7.61 29.11
C5 PEE J . 26.00 -9.12 28.85
N PEE J . 27.22 -9.20 27.94
C18 PEE K . 28.42 -21.31 5.60
C17 PEE K . 27.41 -21.50 6.73
C16 PEE K . 28.14 -21.91 8.00
C15 PEE K . 27.34 -21.61 9.26
C14 PEE K . 28.04 -22.16 10.53
C13 PEE K . 27.97 -21.20 11.71
C12 PEE K . 28.65 -21.80 12.95
C11 PEE K . 27.89 -21.47 14.22
C10 PEE K . 28.76 -21.74 15.43
O4 PEE K . 29.87 -21.28 15.60
O2 PEE K . 28.20 -22.58 16.34
C17 PEE L . 20.59 -22.46 4.33
C16 PEE L . 20.32 -22.62 5.83
C15 PEE L . 21.56 -23.03 6.60
C14 PEE L . 21.27 -23.14 8.11
C13 PEE L . 21.82 -24.41 8.73
C12 PEE L . 21.64 -24.41 10.26
C11 PEE L . 22.76 -25.17 10.96
C10 PEE L . 22.39 -25.40 12.39
O4 PEE L . 23.30 -24.95 13.29
O2 PEE L . 21.37 -25.94 12.77
C23 PEE M . 12.56 -15.69 7.91
C22 PEE M . 12.60 -17.22 7.89
C21 PEE M . 13.96 -17.81 7.52
C20 PEE M . 14.23 -19.19 8.14
C19 PEE M . 15.72 -19.41 8.41
C18 PEE M . 16.17 -20.82 8.03
C17 PEE M . 15.16 -21.90 8.43
C16 PEE M . 15.78 -23.29 8.24
C15 PEE M . 15.32 -24.27 9.31
C14 PEE M . 16.05 -25.61 9.19
C13 PEE M . 17.03 -25.85 10.33
C12 PEE M . 16.87 -27.26 10.91
C11 PEE M . 17.37 -27.32 12.36
C10 PEE M . 18.06 -28.63 12.61
O4 PEE M . 18.03 -29.59 11.86
O2 PEE M . 18.76 -28.67 13.78
C2 PEE M . 18.71 -29.86 14.54
C1 PEE M . 17.49 -29.69 15.49
O3P PEE M . 17.98 -29.56 16.77
P PEE M . 17.26 -28.65 17.96
O2P PEE M . 16.64 -27.43 17.35
O1P PEE M . 18.01 -28.87 19.23
O4P PEE M . 15.92 -29.80 18.07
C4 PEE M . 16.13 -31.00 18.67
C5 PEE M . 15.20 -32.03 17.96
N PEE M . 14.43 -32.77 19.04
C23 PEE N . -4.41 -20.88 5.22
C22 PEE N . -4.91 -22.08 4.45
C21 PEE N . -4.22 -23.41 4.80
C20 PEE N . -4.98 -24.64 4.33
C19 PEE N . -4.98 -25.74 5.39
C18 PEE N . -5.74 -26.98 4.91
C17 PEE N . -6.44 -27.69 6.06
C16 PEE N . -7.17 -28.91 5.50
C15 PEE N . -8.59 -29.06 6.05
C14 PEE N . -9.04 -30.53 6.03
C13 PEE N . -9.28 -31.08 7.43
C12 PEE N . -9.36 -32.61 7.42
C11 PEE N . -10.37 -33.12 8.46
C10 PEE N . -10.01 -34.51 8.88
O4 PEE N . -10.91 -35.46 8.53
O2 PEE N . -8.99 -34.81 9.48
C16 PEE O . -26.56 -14.13 8.25
C15 PEE O . -27.73 -15.07 8.51
C14 PEE O . -27.31 -16.29 9.33
C13 PEE O . -28.22 -16.55 10.53
C12 PEE O . -27.66 -17.65 11.41
C11 PEE O . -28.75 -18.29 12.28
C10 PEE O . -28.11 -18.90 13.51
O4 PEE O . -27.49 -18.28 14.34
O2 PEE O . -28.28 -20.24 13.62
C23 PEE P . -16.13 -10.38 7.93
C22 PEE P . -17.49 -11.04 7.72
C21 PEE P . -18.38 -11.11 8.95
C20 PEE P . -19.88 -11.20 8.65
C19 PEE P . -20.62 -12.11 9.62
C18 PEE P . -22.10 -11.74 9.73
C17 PEE P . -22.67 -12.04 11.11
C16 PEE P . -24.20 -11.92 11.06
C15 PEE P . -24.80 -11.36 12.34
C14 PEE P . -26.24 -11.84 12.54
C13 PEE P . -26.51 -12.31 13.96
C12 PEE P . -27.83 -13.07 14.05
C11 PEE P . -28.48 -12.90 15.43
C10 PEE P . -28.99 -14.23 15.93
O4 PEE P . -28.30 -15.23 15.99
O2 PEE P . -30.28 -14.24 16.32
C17 PEE Q . -35.87 9.19 13.07
C16 PEE Q . -35.40 9.28 14.52
C15 PEE Q . -35.31 7.92 15.20
C14 PEE Q . -34.76 8.05 16.62
C13 PEE Q . -35.60 7.31 17.66
C12 PEE Q . -34.81 7.07 18.95
C11 PEE Q . -35.28 5.81 19.68
C10 PEE Q . -34.69 5.77 21.07
O4 PEE Q . -34.84 6.64 21.90
O2 PEE Q . -33.95 4.66 21.34
C16 PEE R . -21.77 12.56 16.82
C15 PEE R . -21.30 11.59 17.90
C14 PEE R . -21.91 11.93 19.26
C13 PEE R . -22.58 10.72 19.92
C12 PEE R . -22.97 11.04 21.37
C11 PEE R . -23.49 9.79 22.10
C10 PEE R . -24.29 10.22 23.30
O4 PEE R . -24.93 11.25 23.38
O2 PEE R . -24.25 9.35 24.34
C23 PEE S . -13.91 6.25 16.43
C22 PEE S . -15.42 6.38 16.43
C21 PEE S . -15.94 7.55 17.23
C20 PEE S . -17.44 7.69 17.20
C19 PEE S . -17.97 8.90 17.93
C18 PEE S . -17.80 8.85 19.43
C17 PEE S . -18.12 10.16 20.11
C16 PEE S . -18.05 10.10 21.61
C15 PEE S . -18.15 11.46 22.26
C14 PEE S . -18.18 11.44 23.77
C13 PEE S . -19.46 10.91 24.35
C12 PEE S . -19.51 10.99 25.87
C11 PEE S . -20.85 10.65 26.42
C10 PEE S . -20.94 10.79 27.92
O4 PEE S . -21.22 9.90 28.68
O2 PEE S . -20.62 12.03 28.33
C2 PEE S . -21.65 13.06 28.25
C1 PEE S . -22.49 12.93 29.51
O3P PEE S . -21.65 13.23 30.66
P PEE S . -22.01 12.57 32.08
O2P PEE S . -23.49 12.60 32.27
O1P PEE S . -21.09 13.18 33.11
O4P PEE S . -21.56 11.04 31.88
C4 PEE S . -21.59 10.14 33.01
C5 PEE S . -21.06 8.79 32.59
N PEE S . -19.64 8.87 32.19
C3 PEE S . -20.89 14.37 28.16
O3 PEE S . -21.81 15.44 28.49
C30 PEE S . -21.27 16.63 28.71
O5 PEE S . -21.18 17.12 29.80
C31 PEE S . -20.81 17.26 27.43
C32 PEE S . -20.18 18.61 27.62
C33 PEE S . -19.75 19.24 26.30
C34 PEE S . -18.72 18.46 25.55
C35 PEE S . -18.91 18.47 24.05
C36 PEE S . -18.84 19.82 23.42
C37 PEE S . -19.38 19.87 22.01
C38 PEE S . -18.88 18.77 21.13
C39 PEE S . -19.42 18.79 19.73
C40 PEE S . -18.95 17.66 18.85
C18 PEE T . -5.74 30.74 23.09
C17 PEE T . -5.12 30.98 24.46
C16 PEE T . -5.79 30.05 25.49
C15 PEE T . -4.85 29.62 26.60
C14 PEE T . -5.57 28.77 27.65
C13 PEE T . -4.63 27.77 28.34
C12 PEE T . -5.34 27.06 29.50
C11 PEE T . -4.37 26.78 30.65
C10 PEE T . -4.83 25.57 31.41
O4 PEE T . -4.92 24.45 30.93
O2 PEE T . -5.16 25.80 32.70
C15 PEE U . 3.94 20.66 22.65
C14 PEE U . 4.09 19.83 23.93
C13 PEE U . 3.56 20.53 25.17
C12 PEE U . 4.01 19.80 26.45
C11 PEE U . 3.05 20.06 27.61
C10 PEE U . 3.81 20.05 28.91
O4 PEE U . 4.74 20.77 29.17
O2 PEE U . 3.37 19.13 29.81
#